data_2CA8
# 
_entry.id   2CA8 
# 
_audit_conform.dict_name       mmcif_pdbx.dic 
_audit_conform.dict_version    5.382 
_audit_conform.dict_location   http://mmcif.pdb.org/dictionaries/ascii/mmcif_pdbx.dic 
# 
loop_
_database_2.database_id 
_database_2.database_code 
_database_2.pdbx_database_accession 
_database_2.pdbx_DOI 
PDB   2CA8         pdb_00002ca8 10.2210/pdb2ca8/pdb 
PDBE  EBI-26891    ?            ?                   
WWPDB D_1290026891 ?            ?                   
# 
loop_
_pdbx_database_related.db_name 
_pdbx_database_related.db_id 
_pdbx_database_related.content_type 
_pdbx_database_related.details 
PDB 2C80 unspecified 'STRUCTURE OF SH28GST IN COMPLEX WITH S-HEXYL GLUTATHIONE'                          
PDB 2C8U unspecified 'STRUCTURE OF R21Q MUTANT OF SH28GST'                                               
PDB 2CAI unspecified 'STRUCTURE OF GLUTATHIONE-S-TRANSFERASE MUTANT, R21L, FROM SCHISTOSOMA HAEMATOBIUM' 
PDB 2CAQ unspecified 'STUCTURE OF R21L MUTANT OF SH28GST IN COMPLEX WITH GSH'                            
# 
_pdbx_database_status.status_code                     REL 
_pdbx_database_status.entry_id                        2CA8 
_pdbx_database_status.deposit_site                    PDBE 
_pdbx_database_status.process_site                    PDBE 
_pdbx_database_status.SG_entry                        . 
_pdbx_database_status.recvd_initial_deposition_date   2005-12-20 
_pdbx_database_status.pdb_format_compatible           Y 
_pdbx_database_status.status_code_sf                  REL 
_pdbx_database_status.status_code_mr                  ? 
_pdbx_database_status.status_code_cs                  ? 
_pdbx_database_status.methods_development_category    ? 
_pdbx_database_status.status_code_nmr_data            ? 
# 
loop_
_audit_author.name 
_audit_author.pdbx_ordinal 
'Baiocco, P.'   1 
'Gourlay, L.J.' 2 
'Angelucci, F.' 3 
'Bellelli, A.'  4 
'Miele, A.E.'   5 
'Brunori, M.'   6 
# 
_citation.id                        primary 
_citation.title                     
;Probing the Mechanism of Gsh Activation in Schistosoma Haematobium Glutathione-S-Transferase by Site-Directed Mutagenesis and X-Ray Crystallography.
;
_citation.journal_abbrev            J.Mol.Biol. 
_citation.journal_volume            360 
_citation.page_first                678 
_citation.page_last                 ? 
_citation.year                      2006 
_citation.journal_id_ASTM           JMOBAK 
_citation.country                   UK 
_citation.journal_id_ISSN           0022-2836 
_citation.journal_id_CSD            0070 
_citation.book_publisher            ? 
_citation.pdbx_database_id_PubMed   16777141 
_citation.pdbx_database_id_DOI      10.1016/J.JMB.2006.05.040 
# 
loop_
_citation_author.citation_id 
_citation_author.name 
_citation_author.ordinal 
_citation_author.identifier_ORCID 
primary 'Baiocco, P.'   1 ? 
primary 'Gourlay, L.J.' 2 ? 
primary 'Angelucci, F.' 3 ? 
primary 'Fontaine, J.'  4 ? 
primary 'Herve, M.'     5 ? 
primary 'Miele, A.E.'   6 ? 
primary 'Trottein, F.'  7 ? 
primary 'Brunori, M.'   8 ? 
primary 'Bellelli, A.'  9 ? 
# 
_cell.entry_id           2CA8 
_cell.length_a           53.304 
_cell.length_b           53.304 
_cell.length_c           142.362 
_cell.angle_alpha        90.00 
_cell.angle_beta         90.00 
_cell.angle_gamma        120.00 
_cell.Z_PDB              6 
_cell.pdbx_unique_axis   ? 
# 
_symmetry.entry_id                         2CA8 
_symmetry.space_group_name_H-M             'P 32 2 1' 
_symmetry.pdbx_full_space_group_name_H-M   ? 
_symmetry.cell_setting                     ? 
_symmetry.Int_Tables_number                154 
# 
loop_
_entity.id 
_entity.type 
_entity.src_method 
_entity.pdbx_description 
_entity.formula_weight 
_entity.pdbx_number_of_molecules 
_entity.pdbx_ec 
_entity.pdbx_mutation 
_entity.pdbx_fragment 
_entity.details 
1 polymer     man 'GLUTATHIONE S-TRANSFERASE 28 KDA' 23936.746 1  2.5.1.18 ? ? ? 
2 non-polymer syn GLUTATHIONE                        307.323   1  ?        ? ? ? 
3 non-polymer syn 'TETRAETHYLENE GLYCOL'             194.226   1  ?        ? ? ? 
4 water       nat water                              18.015    50 ?        ? ? ? 
# 
_entity_name_com.entity_id   1 
_entity_name_com.name        'GST 28, GST CLASS-SIGMA' 
# 
_entity_poly.entity_id                      1 
_entity_poly.type                           'polypeptide(L)' 
_entity_poly.nstd_linkage                   no 
_entity_poly.nstd_monomer                   no 
_entity_poly.pdbx_seq_one_letter_code       
;MTGDHIKVIYFNGRGRAESIRMTLVAAGVNYEDERISFQDWPKIKPTIPGGRLPAVKITDNHGHVKWMVESLAIARYMAK
KHHMMGGTEEEYYNVEKLIGQAEDLEHEYYKTLMKPEEEKQKIIKEILNGKVPVLLDIICESLKASTGKLAVGDKVTLAD
LVLIAVIDHVTDLDKEFLTGKYPEIHKHRENLLASSPRLAKYLSDRAATPF
;
_entity_poly.pdbx_seq_one_letter_code_can   
;MTGDHIKVIYFNGRGRAESIRMTLVAAGVNYEDERISFQDWPKIKPTIPGGRLPAVKITDNHGHVKWMVESLAIARYMAK
KHHMMGGTEEEYYNVEKLIGQAEDLEHEYYKTLMKPEEEKQKIIKEILNGKVPVLLDIICESLKASTGKLAVGDKVTLAD
LVLIAVIDHVTDLDKEFLTGKYPEIHKHRENLLASSPRLAKYLSDRAATPF
;
_entity_poly.pdbx_strand_id                 A 
_entity_poly.pdbx_target_identifier         ? 
# 
loop_
_entity_poly_seq.entity_id 
_entity_poly_seq.num 
_entity_poly_seq.mon_id 
_entity_poly_seq.hetero 
1 1   MET n 
1 2   THR n 
1 3   GLY n 
1 4   ASP n 
1 5   HIS n 
1 6   ILE n 
1 7   LYS n 
1 8   VAL n 
1 9   ILE n 
1 10  TYR n 
1 11  PHE n 
1 12  ASN n 
1 13  GLY n 
1 14  ARG n 
1 15  GLY n 
1 16  ARG n 
1 17  ALA n 
1 18  GLU n 
1 19  SER n 
1 20  ILE n 
1 21  ARG n 
1 22  MET n 
1 23  THR n 
1 24  LEU n 
1 25  VAL n 
1 26  ALA n 
1 27  ALA n 
1 28  GLY n 
1 29  VAL n 
1 30  ASN n 
1 31  TYR n 
1 32  GLU n 
1 33  ASP n 
1 34  GLU n 
1 35  ARG n 
1 36  ILE n 
1 37  SER n 
1 38  PHE n 
1 39  GLN n 
1 40  ASP n 
1 41  TRP n 
1 42  PRO n 
1 43  LYS n 
1 44  ILE n 
1 45  LYS n 
1 46  PRO n 
1 47  THR n 
1 48  ILE n 
1 49  PRO n 
1 50  GLY n 
1 51  GLY n 
1 52  ARG n 
1 53  LEU n 
1 54  PRO n 
1 55  ALA n 
1 56  VAL n 
1 57  LYS n 
1 58  ILE n 
1 59  THR n 
1 60  ASP n 
1 61  ASN n 
1 62  HIS n 
1 63  GLY n 
1 64  HIS n 
1 65  VAL n 
1 66  LYS n 
1 67  TRP n 
1 68  MET n 
1 69  VAL n 
1 70  GLU n 
1 71  SER n 
1 72  LEU n 
1 73  ALA n 
1 74  ILE n 
1 75  ALA n 
1 76  ARG n 
1 77  TYR n 
1 78  MET n 
1 79  ALA n 
1 80  LYS n 
1 81  LYS n 
1 82  HIS n 
1 83  HIS n 
1 84  MET n 
1 85  MET n 
1 86  GLY n 
1 87  GLY n 
1 88  THR n 
1 89  GLU n 
1 90  GLU n 
1 91  GLU n 
1 92  TYR n 
1 93  TYR n 
1 94  ASN n 
1 95  VAL n 
1 96  GLU n 
1 97  LYS n 
1 98  LEU n 
1 99  ILE n 
1 100 GLY n 
1 101 GLN n 
1 102 ALA n 
1 103 GLU n 
1 104 ASP n 
1 105 LEU n 
1 106 GLU n 
1 107 HIS n 
1 108 GLU n 
1 109 TYR n 
1 110 TYR n 
1 111 LYS n 
1 112 THR n 
1 113 LEU n 
1 114 MET n 
1 115 LYS n 
1 116 PRO n 
1 117 GLU n 
1 118 GLU n 
1 119 GLU n 
1 120 LYS n 
1 121 GLN n 
1 122 LYS n 
1 123 ILE n 
1 124 ILE n 
1 125 LYS n 
1 126 GLU n 
1 127 ILE n 
1 128 LEU n 
1 129 ASN n 
1 130 GLY n 
1 131 LYS n 
1 132 VAL n 
1 133 PRO n 
1 134 VAL n 
1 135 LEU n 
1 136 LEU n 
1 137 ASP n 
1 138 ILE n 
1 139 ILE n 
1 140 CYS n 
1 141 GLU n 
1 142 SER n 
1 143 LEU n 
1 144 LYS n 
1 145 ALA n 
1 146 SER n 
1 147 THR n 
1 148 GLY n 
1 149 LYS n 
1 150 LEU n 
1 151 ALA n 
1 152 VAL n 
1 153 GLY n 
1 154 ASP n 
1 155 LYS n 
1 156 VAL n 
1 157 THR n 
1 158 LEU n 
1 159 ALA n 
1 160 ASP n 
1 161 LEU n 
1 162 VAL n 
1 163 LEU n 
1 164 ILE n 
1 165 ALA n 
1 166 VAL n 
1 167 ILE n 
1 168 ASP n 
1 169 HIS n 
1 170 VAL n 
1 171 THR n 
1 172 ASP n 
1 173 LEU n 
1 174 ASP n 
1 175 LYS n 
1 176 GLU n 
1 177 PHE n 
1 178 LEU n 
1 179 THR n 
1 180 GLY n 
1 181 LYS n 
1 182 TYR n 
1 183 PRO n 
1 184 GLU n 
1 185 ILE n 
1 186 HIS n 
1 187 LYS n 
1 188 HIS n 
1 189 ARG n 
1 190 GLU n 
1 191 ASN n 
1 192 LEU n 
1 193 LEU n 
1 194 ALA n 
1 195 SER n 
1 196 SER n 
1 197 PRO n 
1 198 ARG n 
1 199 LEU n 
1 200 ALA n 
1 201 LYS n 
1 202 TYR n 
1 203 LEU n 
1 204 SER n 
1 205 ASP n 
1 206 ARG n 
1 207 ALA n 
1 208 ALA n 
1 209 THR n 
1 210 PRO n 
1 211 PHE n 
# 
_entity_src_gen.entity_id                          1 
_entity_src_gen.pdbx_src_id                        1 
_entity_src_gen.pdbx_alt_source_flag               sample 
_entity_src_gen.pdbx_seq_type                      ? 
_entity_src_gen.pdbx_beg_seq_num                   ? 
_entity_src_gen.pdbx_end_seq_num                   ? 
_entity_src_gen.gene_src_common_name               ? 
_entity_src_gen.gene_src_genus                     ? 
_entity_src_gen.pdbx_gene_src_gene                 ? 
_entity_src_gen.gene_src_species                   ? 
_entity_src_gen.gene_src_strain                    ? 
_entity_src_gen.gene_src_tissue                    ? 
_entity_src_gen.gene_src_tissue_fraction           ? 
_entity_src_gen.gene_src_details                   ? 
_entity_src_gen.pdbx_gene_src_fragment             ? 
_entity_src_gen.pdbx_gene_src_scientific_name      'SCHISTOSOMA HAEMATOBIUM' 
_entity_src_gen.pdbx_gene_src_ncbi_taxonomy_id     6185 
_entity_src_gen.pdbx_gene_src_variant              ? 
_entity_src_gen.pdbx_gene_src_cell_line            ? 
_entity_src_gen.pdbx_gene_src_atcc                 ? 
_entity_src_gen.pdbx_gene_src_organ                ? 
_entity_src_gen.pdbx_gene_src_organelle            ? 
_entity_src_gen.pdbx_gene_src_cell                 ? 
_entity_src_gen.pdbx_gene_src_cellular_location    ? 
_entity_src_gen.host_org_common_name               ? 
_entity_src_gen.pdbx_host_org_scientific_name      'ESCHERICHIA COLI' 
_entity_src_gen.pdbx_host_org_ncbi_taxonomy_id     469008 
_entity_src_gen.host_org_genus                     ? 
_entity_src_gen.pdbx_host_org_gene                 ? 
_entity_src_gen.pdbx_host_org_organ                ? 
_entity_src_gen.host_org_species                   ? 
_entity_src_gen.pdbx_host_org_tissue               ? 
_entity_src_gen.pdbx_host_org_tissue_fraction      ? 
_entity_src_gen.pdbx_host_org_strain               'BL21(DE3)' 
_entity_src_gen.pdbx_host_org_variant              ? 
_entity_src_gen.pdbx_host_org_cell_line            ? 
_entity_src_gen.pdbx_host_org_atcc                 ? 
_entity_src_gen.pdbx_host_org_culture_collection   ? 
_entity_src_gen.pdbx_host_org_cell                 ? 
_entity_src_gen.pdbx_host_org_organelle            ? 
_entity_src_gen.pdbx_host_org_cellular_location    ? 
_entity_src_gen.pdbx_host_org_vector_type          ? 
_entity_src_gen.pdbx_host_org_vector               ? 
_entity_src_gen.host_org_details                   ? 
_entity_src_gen.expression_system_id               ? 
_entity_src_gen.plasmid_name                       PET-23D 
_entity_src_gen.plasmid_details                    ? 
_entity_src_gen.pdbx_description                   ? 
# 
_struct_ref.id                         1 
_struct_ref.db_name                    UNP 
_struct_ref.db_code                    GST28_SCHBO 
_struct_ref.entity_id                  1 
_struct_ref.pdbx_seq_one_letter_code   ? 
_struct_ref.pdbx_align_begin           ? 
_struct_ref.pdbx_db_accession          P30113 
_struct_ref.pdbx_db_isoform            ? 
# 
_struct_ref_seq.align_id                      1 
_struct_ref_seq.ref_id                        1 
_struct_ref_seq.pdbx_PDB_id_code              2CA8 
_struct_ref_seq.pdbx_strand_id                A 
_struct_ref_seq.seq_align_beg                 1 
_struct_ref_seq.pdbx_seq_align_beg_ins_code   ? 
_struct_ref_seq.seq_align_end                 211 
_struct_ref_seq.pdbx_seq_align_end_ins_code   ? 
_struct_ref_seq.pdbx_db_accession             P30113 
_struct_ref_seq.db_align_beg                  1 
_struct_ref_seq.pdbx_db_align_beg_ins_code    ? 
_struct_ref_seq.db_align_end                  211 
_struct_ref_seq.pdbx_db_align_end_ins_code    ? 
_struct_ref_seq.pdbx_auth_seq_align_beg       1 
_struct_ref_seq.pdbx_auth_seq_align_end       211 
# 
loop_
_chem_comp.id 
_chem_comp.type 
_chem_comp.mon_nstd_flag 
_chem_comp.name 
_chem_comp.pdbx_synonyms 
_chem_comp.formula 
_chem_comp.formula_weight 
ALA 'L-peptide linking' y ALANINE                ? 'C3 H7 N O2'      89.093  
ARG 'L-peptide linking' y ARGININE               ? 'C6 H15 N4 O2 1'  175.209 
ASN 'L-peptide linking' y ASPARAGINE             ? 'C4 H8 N2 O3'     132.118 
ASP 'L-peptide linking' y 'ASPARTIC ACID'        ? 'C4 H7 N O4'      133.103 
CYS 'L-peptide linking' y CYSTEINE               ? 'C3 H7 N O2 S'    121.158 
GLN 'L-peptide linking' y GLUTAMINE              ? 'C5 H10 N2 O3'    146.144 
GLU 'L-peptide linking' y 'GLUTAMIC ACID'        ? 'C5 H9 N O4'      147.129 
GLY 'peptide linking'   y GLYCINE                ? 'C2 H5 N O2'      75.067  
GSH non-polymer         . GLUTATHIONE            ? 'C10 H17 N3 O6 S' 307.323 
HIS 'L-peptide linking' y HISTIDINE              ? 'C6 H10 N3 O2 1'  156.162 
HOH non-polymer         . WATER                  ? 'H2 O'            18.015  
ILE 'L-peptide linking' y ISOLEUCINE             ? 'C6 H13 N O2'     131.173 
LEU 'L-peptide linking' y LEUCINE                ? 'C6 H13 N O2'     131.173 
LYS 'L-peptide linking' y LYSINE                 ? 'C6 H15 N2 O2 1'  147.195 
MET 'L-peptide linking' y METHIONINE             ? 'C5 H11 N O2 S'   149.211 
PG4 non-polymer         . 'TETRAETHYLENE GLYCOL' ? 'C8 H18 O5'       194.226 
PHE 'L-peptide linking' y PHENYLALANINE          ? 'C9 H11 N O2'     165.189 
PRO 'L-peptide linking' y PROLINE                ? 'C5 H9 N O2'      115.130 
SER 'L-peptide linking' y SERINE                 ? 'C3 H7 N O3'      105.093 
THR 'L-peptide linking' y THREONINE              ? 'C4 H9 N O3'      119.119 
TRP 'L-peptide linking' y TRYPTOPHAN             ? 'C11 H12 N2 O2'   204.225 
TYR 'L-peptide linking' y TYROSINE               ? 'C9 H11 N O3'     181.189 
VAL 'L-peptide linking' y VALINE                 ? 'C5 H11 N O2'     117.146 
# 
_exptl.entry_id          2CA8 
_exptl.method            'X-RAY DIFFRACTION' 
_exptl.crystals_number   1 
# 
_exptl_crystal.id                    1 
_exptl_crystal.density_meas          ? 
_exptl_crystal.density_Matthews      2.35 
_exptl_crystal.density_percent_sol   47.3 
_exptl_crystal.description           ? 
# 
_exptl_crystal_grow.crystal_id      1 
_exptl_crystal_grow.method          ? 
_exptl_crystal_grow.temp            ? 
_exptl_crystal_grow.temp_details    ? 
_exptl_crystal_grow.pH              6.0 
_exptl_crystal_grow.pdbx_pH_range   ? 
_exptl_crystal_grow.pdbx_details    '10% PEG4K, 0.2M IMADAZOLE/MALATE PH 6.0' 
# 
_diffrn.id                     1 
_diffrn.ambient_temp           100.0 
_diffrn.ambient_temp_details   ? 
_diffrn.crystal_id             1 
# 
_diffrn_detector.diffrn_id              1 
_diffrn_detector.detector               CCD 
_diffrn_detector.type                   MARRESEARCH 
_diffrn_detector.pdbx_collection_date   2005-07-14 
_diffrn_detector.details                ? 
# 
_diffrn_radiation.diffrn_id                        1 
_diffrn_radiation.wavelength_id                    1 
_diffrn_radiation.pdbx_monochromatic_or_laue_m_l   M 
_diffrn_radiation.monochromator                    ? 
_diffrn_radiation.pdbx_diffrn_protocol             'SINGLE WAVELENGTH' 
_diffrn_radiation.pdbx_scattering_type             x-ray 
# 
_diffrn_radiation_wavelength.id           1 
_diffrn_radiation_wavelength.wavelength   1.0 
_diffrn_radiation_wavelength.wt           1.0 
# 
_diffrn_source.diffrn_id                   1 
_diffrn_source.source                      SYNCHROTRON 
_diffrn_source.type                        'ESRF BEAMLINE ID29' 
_diffrn_source.pdbx_synchrotron_site       ESRF 
_diffrn_source.pdbx_synchrotron_beamline   ID29 
_diffrn_source.pdbx_wavelength             1.0 
_diffrn_source.pdbx_wavelength_list        ? 
# 
_reflns.pdbx_diffrn_id               1 
_reflns.pdbx_ordinal                 1 
_reflns.entry_id                     2CA8 
_reflns.observed_criterion_sigma_I   1.0 
_reflns.observed_criterion_sigma_F   ? 
_reflns.d_resolution_low             20.0 
_reflns.d_resolution_high            2.460 
_reflns.number_obs                   8673 
_reflns.number_all                   ? 
_reflns.percent_possible_obs         99.1 
_reflns.pdbx_Rmerge_I_obs            0.070 
_reflns.pdbx_Rsym_value              ? 
_reflns.pdbx_netI_over_sigmaI        10.20 
_reflns.B_iso_Wilson_estimate        ? 
_reflns.pdbx_redundancy              8.3 
# 
_reflns_shell.pdbx_diffrn_id         1 
_reflns_shell.pdbx_ordinal           1 
_reflns_shell.d_res_high             2.00 
_reflns_shell.d_res_low              2.59 
_reflns_shell.percent_possible_all   98.4 
_reflns_shell.Rmerge_I_obs           0.070 
_reflns_shell.pdbx_Rsym_value        ? 
_reflns_shell.meanI_over_sigI_obs    8.7 
_reflns_shell.pdbx_redundancy        8.30 
# 
_refine.pdbx_refine_id                           'X-RAY DIFFRACTION' 
_refine.entry_id                                 2CA8 
_refine.pdbx_diffrn_id                           1 
_refine.pdbx_TLS_residual_ADP_flag               ? 
_refine.ls_number_reflns_obs                     8261 
_refine.ls_number_reflns_all                     ? 
_refine.pdbx_ls_sigma_I                          ? 
_refine.pdbx_ls_sigma_F                          ? 
_refine.pdbx_data_cutoff_high_absF               ? 
_refine.pdbx_data_cutoff_low_absF                ? 
_refine.pdbx_data_cutoff_high_rms_absF           ? 
_refine.ls_d_res_low                             47.46 
_refine.ls_d_res_high                            2.49 
_refine.ls_percent_reflns_obs                    99.1 
_refine.ls_R_factor_obs                          0.206 
_refine.ls_R_factor_all                          ? 
_refine.ls_R_factor_R_work                       0.203 
_refine.ls_R_factor_R_free                       0.264 
_refine.ls_R_factor_R_free_error                 ? 
_refine.ls_R_factor_R_free_error_details         ? 
_refine.ls_percent_reflns_R_free                 4.800 
_refine.ls_number_reflns_R_free                  412 
_refine.ls_number_parameters                     ? 
_refine.ls_number_restraints                     ? 
_refine.occupancy_min                            ? 
_refine.occupancy_max                            ? 
_refine.correlation_coeff_Fo_to_Fc               0.933 
_refine.correlation_coeff_Fo_to_Fc_free          0.905 
_refine.B_iso_mean                               29.65 
_refine.aniso_B[1][1]                            0.02000 
_refine.aniso_B[2][2]                            0.02000 
_refine.aniso_B[3][3]                            -0.03000 
_refine.aniso_B[1][2]                            0.01000 
_refine.aniso_B[1][3]                            0.00000 
_refine.aniso_B[2][3]                            0.00000 
_refine.solvent_model_details                    MASK 
_refine.solvent_model_param_ksol                 ? 
_refine.solvent_model_param_bsol                 ? 
_refine.pdbx_solvent_vdw_probe_radii             1.40 
_refine.pdbx_solvent_ion_probe_radii             0.80 
_refine.pdbx_solvent_shrinkage_radii             0.80 
_refine.pdbx_ls_cross_valid_method               THROUGHOUT 
_refine.details                                  'HYDROGENS HAVE BEEN ADDED IN THE RIDING POSITIONS.' 
_refine.pdbx_starting_model                      'PDB ENTRY 1OE7' 
_refine.pdbx_method_to_determine_struct          'MOLECULAR REPLACEMENT' 
_refine.pdbx_isotropic_thermal_model             ? 
_refine.pdbx_stereochemistry_target_values       'MAXIMUM LIKELIHOOD' 
_refine.pdbx_stereochem_target_val_spec_case     ? 
_refine.pdbx_R_Free_selection_details            RANDOM 
_refine.pdbx_overall_ESU_R                       0.609 
_refine.pdbx_overall_ESU_R_Free                  0.309 
_refine.overall_SU_ML                            0.206 
_refine.pdbx_overall_phase_error                 ? 
_refine.overall_SU_B                             8.760 
_refine.overall_SU_R_Cruickshank_DPI             ? 
_refine.pdbx_overall_SU_R_free_Cruickshank_DPI   ? 
_refine.pdbx_overall_SU_R_Blow_DPI               ? 
_refine.pdbx_overall_SU_R_free_Blow_DPI          ? 
# 
_refine_hist.pdbx_refine_id                   'X-RAY DIFFRACTION' 
_refine_hist.cycle_id                         LAST 
_refine_hist.pdbx_number_atoms_protein        1651 
_refine_hist.pdbx_number_atoms_nucleic_acid   0 
_refine_hist.pdbx_number_atoms_ligand         33 
_refine_hist.number_atoms_solvent             50 
_refine_hist.number_atoms_total               1734 
_refine_hist.d_res_high                       2.49 
_refine_hist.d_res_low                        47.46 
# 
loop_
_refine_ls_restr.type 
_refine_ls_restr.dev_ideal 
_refine_ls_restr.dev_ideal_target 
_refine_ls_restr.weight 
_refine_ls_restr.number 
_refine_ls_restr.pdbx_refine_id 
_refine_ls_restr.pdbx_restraint_function 
r_bond_refined_d             0.013  0.022  ? 1734 'X-RAY DIFFRACTION' ? 
r_bond_other_d               ?      ?      ? ?    'X-RAY DIFFRACTION' ? 
r_angle_refined_deg          1.475  1.985  ? 2335 'X-RAY DIFFRACTION' ? 
r_angle_other_deg            ?      ?      ? ?    'X-RAY DIFFRACTION' ? 
r_dihedral_angle_1_deg       5.879  5.000  ? 207  'X-RAY DIFFRACTION' ? 
r_dihedral_angle_2_deg       32.228 23.919 ? 74   'X-RAY DIFFRACTION' ? 
r_dihedral_angle_3_deg       16.784 15.000 ? 321  'X-RAY DIFFRACTION' ? 
r_dihedral_angle_4_deg       24.249 15.000 ? 10   'X-RAY DIFFRACTION' ? 
r_chiral_restr               0.103  0.200  ? 261  'X-RAY DIFFRACTION' ? 
r_gen_planes_refined         0.005  0.020  ? 1266 'X-RAY DIFFRACTION' ? 
r_gen_planes_other           ?      ?      ? ?    'X-RAY DIFFRACTION' ? 
r_nbd_refined                0.215  0.200  ? 770  'X-RAY DIFFRACTION' ? 
r_nbd_other                  ?      ?      ? ?    'X-RAY DIFFRACTION' ? 
r_nbtor_refined              0.310  0.200  ? 1164 'X-RAY DIFFRACTION' ? 
r_nbtor_other                ?      ?      ? ?    'X-RAY DIFFRACTION' ? 
r_xyhbond_nbd_refined        0.161  0.200  ? 93   'X-RAY DIFFRACTION' ? 
r_xyhbond_nbd_other          ?      ?      ? ?    'X-RAY DIFFRACTION' ? 
r_metal_ion_refined          ?      ?      ? ?    'X-RAY DIFFRACTION' ? 
r_metal_ion_other            ?      ?      ? ?    'X-RAY DIFFRACTION' ? 
r_symmetry_vdw_refined       0.215  0.200  ? 63   'X-RAY DIFFRACTION' ? 
r_symmetry_vdw_other         ?      ?      ? ?    'X-RAY DIFFRACTION' ? 
r_symmetry_hbond_refined     0.216  0.200  ? 9    'X-RAY DIFFRACTION' ? 
r_symmetry_hbond_other       ?      ?      ? ?    'X-RAY DIFFRACTION' ? 
r_symmetry_metal_ion_refined ?      ?      ? ?    'X-RAY DIFFRACTION' ? 
r_symmetry_metal_ion_other   ?      ?      ? ?    'X-RAY DIFFRACTION' ? 
r_mcbond_it                  0.715  1.500  ? 1066 'X-RAY DIFFRACTION' ? 
r_mcbond_other               ?      ?      ? ?    'X-RAY DIFFRACTION' ? 
r_mcangle_it                 1.300  2.000  ? 1682 'X-RAY DIFFRACTION' ? 
r_mcangle_other              ?      ?      ? ?    'X-RAY DIFFRACTION' ? 
r_scbond_it                  2.076  3.000  ? 747  'X-RAY DIFFRACTION' ? 
r_scbond_other               ?      ?      ? ?    'X-RAY DIFFRACTION' ? 
r_scangle_it                 3.299  4.500  ? 653  'X-RAY DIFFRACTION' ? 
r_scangle_other              ?      ?      ? ?    'X-RAY DIFFRACTION' ? 
r_long_range_B_refined       ?      ?      ? ?    'X-RAY DIFFRACTION' ? 
r_long_range_B_other         ?      ?      ? ?    'X-RAY DIFFRACTION' ? 
r_rigid_bond_restr           ?      ?      ? ?    'X-RAY DIFFRACTION' ? 
r_sphericity_free            ?      ?      ? ?    'X-RAY DIFFRACTION' ? 
r_sphericity_bonded          ?      ?      ? ?    'X-RAY DIFFRACTION' ? 
# 
_refine_ls_shell.pdbx_refine_id                   'X-RAY DIFFRACTION' 
_refine_ls_shell.pdbx_total_number_of_bins_used   20 
_refine_ls_shell.d_res_high                       2.49 
_refine_ls_shell.d_res_low                        2.55 
_refine_ls_shell.number_reflns_R_work             553 
_refine_ls_shell.R_factor_R_work                  0.2440 
_refine_ls_shell.percent_reflns_obs               ? 
_refine_ls_shell.R_factor_R_free                  0.3270 
_refine_ls_shell.R_factor_R_free_error            ? 
_refine_ls_shell.percent_reflns_R_free            ? 
_refine_ls_shell.number_reflns_R_free             23 
_refine_ls_shell.number_reflns_all                ? 
_refine_ls_shell.R_factor_all                     ? 
# 
_struct.entry_id                  2CA8 
_struct.title                     'Structure of Sh28GST in complex with GSH at pH 6.0' 
_struct.pdbx_model_details        ? 
_struct.pdbx_CASP_flag            ? 
_struct.pdbx_model_type_details   ? 
# 
_struct_keywords.entry_id        2CA8 
_struct_keywords.pdbx_keywords   TRANSFERASE 
_struct_keywords.text            'SIGMA CLASS GST, DETOXIFICATION, GLUTATHIONE, PROSTAGLANDIN D2 SYNTHASE, TRANSFERASE' 
# 
loop_
_struct_asym.id 
_struct_asym.pdbx_blank_PDB_chainid_flag 
_struct_asym.pdbx_modified 
_struct_asym.entity_id 
_struct_asym.details 
A N N 1 ? 
B N N 2 ? 
C N N 3 ? 
D N N 4 ? 
# 
_struct_biol.id   1 
# 
loop_
_struct_conf.conf_type_id 
_struct_conf.id 
_struct_conf.pdbx_PDB_helix_id 
_struct_conf.beg_label_comp_id 
_struct_conf.beg_label_asym_id 
_struct_conf.beg_label_seq_id 
_struct_conf.pdbx_beg_PDB_ins_code 
_struct_conf.end_label_comp_id 
_struct_conf.end_label_asym_id 
_struct_conf.end_label_seq_id 
_struct_conf.pdbx_end_PDB_ins_code 
_struct_conf.beg_auth_comp_id 
_struct_conf.beg_auth_asym_id 
_struct_conf.beg_auth_seq_id 
_struct_conf.end_auth_comp_id 
_struct_conf.end_auth_asym_id 
_struct_conf.end_auth_seq_id 
_struct_conf.pdbx_PDB_helix_class 
_struct_conf.details 
_struct_conf.pdbx_PDB_helix_length 
HELX_P HELX_P1  1  ALA A 17  ? GLY A 28  ? ALA A 17  GLY A 28  1 ? 12 
HELX_P HELX_P2  2  ASP A 40  ? LYS A 45  ? ASP A 40  LYS A 45  1 ? 6  
HELX_P HELX_P3  3  PRO A 46  ? ILE A 48  ? PRO A 46  ILE A 48  5 ? 3  
HELX_P HELX_P4  4  GLU A 70  ? HIS A 82  ? GLU A 70  HIS A 82  1 ? 13 
HELX_P HELX_P5  5  THR A 88  ? LYS A 111 ? THR A 88  LYS A 111 1 ? 24 
HELX_P HELX_P6  6  GLU A 118 ? GLY A 130 ? GLU A 118 GLY A 130 1 ? 13 
HELX_P HELX_P7  7  GLY A 130 ? ALA A 145 ? GLY A 130 ALA A 145 1 ? 16 
HELX_P HELX_P8  8  THR A 157 ? ASP A 174 ? THR A 157 ASP A 174 1 ? 18 
HELX_P HELX_P9  9  TYR A 182 ? SER A 196 ? TYR A 182 SER A 196 1 ? 15 
HELX_P HELX_P10 10 SER A 196 ? ARG A 206 ? SER A 196 ARG A 206 1 ? 11 
# 
_struct_conf_type.id          HELX_P 
_struct_conf_type.criteria    ? 
_struct_conf_type.reference   ? 
# 
_struct_mon_prot_cis.pdbx_id                1 
_struct_mon_prot_cis.label_comp_id          LEU 
_struct_mon_prot_cis.label_seq_id           53 
_struct_mon_prot_cis.label_asym_id          A 
_struct_mon_prot_cis.label_alt_id           . 
_struct_mon_prot_cis.pdbx_PDB_ins_code      ? 
_struct_mon_prot_cis.auth_comp_id           LEU 
_struct_mon_prot_cis.auth_seq_id            53 
_struct_mon_prot_cis.auth_asym_id           A 
_struct_mon_prot_cis.pdbx_label_comp_id_2   PRO 
_struct_mon_prot_cis.pdbx_label_seq_id_2    54 
_struct_mon_prot_cis.pdbx_label_asym_id_2   A 
_struct_mon_prot_cis.pdbx_PDB_ins_code_2    ? 
_struct_mon_prot_cis.pdbx_auth_comp_id_2    PRO 
_struct_mon_prot_cis.pdbx_auth_seq_id_2     54 
_struct_mon_prot_cis.pdbx_auth_asym_id_2    A 
_struct_mon_prot_cis.pdbx_PDB_model_num     1 
_struct_mon_prot_cis.pdbx_omega_angle       6.00 
# 
_struct_sheet.id               AA 
_struct_sheet.type             ? 
_struct_sheet.number_strands   4 
_struct_sheet.details          ? 
# 
loop_
_struct_sheet_order.sheet_id 
_struct_sheet_order.range_id_1 
_struct_sheet_order.range_id_2 
_struct_sheet_order.offset 
_struct_sheet_order.sense 
AA 1 2 ? parallel      
AA 2 3 ? anti-parallel 
AA 3 4 ? anti-parallel 
# 
loop_
_struct_sheet_range.sheet_id 
_struct_sheet_range.id 
_struct_sheet_range.beg_label_comp_id 
_struct_sheet_range.beg_label_asym_id 
_struct_sheet_range.beg_label_seq_id 
_struct_sheet_range.pdbx_beg_PDB_ins_code 
_struct_sheet_range.end_label_comp_id 
_struct_sheet_range.end_label_asym_id 
_struct_sheet_range.end_label_seq_id 
_struct_sheet_range.pdbx_end_PDB_ins_code 
_struct_sheet_range.beg_auth_comp_id 
_struct_sheet_range.beg_auth_asym_id 
_struct_sheet_range.beg_auth_seq_id 
_struct_sheet_range.end_auth_comp_id 
_struct_sheet_range.end_auth_asym_id 
_struct_sheet_range.end_auth_seq_id 
AA 1 GLU A 32 ? ILE A 36 ? GLU A 32 ILE A 36 
AA 2 HIS A 5  ? PHE A 11 ? HIS A 5  PHE A 11 
AA 3 ALA A 55 ? THR A 59 ? ALA A 55 THR A 59 
AA 4 VAL A 65 ? VAL A 69 ? VAL A 65 VAL A 69 
# 
loop_
_pdbx_struct_sheet_hbond.sheet_id 
_pdbx_struct_sheet_hbond.range_id_1 
_pdbx_struct_sheet_hbond.range_id_2 
_pdbx_struct_sheet_hbond.range_1_label_atom_id 
_pdbx_struct_sheet_hbond.range_1_label_comp_id 
_pdbx_struct_sheet_hbond.range_1_label_asym_id 
_pdbx_struct_sheet_hbond.range_1_label_seq_id 
_pdbx_struct_sheet_hbond.range_1_PDB_ins_code 
_pdbx_struct_sheet_hbond.range_1_auth_atom_id 
_pdbx_struct_sheet_hbond.range_1_auth_comp_id 
_pdbx_struct_sheet_hbond.range_1_auth_asym_id 
_pdbx_struct_sheet_hbond.range_1_auth_seq_id 
_pdbx_struct_sheet_hbond.range_2_label_atom_id 
_pdbx_struct_sheet_hbond.range_2_label_comp_id 
_pdbx_struct_sheet_hbond.range_2_label_asym_id 
_pdbx_struct_sheet_hbond.range_2_label_seq_id 
_pdbx_struct_sheet_hbond.range_2_PDB_ins_code 
_pdbx_struct_sheet_hbond.range_2_auth_atom_id 
_pdbx_struct_sheet_hbond.range_2_auth_comp_id 
_pdbx_struct_sheet_hbond.range_2_auth_asym_id 
_pdbx_struct_sheet_hbond.range_2_auth_seq_id 
AA 1 2 N GLU A 32 ? N GLU A 32 O ILE A 6  ? O ILE A 6  
AA 2 3 N ILE A 9  ? N ILE A 9  O ALA A 55 ? O ALA A 55 
AA 3 4 N ILE A 58 ? N ILE A 58 O LYS A 66 ? O LYS A 66 
# 
loop_
_struct_site.id 
_struct_site.pdbx_evidence_code 
_struct_site.pdbx_auth_asym_id 
_struct_site.pdbx_auth_comp_id 
_struct_site.pdbx_auth_seq_id 
_struct_site.pdbx_auth_ins_code 
_struct_site.pdbx_num_residues 
_struct_site.details 
AC1 Software A GSH 1212 ? 12 'BINDING SITE FOR RESIDUE GSH A 1212' 
AC2 Software A PG4 1213 ? 7  'BINDING SITE FOR RESIDUE PG4 A 1213' 
# 
loop_
_struct_site_gen.id 
_struct_site_gen.site_id 
_struct_site_gen.pdbx_num_res 
_struct_site_gen.label_comp_id 
_struct_site_gen.label_asym_id 
_struct_site_gen.label_seq_id 
_struct_site_gen.pdbx_auth_ins_code 
_struct_site_gen.auth_comp_id 
_struct_site_gen.auth_asym_id 
_struct_site_gen.auth_seq_id 
_struct_site_gen.label_atom_id 
_struct_site_gen.label_alt_id 
_struct_site_gen.symmetry 
_struct_site_gen.details 
1  AC1 12 TYR A 10  ? TYR A 10   . ? 1_555 ? 
2  AC1 12 PHE A 11  ? PHE A 11   . ? 1_555 ? 
3  AC1 12 ARG A 16  ? ARG A 16   . ? 1_555 ? 
4  AC1 12 TRP A 41  ? TRP A 41   . ? 1_555 ? 
5  AC1 12 LYS A 45  ? LYS A 45   . ? 1_555 ? 
6  AC1 12 ARG A 52  ? ARG A 52   . ? 1_555 ? 
7  AC1 12 LEU A 53  ? LEU A 53   . ? 1_555 ? 
8  AC1 12 PRO A 54  ? PRO A 54   . ? 1_555 ? 
9  AC1 12 GLU A 70  ? GLU A 70   . ? 1_555 ? 
10 AC1 12 SER A 71  ? SER A 71   . ? 1_555 ? 
11 AC1 12 ASP A 104 ? ASP A 104  . ? 6_555 ? 
12 AC1 12 HOH D .   ? HOH A 2050 . ? 1_555 ? 
13 AC2 7  LYS A 80  ? LYS A 80   . ? 1_555 ? 
14 AC2 7  LYS A 80  ? LYS A 80   . ? 6_555 ? 
15 AC2 7  GLY A 86  ? GLY A 86   . ? 1_555 ? 
16 AC2 7  GLY A 87  ? GLY A 87   . ? 1_555 ? 
17 AC2 7  THR A 88  ? THR A 88   . ? 1_555 ? 
18 AC2 7  TYR A 92  ? TYR A 92   . ? 1_555 ? 
19 AC2 7  TYR A 92  ? TYR A 92   . ? 6_555 ? 
# 
_atom_sites.entry_id                    2CA8 
_atom_sites.fract_transf_matrix[1][1]   0.01287300 
_atom_sites.fract_transf_matrix[1][2]   -0.01155199 
_atom_sites.fract_transf_matrix[1][3]   0.01304169 
_atom_sites.fract_transf_matrix[2][1]   -0.00025663 
_atom_sites.fract_transf_matrix[2][2]   0.00353087 
_atom_sites.fract_transf_matrix[2][3]   0.02137177 
_atom_sites.fract_transf_matrix[3][1]   -0.00506296 
_atom_sites.fract_transf_matrix[3][2]   -0.00481288 
_atom_sites.fract_transf_matrix[3][3]   0.00073435 
_atom_sites.fract_transf_vector[1]      0.015194 
_atom_sites.fract_transf_vector[2]      0.238070 
_atom_sites.fract_transf_vector[3]      0.250640 
# 
loop_
_atom_type.symbol 
C 
N 
O 
S 
# 
loop_
_atom_site.group_PDB 
_atom_site.id 
_atom_site.type_symbol 
_atom_site.label_atom_id 
_atom_site.label_alt_id 
_atom_site.label_comp_id 
_atom_site.label_asym_id 
_atom_site.label_entity_id 
_atom_site.label_seq_id 
_atom_site.pdbx_PDB_ins_code 
_atom_site.Cartn_x 
_atom_site.Cartn_y 
_atom_site.Cartn_z 
_atom_site.occupancy 
_atom_site.B_iso_or_equiv 
_atom_site.pdbx_formal_charge 
_atom_site.auth_seq_id 
_atom_site.auth_comp_id 
_atom_site.auth_asym_id 
_atom_site.auth_atom_id 
_atom_site.pdbx_PDB_model_num 
ATOM   1    N N   . ASP A 1 4   ? 6.693   2.163   23.109  1.00 32.83 ? 4    ASP A N   1 
ATOM   2    C CA  . ASP A 1 4   ? 6.629   0.862   22.353  1.00 32.56 ? 4    ASP A CA  1 
ATOM   3    C C   . ASP A 1 4   ? 7.586   0.889   21.194  1.00 31.87 ? 4    ASP A C   1 
ATOM   4    O O   . ASP A 1 4   ? 7.722   1.910   20.513  1.00 32.13 ? 4    ASP A O   1 
ATOM   5    C CB  . ASP A 1 4   ? 5.235   0.584   21.801  1.00 32.33 ? 4    ASP A CB  1 
ATOM   6    C CG  . ASP A 1 4   ? 4.283   0.126   22.862  1.00 33.58 ? 4    ASP A CG  1 
ATOM   7    O OD1 . ASP A 1 4   ? 4.556   0.423   24.049  1.00 36.32 ? 4    ASP A OD1 1 
ATOM   8    O OD2 . ASP A 1 4   ? 3.274   -0.528  22.523  1.00 32.99 ? 4    ASP A OD2 1 
ATOM   9    N N   . HIS A 1 5   ? 8.251   -0.231  20.974  1.00 30.33 ? 5    HIS A N   1 
ATOM   10   C CA  . HIS A 1 5   ? 9.098   -0.334  19.827  1.00 29.74 ? 5    HIS A CA  1 
ATOM   11   C C   . HIS A 1 5   ? 8.405   -1.165  18.736  1.00 28.84 ? 5    HIS A C   1 
ATOM   12   O O   . HIS A 1 5   ? 7.965   -2.265  18.989  1.00 28.80 ? 5    HIS A O   1 
ATOM   13   C CB  . HIS A 1 5   ? 10.478  -0.878  20.235  1.00 29.50 ? 5    HIS A CB  1 
ATOM   14   C CG  . HIS A 1 5   ? 11.433  -0.980  19.092  1.00 29.90 ? 5    HIS A CG  1 
ATOM   15   N ND1 . HIS A 1 5   ? 12.088  0.117   18.573  1.00 31.26 ? 5    HIS A ND1 1 
ATOM   16   C CD2 . HIS A 1 5   ? 11.813  -2.040  18.340  1.00 30.09 ? 5    HIS A CD2 1 
ATOM   17   C CE1 . HIS A 1 5   ? 12.842  -0.267  17.555  1.00 31.44 ? 5    HIS A CE1 1 
ATOM   18   N NE2 . HIS A 1 5   ? 12.688  -1.569  17.390  1.00 30.40 ? 5    HIS A NE2 1 
ATOM   19   N N   . ILE A 1 6   ? 8.297   -0.613  17.530  1.00 28.69 ? 6    ILE A N   1 
ATOM   20   C CA  . ILE A 1 6   ? 7.607   -1.276  16.411  1.00 27.81 ? 6    ILE A CA  1 
ATOM   21   C C   . ILE A 1 6   ? 8.579   -1.633  15.308  1.00 27.50 ? 6    ILE A C   1 
ATOM   22   O O   . ILE A 1 6   ? 9.266   -0.767  14.740  1.00 26.49 ? 6    ILE A O   1 
ATOM   23   C CB  . ILE A 1 6   ? 6.481   -0.419  15.793  1.00 28.21 ? 6    ILE A CB  1 
ATOM   24   C CG1 . ILE A 1 6   ? 5.404   -0.098  16.838  1.00 28.40 ? 6    ILE A CG1 1 
ATOM   25   C CG2 . ILE A 1 6   ? 5.881   -1.132  14.561  1.00 27.10 ? 6    ILE A CG2 1 
ATOM   26   C CD1 . ILE A 1 6   ? 4.336   0.885   16.363  1.00 27.81 ? 6    ILE A CD1 1 
ATOM   27   N N   . LYS A 1 7   ? 8.622   -2.922  14.999  1.00 27.02 ? 7    LYS A N   1 
ATOM   28   C CA  . LYS A 1 7   ? 9.545   -3.406  14.002  1.00 27.28 ? 7    LYS A CA  1 
ATOM   29   C C   . LYS A 1 7   ? 8.748   -4.001  12.875  1.00 26.58 ? 7    LYS A C   1 
ATOM   30   O O   . LYS A 1 7   ? 7.952   -4.911  13.090  1.00 26.96 ? 7    LYS A O   1 
ATOM   31   C CB  . LYS A 1 7   ? 10.534  -4.422  14.601  1.00 27.02 ? 7    LYS A CB  1 
ATOM   32   C CG  . LYS A 1 7   ? 11.576  -4.891  13.600  1.00 27.94 ? 7    LYS A CG  1 
ATOM   33   C CD  . LYS A 1 7   ? 12.814  -5.521  14.251  1.00 28.82 ? 7    LYS A CD  1 
ATOM   34   C CE  . LYS A 1 7   ? 12.582  -6.959  14.716  1.00 31.16 ? 7    LYS A CE  1 
ATOM   35   N NZ  . LYS A 1 7   ? 13.882  -7.679  14.933  1.00 31.75 ? 7    LYS A NZ  1 
ATOM   36   N N   . VAL A 1 8   ? 8.940   -3.461  11.677  1.00 26.05 ? 8    VAL A N   1 
ATOM   37   C CA  . VAL A 1 8   ? 8.288   -3.999  10.494  1.00 25.33 ? 8    VAL A CA  1 
ATOM   38   C C   . VAL A 1 8   ? 9.295   -4.896  9.763   1.00 25.78 ? 8    VAL A C   1 
ATOM   39   O O   . VAL A 1 8   ? 10.386  -4.455  9.391   1.00 25.61 ? 8    VAL A O   1 
ATOM   40   C CB  . VAL A 1 8   ? 7.712   -2.861  9.594   1.00 25.54 ? 8    VAL A CB  1 
ATOM   41   C CG1 . VAL A 1 8   ? 6.996   -3.430  8.350   1.00 24.07 ? 8    VAL A CG1 1 
ATOM   42   C CG2 . VAL A 1 8   ? 6.768   -1.959  10.405  1.00 22.63 ? 8    VAL A CG2 1 
ATOM   43   N N   . ILE A 1 9   ? 8.931   -6.163  9.576   1.00 26.27 ? 9    ILE A N   1 
ATOM   44   C CA  . ILE A 1 9   ? 9.805   -7.127  8.910   1.00 26.86 ? 9    ILE A CA  1 
ATOM   45   C C   . ILE A 1 9   ? 9.218   -7.534  7.557   1.00 27.38 ? 9    ILE A C   1 
ATOM   46   O O   . ILE A 1 9   ? 8.104   -8.051  7.500   1.00 27.73 ? 9    ILE A O   1 
ATOM   47   C CB  . ILE A 1 9   ? 10.033  -8.401  9.804   1.00 26.90 ? 9    ILE A CB  1 
ATOM   48   C CG1 . ILE A 1 9   ? 10.372  -8.009  11.249  1.00 27.28 ? 9    ILE A CG1 1 
ATOM   49   C CG2 . ILE A 1 9   ? 11.104  -9.318  9.206   1.00 25.65 ? 9    ILE A CG2 1 
ATOM   50   C CD1 . ILE A 1 9   ? 10.182  -9.132  12.278  1.00 27.19 ? 9    ILE A CD1 1 
ATOM   51   N N   . TYR A 1 10  ? 9.982   -7.289  6.493   1.00 28.37 ? 10   TYR A N   1 
ATOM   52   C CA  . TYR A 1 10  ? 9.662   -7.639  5.107   1.00 29.64 ? 10   TYR A CA  1 
ATOM   53   C C   . TYR A 1 10  ? 10.943  -7.846  4.310   1.00 30.29 ? 10   TYR A C   1 
ATOM   54   O O   . TYR A 1 10  ? 12.046  -7.761  4.855   1.00 30.98 ? 10   TYR A O   1 
ATOM   55   C CB  . TYR A 1 10  ? 8.839   -6.541  4.408   1.00 30.15 ? 10   TYR A CB  1 
ATOM   56   C CG  . TYR A 1 10  ? 8.095   -7.011  3.132   1.00 31.29 ? 10   TYR A CG  1 
ATOM   57   C CD1 . TYR A 1 10  ? 7.408   -8.219  3.104   1.00 31.64 ? 10   TYR A CD1 1 
ATOM   58   C CD2 . TYR A 1 10  ? 8.060   -6.226  1.973   1.00 33.15 ? 10   TYR A CD2 1 
ATOM   59   C CE1 . TYR A 1 10  ? 6.710   -8.639  1.982   1.00 31.94 ? 10   TYR A CE1 1 
ATOM   60   C CE2 . TYR A 1 10  ? 7.350   -6.638  0.837   1.00 32.92 ? 10   TYR A CE2 1 
ATOM   61   C CZ  . TYR A 1 10  ? 6.678   -7.856  0.851   1.00 32.37 ? 10   TYR A CZ  1 
ATOM   62   O OH  . TYR A 1 10  ? 5.972   -8.309  -0.268  1.00 32.03 ? 10   TYR A OH  1 
ATOM   63   N N   . PHE A 1 11  ? 10.783  -8.124  3.017   1.00 30.88 ? 11   PHE A N   1 
ATOM   64   C CA  . PHE A 1 11  ? 11.880  -8.223  2.061   1.00 31.80 ? 11   PHE A CA  1 
ATOM   65   C C   . PHE A 1 11  ? 12.272  -6.840  1.535   1.00 33.09 ? 11   PHE A C   1 
ATOM   66   O O   . PHE A 1 11  ? 11.662  -5.849  1.909   1.00 34.02 ? 11   PHE A O   1 
ATOM   67   C CB  . PHE A 1 11  ? 11.496  -9.193  0.936   1.00 31.51 ? 11   PHE A CB  1 
ATOM   68   C CG  . PHE A 1 11  ? 11.190  -10.578 1.428   1.00 31.10 ? 11   PHE A CG  1 
ATOM   69   C CD1 . PHE A 1 11  ? 9.915   -11.107 1.304   1.00 31.26 ? 11   PHE A CD1 1 
ATOM   70   C CD2 . PHE A 1 11  ? 12.161  -11.331 2.073   1.00 31.56 ? 11   PHE A CD2 1 
ATOM   71   C CE1 . PHE A 1 11  ? 9.613   -12.384 1.779   1.00 31.06 ? 11   PHE A CE1 1 
ATOM   72   C CE2 . PHE A 1 11  ? 11.862  -12.611 2.560   1.00 33.90 ? 11   PHE A CE2 1 
ATOM   73   C CZ  . PHE A 1 11  ? 10.574  -13.138 2.403   1.00 32.13 ? 11   PHE A CZ  1 
ATOM   74   N N   . ASN A 1 12  ? 13.316  -6.748  0.711   1.00 35.00 ? 12   ASN A N   1 
ATOM   75   C CA  . ASN A 1 12  ? 13.719  -5.442  0.138   1.00 36.14 ? 12   ASN A CA  1 
ATOM   76   C C   . ASN A 1 12  ? 12.731  -4.988  -0.950  1.00 36.01 ? 12   ASN A C   1 
ATOM   77   O O   . ASN A 1 12  ? 12.951  -5.180  -2.159  1.00 36.36 ? 12   ASN A O   1 
ATOM   78   C CB  . ASN A 1 12  ? 15.188  -5.434  -0.362  1.00 36.71 ? 12   ASN A CB  1 
ATOM   79   C CG  . ASN A 1 12  ? 15.765  -3.997  -0.567  1.00 39.45 ? 12   ASN A CG  1 
ATOM   80   O OD1 . ASN A 1 12  ? 16.771  -3.819  -1.277  1.00 40.40 ? 12   ASN A OD1 1 
ATOM   81   N ND2 . ASN A 1 12  ? 15.132  -2.981  0.054   1.00 40.81 ? 12   ASN A ND2 1 
ATOM   82   N N   . GLY A 1 13  ? 11.625  -4.400  -0.508  1.00 35.51 ? 13   GLY A N   1 
ATOM   83   C CA  . GLY A 1 13  ? 10.704  -3.805  -1.446  1.00 35.14 ? 13   GLY A CA  1 
ATOM   84   C C   . GLY A 1 13  ? 9.491   -3.164  -0.836  1.00 34.70 ? 13   GLY A C   1 
ATOM   85   O O   . GLY A 1 13  ? 9.272   -3.217  0.390   1.00 35.59 ? 13   GLY A O   1 
ATOM   86   N N   . ARG A 1 14  ? 8.696   -2.561  -1.710  1.00 33.77 ? 14   ARG A N   1 
ATOM   87   C CA  . ARG A 1 14  ? 7.400   -2.012  -1.339  1.00 32.42 ? 14   ARG A CA  1 
ATOM   88   C C   . ARG A 1 14  ? 6.388   -3.129  -1.033  1.00 31.66 ? 14   ARG A C   1 
ATOM   89   O O   . ARG A 1 14  ? 5.875   -3.228  0.092   1.00 31.89 ? 14   ARG A O   1 
ATOM   90   C CB  . ARG A 1 14  ? 6.899   -1.108  -2.453  1.00 32.08 ? 14   ARG A CB  1 
ATOM   91   C CG  . ARG A 1 14  ? 7.765   0.100   -2.674  1.00 32.44 ? 14   ARG A CG  1 
ATOM   92   C CD  . ARG A 1 14  ? 7.426   0.718   -3.995  1.00 33.46 ? 14   ARG A CD  1 
ATOM   93   N NE  . ARG A 1 14  ? 8.070   0.008   -5.086  1.00 33.95 ? 14   ARG A NE  1 
ATOM   94   C CZ  . ARG A 1 14  ? 7.517   -0.248  -6.267  1.00 33.85 ? 14   ARG A CZ  1 
ATOM   95   N NH1 . ARG A 1 14  ? 6.269   0.121   -6.538  1.00 34.54 ? 14   ARG A NH1 1 
ATOM   96   N NH2 . ARG A 1 14  ? 8.228   -0.890  -7.178  1.00 34.26 ? 14   ARG A NH2 1 
ATOM   97   N N   . GLY A 1 15  ? 6.087   -3.957  -2.030  1.00 30.12 ? 15   GLY A N   1 
ATOM   98   C CA  . GLY A 1 15  ? 5.196   -5.109  -1.829  1.00 28.95 ? 15   GLY A CA  1 
ATOM   99   C C   . GLY A 1 15  ? 4.075   -4.972  -0.814  1.00 27.38 ? 15   GLY A C   1 
ATOM   100  O O   . GLY A 1 15  ? 3.406   -3.948  -0.757  1.00 27.22 ? 15   GLY A O   1 
ATOM   101  N N   . ARG A 1 16  ? 3.856   -6.030  -0.035  1.00 26.74 ? 16   ARG A N   1 
ATOM   102  C CA  . ARG A 1 16  ? 2.763   -6.091  0.951   1.00 25.66 ? 16   ARG A CA  1 
ATOM   103  C C   . ARG A 1 16  ? 2.998   -5.228  2.182   1.00 24.97 ? 16   ARG A C   1 
ATOM   104  O O   . ARG A 1 16  ? 2.056   -4.842  2.850   1.00 25.58 ? 16   ARG A O   1 
ATOM   105  C CB  . ARG A 1 16  ? 2.519   -7.529  1.414   1.00 25.43 ? 16   ARG A CB  1 
ATOM   106  C CG  . ARG A 1 16  ? 2.022   -8.491  0.359   1.00 27.50 ? 16   ARG A CG  1 
ATOM   107  C CD  . ARG A 1 16  ? 0.789   -7.954  -0.407  1.00 32.33 ? 16   ARG A CD  1 
ATOM   108  N NE  . ARG A 1 16  ? -0.454  -7.863  0.377   1.00 33.41 ? 16   ARG A NE  1 
ATOM   109  C CZ  . ARG A 1 16  ? -1.642  -7.506  -0.121  1.00 36.53 ? 16   ARG A CZ  1 
ATOM   110  N NH1 . ARG A 1 16  ? -1.779  -7.204  -1.416  1.00 35.08 ? 16   ARG A NH1 1 
ATOM   111  N NH2 . ARG A 1 16  ? -2.715  -7.458  0.678   1.00 38.33 ? 16   ARG A NH2 1 
ATOM   112  N N   . ALA A 1 17  ? 4.251   -4.935  2.501   1.00 24.30 ? 17   ALA A N   1 
ATOM   113  C CA  . ALA A 1 17  ? 4.551   -4.126  3.687   1.00 23.40 ? 17   ALA A CA  1 
ATOM   114  C C   . ALA A 1 17  ? 4.274   -2.649  3.492   1.00 22.47 ? 17   ALA A C   1 
ATOM   115  O O   . ALA A 1 17  ? 4.224   -1.887  4.474   1.00 22.68 ? 17   ALA A O   1 
ATOM   116  C CB  . ALA A 1 17  ? 5.986   -4.305  4.106   1.00 23.02 ? 17   ALA A CB  1 
ATOM   117  N N   . GLU A 1 18  ? 4.107   -2.231  2.247   1.00 21.33 ? 18   GLU A N   1 
ATOM   118  C CA  . GLU A 1 18  ? 4.049   -0.797  1.969   1.00 21.66 ? 18   GLU A CA  1 
ATOM   119  C C   . GLU A 1 18  ? 2.867   -0.091  2.667   1.00 20.82 ? 18   GLU A C   1 
ATOM   120  O O   . GLU A 1 18  ? 3.007   1.023   3.163   1.00 21.27 ? 18   GLU A O   1 
ATOM   121  C CB  . GLU A 1 18  ? 4.093   -0.532  0.466   1.00 21.44 ? 18   GLU A CB  1 
ATOM   122  C CG  . GLU A 1 18  ? 4.662   0.838   0.089   1.00 25.81 ? 18   GLU A CG  1 
ATOM   123  C CD  . GLU A 1 18  ? 5.991   1.198   0.772   1.00 30.22 ? 18   GLU A CD  1 
ATOM   124  O OE1 . GLU A 1 18  ? 6.204   2.404   1.031   1.00 30.66 ? 18   GLU A OE1 1 
ATOM   125  O OE2 . GLU A 1 18  ? 6.829   0.294   1.038   1.00 33.88 ? 18   GLU A OE2 1 
ATOM   126  N N   . SER A 1 19  ? 1.730   -0.766  2.758   1.00 20.06 ? 19   SER A N   1 
ATOM   127  C CA  . SER A 1 19  ? 0.548   -0.178  3.358   1.00 19.64 ? 19   SER A CA  1 
ATOM   128  C C   . SER A 1 19  ? 0.777   0.049   4.849   1.00 19.44 ? 19   SER A C   1 
ATOM   129  O O   . SER A 1 19  ? 0.281   1.051   5.419   1.00 19.81 ? 19   SER A O   1 
ATOM   130  C CB  . SER A 1 19  ? -0.649  -1.100  3.146   1.00 19.56 ? 19   SER A CB  1 
ATOM   131  O OG  . SER A 1 19  ? -0.387  -2.334  3.792   1.00 19.78 ? 19   SER A OG  1 
ATOM   132  N N   . ILE A 1 20  ? 1.525   -0.866  5.479   1.00 18.27 ? 20   ILE A N   1 
ATOM   133  C CA  . ILE A 1 20  ? 1.884   -0.718  6.894   1.00 17.60 ? 20   ILE A CA  1 
ATOM   134  C C   . ILE A 1 20  ? 2.837   0.494   7.130   1.00 18.47 ? 20   ILE A C   1 
ATOM   135  O O   . ILE A 1 20  ? 2.635   1.306   8.024   1.00 17.78 ? 20   ILE A O   1 
ATOM   136  C CB  . ILE A 1 20  ? 2.542   -2.011  7.451   1.00 18.02 ? 20   ILE A CB  1 
ATOM   137  C CG1 . ILE A 1 20  ? 1.594   -3.226  7.297   1.00 17.43 ? 20   ILE A CG1 1 
ATOM   138  C CG2 . ILE A 1 20  ? 3.002   -1.795  8.921   1.00 14.70 ? 20   ILE A CG2 1 
ATOM   139  C CD1 . ILE A 1 20  ? 2.286   -4.580  7.474   1.00 15.43 ? 20   ILE A CD1 1 
ATOM   140  N N   . ARG A 1 21  ? 3.874   0.605   6.304   1.00 19.51 ? 21   ARG A N   1 
ATOM   141  C CA  . ARG A 1 21  ? 4.878   1.648   6.466   1.00 20.24 ? 21   ARG A CA  1 
ATOM   142  C C   . ARG A 1 21  ? 4.243   3.013   6.309   1.00 20.44 ? 21   ARG A C   1 
ATOM   143  O O   . ARG A 1 21  ? 4.423   3.906   7.144   1.00 19.55 ? 21   ARG A O   1 
ATOM   144  C CB  . ARG A 1 21  ? 6.000   1.443   5.447   1.00 20.05 ? 21   ARG A CB  1 
ATOM   145  C CG  . ARG A 1 21  ? 6.847   0.151   5.668   1.00 19.49 ? 21   ARG A CG  1 
ATOM   146  C CD  . ARG A 1 21  ? 7.909   0.070   4.559   1.00 21.46 ? 21   ARG A CD  1 
ATOM   147  N NE  . ARG A 1 21  ? 8.669   -1.174  4.525   1.00 24.93 ? 21   ARG A NE  1 
ATOM   148  C CZ  . ARG A 1 21  ? 8.769   -1.993  3.470   1.00 29.56 ? 21   ARG A CZ  1 
ATOM   149  N NH1 . ARG A 1 21  ? 8.142   -1.734  2.307   1.00 29.49 ? 21   ARG A NH1 1 
ATOM   150  N NH2 . ARG A 1 21  ? 9.522   -3.093  3.573   1.00 32.28 ? 21   ARG A NH2 1 
ATOM   151  N N   . MET A 1 22  ? 3.466   3.149   5.237   1.00 21.54 ? 22   MET A N   1 
ATOM   152  C CA  . MET A 1 22  ? 2.774   4.398   4.915   1.00 22.15 ? 22   MET A CA  1 
ATOM   153  C C   . MET A 1 22  ? 1.781   4.802   5.994   1.00 22.15 ? 22   MET A C   1 
ATOM   154  O O   . MET A 1 22  ? 1.674   5.990   6.314   1.00 22.93 ? 22   MET A O   1 
ATOM   155  C CB  . MET A 1 22  ? 2.061   4.268   3.565   1.00 22.24 ? 22   MET A CB  1 
ATOM   156  C CG  . MET A 1 22  ? 3.015   4.195   2.400   1.00 21.44 ? 22   MET A CG  1 
ATOM   157  S SD  . MET A 1 22  ? 2.162   4.107   0.824   1.00 23.70 ? 22   MET A SD  1 
ATOM   158  C CE  . MET A 1 22  ? 3.545   4.341   -0.302  1.00 25.40 ? 22   MET A CE  1 
ATOM   159  N N   . THR A 1 23  ? 1.046   3.818   6.532   1.00 21.64 ? 23   THR A N   1 
ATOM   160  C CA  . THR A 1 23  ? 0.096   4.055   7.616   1.00 21.06 ? 23   THR A CA  1 
ATOM   161  C C   . THR A 1 23  ? 0.836   4.684   8.801   1.00 21.53 ? 23   THR A C   1 
ATOM   162  O O   . THR A 1 23  ? 0.494   5.791   9.236   1.00 20.93 ? 23   THR A O   1 
ATOM   163  C CB  . THR A 1 23  ? -0.618  2.748   8.065   1.00 21.08 ? 23   THR A CB  1 
ATOM   164  O OG1 . THR A 1 23  ? -1.418  2.219   6.993   1.00 19.67 ? 23   THR A OG1 1 
ATOM   165  C CG2 . THR A 1 23  ? -1.487  3.017   9.270   1.00 20.05 ? 23   THR A CG2 1 
ATOM   166  N N   . LEU A 1 24  ? 1.857   3.973   9.299   1.00 21.51 ? 24   LEU A N   1 
ATOM   167  C CA  . LEU A 1 24  ? 2.748   4.474   10.363  1.00 21.69 ? 24   LEU A CA  1 
ATOM   168  C C   . LEU A 1 24  ? 3.354   5.852   10.085  1.00 21.47 ? 24   LEU A C   1 
ATOM   169  O O   . LEU A 1 24  ? 3.272   6.768   10.916  1.00 20.83 ? 24   LEU A O   1 
ATOM   170  C CB  . LEU A 1 24  ? 3.850   3.440   10.665  1.00 21.51 ? 24   LEU A CB  1 
ATOM   171  C CG  . LEU A 1 24  ? 3.246   2.173   11.270  1.00 21.46 ? 24   LEU A CG  1 
ATOM   172  C CD1 . LEU A 1 24  ? 4.284   1.097   11.590  1.00 19.28 ? 24   LEU A CD1 1 
ATOM   173  C CD2 . LEU A 1 24  ? 2.390   2.509   12.488  1.00 19.86 ? 24   LEU A CD2 1 
ATOM   174  N N   . VAL A 1 25  ? 3.940   6.000   8.903   1.00 22.13 ? 25   VAL A N   1 
ATOM   175  C CA  . VAL A 1 25  ? 4.478   7.279   8.476   1.00 22.88 ? 25   VAL A CA  1 
ATOM   176  C C   . VAL A 1 25  ? 3.410   8.363   8.530   1.00 24.11 ? 25   VAL A C   1 
ATOM   177  O O   . VAL A 1 25  ? 3.617   9.394   9.153   1.00 25.96 ? 25   VAL A O   1 
ATOM   178  C CB  . VAL A 1 25  ? 5.072   7.182   7.064   1.00 23.21 ? 25   VAL A CB  1 
ATOM   179  C CG1 . VAL A 1 25  ? 5.187   8.584   6.408   1.00 23.42 ? 25   VAL A CG1 1 
ATOM   180  C CG2 . VAL A 1 25  ? 6.414   6.503   7.119   1.00 21.67 ? 25   VAL A CG2 1 
ATOM   181  N N   . ALA A 1 26  ? 2.264   8.142   7.893   1.00 24.46 ? 26   ALA A N   1 
ATOM   182  C CA  . ALA A 1 26  ? 1.202   9.134   7.913   1.00 24.98 ? 26   ALA A CA  1 
ATOM   183  C C   . ALA A 1 26  ? 0.749   9.426   9.339   1.00 25.48 ? 26   ALA A C   1 
ATOM   184  O O   . ALA A 1 26  ? 0.447   10.565  9.677   1.00 25.53 ? 26   ALA A O   1 
ATOM   185  C CB  . ALA A 1 26  ? 0.002   8.665   7.071   1.00 24.58 ? 26   ALA A CB  1 
ATOM   186  N N   . ALA A 1 27  ? 0.682   8.388   10.166  1.00 25.99 ? 27   ALA A N   1 
ATOM   187  C CA  . ALA A 1 27  ? 0.202   8.536   11.526  1.00 26.86 ? 27   ALA A CA  1 
ATOM   188  C C   . ALA A 1 27  ? 1.227   9.283   12.359  1.00 27.46 ? 27   ALA A C   1 
ATOM   189  O O   . ALA A 1 27  ? 0.871   9.907   13.342  1.00 27.78 ? 27   ALA A O   1 
ATOM   190  C CB  . ALA A 1 27  ? -0.096  7.172   12.154  1.00 26.71 ? 27   ALA A CB  1 
ATOM   191  N N   . GLY A 1 28  ? 2.497   9.216   11.955  1.00 27.85 ? 28   GLY A N   1 
ATOM   192  C CA  . GLY A 1 28  ? 3.558   9.897   12.664  1.00 27.97 ? 28   GLY A CA  1 
ATOM   193  C C   . GLY A 1 28  ? 4.148   8.963   13.693  1.00 29.22 ? 28   GLY A C   1 
ATOM   194  O O   . GLY A 1 28  ? 4.779   9.408   14.664  1.00 29.11 ? 28   GLY A O   1 
ATOM   195  N N   . VAL A 1 29  ? 3.955   7.661   13.473  1.00 29.55 ? 29   VAL A N   1 
ATOM   196  C CA  . VAL A 1 29  ? 4.452   6.658   14.385  1.00 29.51 ? 29   VAL A CA  1 
ATOM   197  C C   . VAL A 1 29  ? 5.802   6.146   13.925  1.00 30.78 ? 29   VAL A C   1 
ATOM   198  O O   . VAL A 1 29  ? 5.969   5.642   12.804  1.00 30.63 ? 29   VAL A O   1 
ATOM   199  C CB  . VAL A 1 29  ? 3.440   5.493   14.621  1.00 29.72 ? 29   VAL A CB  1 
ATOM   200  C CG1 . VAL A 1 29  ? 4.084   4.332   15.441  1.00 26.62 ? 29   VAL A CG1 1 
ATOM   201  C CG2 . VAL A 1 29  ? 2.195   6.023   15.340  1.00 28.84 ? 29   VAL A CG2 1 
ATOM   202  N N   . ASN A 1 30  ? 6.767   6.285   14.824  1.00 32.01 ? 30   ASN A N   1 
ATOM   203  C CA  . ASN A 1 30  ? 8.099   5.782   14.601  1.00 33.12 ? 30   ASN A CA  1 
ATOM   204  C C   . ASN A 1 30  ? 8.167   4.262   14.624  1.00 32.57 ? 30   ASN A C   1 
ATOM   205  O O   . ASN A 1 30  ? 7.457   3.609   15.405  1.00 32.16 ? 30   ASN A O   1 
ATOM   206  C CB  . ASN A 1 30  ? 9.076   6.395   15.611  1.00 34.01 ? 30   ASN A CB  1 
ATOM   207  C CG  . ASN A 1 30  ? 10.130  7.236   14.930  1.00 39.08 ? 30   ASN A CG  1 
ATOM   208  O OD1 . ASN A 1 30  ? 10.170  8.473   15.075  1.00 41.97 ? 30   ASN A OD1 1 
ATOM   209  N ND2 . ASN A 1 30  ? 10.972  6.570   14.110  1.00 42.96 ? 30   ASN A ND2 1 
ATOM   210  N N   . TYR A 1 31  ? 9.029   3.715   13.767  1.00 31.92 ? 31   TYR A N   1 
ATOM   211  C CA  . TYR A 1 31  ? 9.248   2.284   13.703  1.00 31.67 ? 31   TYR A CA  1 
ATOM   212  C C   . TYR A 1 31  ? 10.618  1.964   13.117  1.00 32.04 ? 31   TYR A C   1 
ATOM   213  O O   . TYR A 1 31  ? 11.224  2.791   12.416  1.00 31.18 ? 31   TYR A O   1 
ATOM   214  C CB  . TYR A 1 31  ? 8.132   1.598   12.878  1.00 31.68 ? 31   TYR A CB  1 
ATOM   215  C CG  . TYR A 1 31  ? 8.215   1.930   11.428  1.00 31.13 ? 31   TYR A CG  1 
ATOM   216  C CD1 . TYR A 1 31  ? 7.733   3.157   10.951  1.00 30.17 ? 31   TYR A CD1 1 
ATOM   217  C CD2 . TYR A 1 31  ? 8.832   1.053   10.530  1.00 29.78 ? 31   TYR A CD2 1 
ATOM   218  C CE1 . TYR A 1 31  ? 7.833   3.493   9.621   1.00 30.33 ? 31   TYR A CE1 1 
ATOM   219  C CE2 . TYR A 1 31  ? 8.936   1.382   9.189   1.00 31.29 ? 31   TYR A CE2 1 
ATOM   220  C CZ  . TYR A 1 31  ? 8.429   2.602   8.745   1.00 31.46 ? 31   TYR A CZ  1 
ATOM   221  O OH  . TYR A 1 31  ? 8.524   2.936   7.418   1.00 33.04 ? 31   TYR A OH  1 
ATOM   222  N N   . GLU A 1 32  ? 11.082  0.744   13.399  1.00 32.56 ? 32   GLU A N   1 
ATOM   223  C CA  . GLU A 1 32  ? 12.295  0.188   12.812  1.00 33.42 ? 32   GLU A CA  1 
ATOM   224  C C   . GLU A 1 32  ? 11.912  -0.652  11.585  1.00 33.99 ? 32   GLU A C   1 
ATOM   225  O O   . GLU A 1 32  ? 11.074  -1.558  11.673  1.00 33.76 ? 32   GLU A O   1 
ATOM   226  C CB  . GLU A 1 32  ? 13.034  -0.662  13.862  1.00 33.47 ? 32   GLU A CB  1 
ATOM   227  C CG  . GLU A 1 32  ? 14.396  -1.213  13.445  1.00 33.63 ? 32   GLU A CG  1 
ATOM   228  C CD  . GLU A 1 32  ? 14.818  -2.441  14.257  1.00 34.32 ? 32   GLU A CD  1 
ATOM   229  O OE1 . GLU A 1 32  ? 14.340  -2.635  15.401  1.00 34.84 ? 32   GLU A OE1 1 
ATOM   230  O OE2 . GLU A 1 32  ? 15.643  -3.233  13.747  1.00 36.81 ? 32   GLU A OE2 1 
ATOM   231  N N   . ASP A 1 33  ? 12.548  -0.353  10.457  1.00 35.13 ? 33   ASP A N   1 
ATOM   232  C CA  . ASP A 1 33  ? 12.174  -0.891  9.145   1.00 36.31 ? 33   ASP A CA  1 
ATOM   233  C C   . ASP A 1 33  ? 13.182  -1.960  8.747   1.00 36.86 ? 33   ASP A C   1 
ATOM   234  O O   . ASP A 1 33  ? 14.173  -1.653  8.071   1.00 37.32 ? 33   ASP A O   1 
ATOM   235  C CB  . ASP A 1 33  ? 12.134  0.255   8.106   1.00 36.12 ? 33   ASP A CB  1 
ATOM   236  C CG  . ASP A 1 33  ? 11.616  -0.186  6.708   1.00 38.85 ? 33   ASP A CG  1 
ATOM   237  O OD1 . ASP A 1 33  ? 11.273  -1.376  6.486   1.00 38.23 ? 33   ASP A OD1 1 
ATOM   238  O OD2 . ASP A 1 33  ? 11.548  0.694   5.806   1.00 40.45 ? 33   ASP A OD2 1 
ATOM   239  N N   . GLU A 1 34  ? 12.930  -3.213  9.151   1.00 37.22 ? 34   GLU A N   1 
ATOM   240  C CA  . GLU A 1 34  ? 13.871  -4.330  8.894   1.00 37.36 ? 34   GLU A CA  1 
ATOM   241  C C   . GLU A 1 34  ? 13.676  -5.076  7.549   1.00 37.25 ? 34   GLU A C   1 
ATOM   242  O O   . GLU A 1 34  ? 12.624  -5.674  7.284   1.00 37.42 ? 34   GLU A O   1 
ATOM   243  C CB  . GLU A 1 34  ? 13.860  -5.317  10.061  1.00 36.93 ? 34   GLU A CB  1 
ATOM   244  C CG  . GLU A 1 34  ? 14.764  -6.508  9.827   1.00 39.29 ? 34   GLU A CG  1 
ATOM   245  C CD  . GLU A 1 34  ? 15.109  -7.252  11.097  1.00 42.06 ? 34   GLU A CD  1 
ATOM   246  O OE1 . GLU A 1 34  ? 16.259  -7.117  11.558  1.00 43.41 ? 34   GLU A OE1 1 
ATOM   247  O OE2 . GLU A 1 34  ? 14.239  -7.963  11.648  1.00 43.37 ? 34   GLU A OE2 1 
ATOM   248  N N   . ARG A 1 35  ? 14.695  -5.040  6.704   1.00 37.23 ? 35   ARG A N   1 
ATOM   249  C CA  . ARG A 1 35  ? 14.637  -5.748  5.420   1.00 37.28 ? 35   ARG A CA  1 
ATOM   250  C C   . ARG A 1 35  ? 15.501  -7.009  5.467   1.00 38.05 ? 35   ARG A C   1 
ATOM   251  O O   . ARG A 1 35  ? 16.674  -6.960  5.840   1.00 38.15 ? 35   ARG A O   1 
ATOM   252  C CB  . ARG A 1 35  ? 14.990  -4.812  4.254   1.00 36.58 ? 35   ARG A CB  1 
ATOM   253  C CG  . ARG A 1 35  ? 13.926  -3.716  4.049   1.00 36.81 ? 35   ARG A CG  1 
ATOM   254  C CD  . ARG A 1 35  ? 14.385  -2.451  3.307   1.00 36.57 ? 35   ARG A CD  1 
ATOM   255  N NE  . ARG A 1 35  ? 13.362  -1.404  3.434   1.00 36.72 ? 35   ARG A NE  1 
ATOM   256  C CZ  . ARG A 1 35  ? 12.575  -0.936  2.457   1.00 35.54 ? 35   ARG A CZ  1 
ATOM   257  N NH1 . ARG A 1 35  ? 12.686  -1.386  1.214   1.00 34.41 ? 35   ARG A NH1 1 
ATOM   258  N NH2 . ARG A 1 35  ? 11.666  0.008   2.733   1.00 33.82 ? 35   ARG A NH2 1 
ATOM   259  N N   . ILE A 1 36  ? 14.893  -8.144  5.128   1.00 38.76 ? 36   ILE A N   1 
ATOM   260  C CA  . ILE A 1 36  ? 15.577  -9.430  5.106   1.00 39.35 ? 36   ILE A CA  1 
ATOM   261  C C   . ILE A 1 36  ? 16.004  -9.731  3.663   1.00 40.54 ? 36   ILE A C   1 
ATOM   262  O O   . ILE A 1 36  ? 15.189  -9.628  2.728   1.00 41.02 ? 36   ILE A O   1 
ATOM   263  C CB  . ILE A 1 36  ? 14.642  -10.573 5.633   1.00 39.26 ? 36   ILE A CB  1 
ATOM   264  C CG1 . ILE A 1 36  ? 14.089  -10.271 7.049   1.00 38.53 ? 36   ILE A CG1 1 
ATOM   265  C CG2 . ILE A 1 36  ? 15.294  -11.961 5.491   1.00 38.38 ? 36   ILE A CG2 1 
ATOM   266  C CD1 . ILE A 1 36  ? 15.096  -10.049 8.147   1.00 36.34 ? 36   ILE A CD1 1 
ATOM   267  N N   . SER A 1 37  ? 17.270  -10.097 3.478   1.00 41.73 ? 37   SER A N   1 
ATOM   268  C CA  . SER A 1 37  ? 17.778  -10.543 2.172   1.00 42.82 ? 37   SER A CA  1 
ATOM   269  C C   . SER A 1 37  ? 17.276  -11.953 1.835   1.00 43.60 ? 37   SER A C   1 
ATOM   270  O O   . SER A 1 37  ? 17.048  -12.762 2.743   1.00 42.96 ? 37   SER A O   1 
ATOM   271  C CB  . SER A 1 37  ? 19.297  -10.577 2.204   1.00 43.12 ? 37   SER A CB  1 
ATOM   272  O OG  . SER A 1 37  ? 19.731  -11.646 3.045   1.00 43.08 ? 37   SER A OG  1 
ATOM   273  N N   . PHE A 1 38  ? 17.134  -12.250 0.537   1.00 44.74 ? 38   PHE A N   1 
ATOM   274  C CA  . PHE A 1 38  ? 16.729  -13.585 0.081   1.00 46.40 ? 38   PHE A CA  1 
ATOM   275  C C   . PHE A 1 38  ? 17.697  -14.691 0.533   1.00 46.57 ? 38   PHE A C   1 
ATOM   276  O O   . PHE A 1 38  ? 17.262  -15.814 0.811   1.00 46.40 ? 38   PHE A O   1 
ATOM   277  C CB  . PHE A 1 38  ? 16.510  -13.630 -1.448  1.00 47.55 ? 38   PHE A CB  1 
ATOM   278  C CG  . PHE A 1 38  ? 15.334  -12.779 -1.933  1.00 50.24 ? 38   PHE A CG  1 
ATOM   279  C CD1 . PHE A 1 38  ? 15.542  -11.710 -2.817  1.00 51.42 ? 38   PHE A CD1 1 
ATOM   280  C CD2 . PHE A 1 38  ? 14.021  -13.049 -1.504  1.00 52.24 ? 38   PHE A CD2 1 
ATOM   281  C CE1 . PHE A 1 38  ? 14.476  -10.919 -3.257  1.00 52.04 ? 38   PHE A CE1 1 
ATOM   282  C CE2 . PHE A 1 38  ? 12.941  -12.266 -1.943  1.00 52.89 ? 38   PHE A CE2 1 
ATOM   283  C CZ  . PHE A 1 38  ? 13.170  -11.196 -2.818  1.00 51.76 ? 38   PHE A CZ  1 
ATOM   284  N N   . GLN A 1 39  ? 18.991  -14.359 0.622   1.00 46.86 ? 39   GLN A N   1 
ATOM   285  C CA  . GLN A 1 39  ? 20.017  -15.281 1.138   1.00 46.96 ? 39   GLN A CA  1 
ATOM   286  C C   . GLN A 1 39  ? 19.799  -15.621 2.607   1.00 46.92 ? 39   GLN A C   1 
ATOM   287  O O   . GLN A 1 39  ? 19.985  -16.776 3.004   1.00 47.23 ? 39   GLN A O   1 
ATOM   288  C CB  . GLN A 1 39  ? 21.435  -14.715 0.947   1.00 47.38 ? 39   GLN A CB  1 
ATOM   289  N N   . ASP A 1 40  ? 19.421  -14.619 3.409   1.00 46.56 ? 40   ASP A N   1 
ATOM   290  C CA  . ASP A 1 40  ? 19.227  -14.787 4.863   1.00 46.12 ? 40   ASP A CA  1 
ATOM   291  C C   . ASP A 1 40  ? 17.834  -15.314 5.255   1.00 45.92 ? 40   ASP A C   1 
ATOM   292  O O   . ASP A 1 40  ? 17.615  -15.700 6.408   1.00 45.39 ? 40   ASP A O   1 
ATOM   293  C CB  . ASP A 1 40  ? 19.510  -13.473 5.614   1.00 46.48 ? 40   ASP A CB  1 
ATOM   294  C CG  . ASP A 1 40  ? 20.997  -13.068 5.595   1.00 47.04 ? 40   ASP A CG  1 
ATOM   295  O OD1 . ASP A 1 40  ? 21.286  -11.891 5.287   1.00 46.17 ? 40   ASP A OD1 1 
ATOM   296  O OD2 . ASP A 1 40  ? 21.874  -13.911 5.892   1.00 47.96 ? 40   ASP A OD2 1 
ATOM   297  N N   . TRP A 1 41  ? 16.902  -15.341 4.301   1.00 45.75 ? 41   TRP A N   1 
ATOM   298  C CA  . TRP A 1 41  ? 15.513  -15.740 4.585   1.00 45.64 ? 41   TRP A CA  1 
ATOM   299  C C   . TRP A 1 41  ? 15.336  -17.171 5.114   1.00 45.89 ? 41   TRP A C   1 
ATOM   300  O O   . TRP A 1 41  ? 14.542  -17.379 6.030   1.00 46.08 ? 41   TRP A O   1 
ATOM   301  C CB  . TRP A 1 41  ? 14.583  -15.471 3.383   1.00 45.15 ? 41   TRP A CB  1 
ATOM   302  C CG  . TRP A 1 41  ? 13.152  -15.994 3.555   1.00 44.80 ? 41   TRP A CG  1 
ATOM   303  C CD1 . TRP A 1 41  ? 12.498  -16.883 2.738   1.00 43.65 ? 41   TRP A CD1 1 
ATOM   304  C CD2 . TRP A 1 41  ? 12.222  -15.661 4.607   1.00 43.26 ? 41   TRP A CD2 1 
ATOM   305  N NE1 . TRP A 1 41  ? 11.232  -17.127 3.219   1.00 42.75 ? 41   TRP A NE1 1 
ATOM   306  C CE2 . TRP A 1 41  ? 11.034  -16.392 4.360   1.00 42.85 ? 41   TRP A CE2 1 
ATOM   307  C CE3 . TRP A 1 41  ? 12.281  -14.826 5.728   1.00 42.63 ? 41   TRP A CE3 1 
ATOM   308  C CZ2 . TRP A 1 41  ? 9.908   -16.296 5.185   1.00 42.89 ? 41   TRP A CZ2 1 
ATOM   309  C CZ3 . TRP A 1 41  ? 11.169  -14.742 6.558   1.00 43.86 ? 41   TRP A CZ3 1 
ATOM   310  C CH2 . TRP A 1 41  ? 9.994   -15.473 6.277   1.00 44.17 ? 41   TRP A CH2 1 
ATOM   311  N N   . PRO A 1 42  ? 16.033  -18.168 4.520   1.00 46.23 ? 42   PRO A N   1 
ATOM   312  C CA  . PRO A 1 42  ? 15.994  -19.533 5.085   1.00 46.06 ? 42   PRO A CA  1 
ATOM   313  C C   . PRO A 1 42  ? 16.277  -19.666 6.584   1.00 46.01 ? 42   PRO A C   1 
ATOM   314  O O   . PRO A 1 42  ? 15.662  -20.499 7.237   1.00 46.74 ? 42   PRO A O   1 
ATOM   315  C CB  . PRO A 1 42  ? 17.042  -20.281 4.257   1.00 46.32 ? 42   PRO A CB  1 
ATOM   316  C CG  . PRO A 1 42  ? 16.989  -19.596 2.920   1.00 46.23 ? 42   PRO A CG  1 
ATOM   317  C CD  . PRO A 1 42  ? 16.808  -18.131 3.260   1.00 46.21 ? 42   PRO A CD  1 
ATOM   318  N N   . LYS A 1 43  ? 17.170  -18.865 7.141   1.00 46.04 ? 43   LYS A N   1 
ATOM   319  C CA  . LYS A 1 43  ? 17.433  -18.951 8.585   1.00 46.53 ? 43   LYS A CA  1 
ATOM   320  C C   . LYS A 1 43  ? 16.495  -18.103 9.449   1.00 45.76 ? 43   LYS A C   1 
ATOM   321  O O   . LYS A 1 43  ? 16.271  -18.418 10.631  1.00 45.12 ? 43   LYS A O   1 
ATOM   322  C CB  . LYS A 1 43  ? 18.898  -18.648 8.926   1.00 46.93 ? 43   LYS A CB  1 
ATOM   323  C CG  . LYS A 1 43  ? 19.439  -17.312 8.430   1.00 47.87 ? 43   LYS A CG  1 
ATOM   324  C CD  . LYS A 1 43  ? 20.933  -17.194 8.744   1.00 48.48 ? 43   LYS A CD  1 
ATOM   325  C CE  . LYS A 1 43  ? 21.173  -17.211 10.256  1.00 51.86 ? 43   LYS A CE  1 
ATOM   326  N NZ  . LYS A 1 43  ? 22.567  -17.605 10.603  1.00 52.90 ? 43   LYS A NZ  1 
ATOM   327  N N   . ILE A 1 44  ? 15.940  -17.053 8.843   1.00 45.07 ? 44   ILE A N   1 
ATOM   328  C CA  . ILE A 1 44  ? 14.996  -16.151 9.515   1.00 44.34 ? 44   ILE A CA  1 
ATOM   329  C C   . ILE A 1 44  ? 13.573  -16.747 9.566   1.00 43.83 ? 44   ILE A C   1 
ATOM   330  O O   . ILE A 1 44  ? 12.875  -16.596 10.570  1.00 43.68 ? 44   ILE A O   1 
ATOM   331  C CB  . ILE A 1 44  ? 15.004  -14.730 8.849   1.00 44.49 ? 44   ILE A CB  1 
ATOM   332  C CG1 . ILE A 1 44  ? 16.400  -14.066 8.952   1.00 43.88 ? 44   ILE A CG1 1 
ATOM   333  C CG2 . ILE A 1 44  ? 13.849  -13.842 9.366   1.00 43.91 ? 44   ILE A CG2 1 
ATOM   334  C CD1 . ILE A 1 44  ? 16.911  -13.785 10.362  1.00 43.24 ? 44   ILE A CD1 1 
ATOM   335  N N   . LYS A 1 45  ? 13.172  -17.445 8.500   1.00 43.47 ? 45   LYS A N   1 
ATOM   336  C CA  . LYS A 1 45  ? 11.808  -18.011 8.355   1.00 43.03 ? 45   LYS A CA  1 
ATOM   337  C C   . LYS A 1 45  ? 11.226  -18.727 9.585   1.00 43.73 ? 45   LYS A C   1 
ATOM   338  O O   . LYS A 1 45  ? 10.081  -18.447 9.949   1.00 44.05 ? 45   LYS A O   1 
ATOM   339  C CB  . LYS A 1 45  ? 11.709  -18.908 7.109   1.00 42.74 ? 45   LYS A CB  1 
ATOM   340  C CG  . LYS A 1 45  ? 10.348  -19.548 6.868   1.00 41.17 ? 45   LYS A CG  1 
ATOM   341  C CD  . LYS A 1 45  ? 10.327  -20.254 5.502   1.00 41.86 ? 45   LYS A CD  1 
ATOM   342  C CE  . LYS A 1 45  ? 9.017   -21.001 5.222   1.00 40.37 ? 45   LYS A CE  1 
ATOM   343  N NZ  . LYS A 1 45  ? 7.918   -20.128 4.711   1.00 39.52 ? 45   LYS A NZ  1 
ATOM   344  N N   . PRO A 1 46  ? 11.989  -19.658 10.219  1.00 44.08 ? 46   PRO A N   1 
ATOM   345  C CA  . PRO A 1 46  ? 11.510  -20.323 11.450  1.00 43.90 ? 46   PRO A CA  1 
ATOM   346  C C   . PRO A 1 46  ? 11.312  -19.427 12.684  1.00 43.52 ? 46   PRO A C   1 
ATOM   347  O O   . PRO A 1 46  ? 10.575  -19.823 13.599  1.00 43.36 ? 46   PRO A O   1 
ATOM   348  C CB  . PRO A 1 46  ? 12.602  -21.366 11.739  1.00 44.34 ? 46   PRO A CB  1 
ATOM   349  C CG  . PRO A 1 46  ? 13.311  -21.561 10.420  1.00 44.71 ? 46   PRO A CG  1 
ATOM   350  C CD  . PRO A 1 46  ? 13.301  -20.194 9.805   1.00 44.30 ? 46   PRO A CD  1 
ATOM   351  N N   . THR A 1 47  ? 11.959  -18.257 12.730  1.00 43.05 ? 47   THR A N   1 
ATOM   352  C CA  . THR A 1 47  ? 11.767  -17.320 13.865  1.00 42.67 ? 47   THR A CA  1 
ATOM   353  C C   . THR A 1 47  ? 10.524  -16.427 13.731  1.00 41.83 ? 47   THR A C   1 
ATOM   354  O O   . THR A 1 47  ? 10.194  -15.666 14.653  1.00 41.78 ? 47   THR A O   1 
ATOM   355  C CB  . THR A 1 47  ? 13.008  -16.435 14.156  1.00 42.90 ? 47   THR A CB  1 
ATOM   356  O OG1 . THR A 1 47  ? 13.345  -15.663 12.997  1.00 43.73 ? 47   THR A OG1 1 
ATOM   357  C CG2 . THR A 1 47  ? 14.221  -17.295 14.585  1.00 43.55 ? 47   THR A CG2 1 
ATOM   358  N N   . ILE A 1 48  ? 9.835   -16.553 12.597  1.00 40.41 ? 48   ILE A N   1 
ATOM   359  C CA  . ILE A 1 48  ? 8.647   -15.767 12.299  1.00 39.58 ? 48   ILE A CA  1 
ATOM   360  C C   . ILE A 1 48  ? 7.372   -16.600 12.471  1.00 39.62 ? 48   ILE A C   1 
ATOM   361  O O   . ILE A 1 48  ? 7.164   -17.580 11.738  1.00 39.18 ? 48   ILE A O   1 
ATOM   362  C CB  . ILE A 1 48  ? 8.667   -15.197 10.847  1.00 38.99 ? 48   ILE A CB  1 
ATOM   363  C CG1 . ILE A 1 48  ? 9.986   -14.460 10.517  1.00 38.48 ? 48   ILE A CG1 1 
ATOM   364  C CG2 . ILE A 1 48  ? 7.430   -14.358 10.587  1.00 38.40 ? 48   ILE A CG2 1 
ATOM   365  C CD1 . ILE A 1 48  ? 10.171  -13.086 11.153  1.00 37.74 ? 48   ILE A CD1 1 
ATOM   366  N N   . PRO A 1 49  ? 6.520   -16.223 13.448  1.00 39.33 ? 49   PRO A N   1 
ATOM   367  C CA  . PRO A 1 49  ? 5.200   -16.826 13.606  1.00 38.90 ? 49   PRO A CA  1 
ATOM   368  C C   . PRO A 1 49  ? 4.451   -16.857 12.290  1.00 38.38 ? 49   PRO A C   1 
ATOM   369  O O   . PRO A 1 49  ? 4.156   -15.794 11.708  1.00 37.88 ? 49   PRO A O   1 
ATOM   370  C CB  . PRO A 1 49  ? 4.508   -15.892 14.602  1.00 39.07 ? 49   PRO A CB  1 
ATOM   371  C CG  . PRO A 1 49  ? 5.644   -15.470 15.510  1.00 39.78 ? 49   PRO A CG  1 
ATOM   372  C CD  . PRO A 1 49  ? 6.801   -15.250 14.523  1.00 39.80 ? 49   PRO A CD  1 
ATOM   373  N N   . GLY A 1 50  ? 4.179   -18.080 11.818  1.00 37.37 ? 50   GLY A N   1 
ATOM   374  C CA  . GLY A 1 50  ? 3.503   -18.292 10.535  1.00 36.44 ? 50   GLY A CA  1 
ATOM   375  C C   . GLY A 1 50  ? 4.460   -18.441 9.369   1.00 35.45 ? 50   GLY A C   1 
ATOM   376  O O   . GLY A 1 50  ? 4.044   -18.838 8.281   1.00 36.05 ? 50   GLY A O   1 
ATOM   377  N N   . GLY A 1 51  ? 5.732   -18.106 9.601   1.00 34.36 ? 51   GLY A N   1 
ATOM   378  C CA  . GLY A 1 51  ? 6.816   -18.261 8.619   1.00 33.00 ? 51   GLY A CA  1 
ATOM   379  C C   . GLY A 1 51  ? 6.668   -17.485 7.318   1.00 32.10 ? 51   GLY A C   1 
ATOM   380  O O   . GLY A 1 51  ? 7.243   -17.866 6.295   1.00 32.13 ? 51   GLY A O   1 
ATOM   381  N N   . ARG A 1 52  ? 5.895   -16.397 7.351   1.00 30.67 ? 52   ARG A N   1 
ATOM   382  C CA  . ARG A 1 52  ? 5.638   -15.587 6.167   1.00 29.11 ? 52   ARG A CA  1 
ATOM   383  C C   . ARG A 1 52  ? 5.845   -14.132 6.507   1.00 28.52 ? 52   ARG A C   1 
ATOM   384  O O   . ARG A 1 52  ? 5.707   -13.731 7.668   1.00 28.68 ? 52   ARG A O   1 
ATOM   385  C CB  A ARG A 1 52  ? 4.171   -15.742 5.760   0.50 29.59 ? 52   ARG A CB  1 
ATOM   386  C CB  B ARG A 1 52  ? 4.237   -15.834 5.609   0.50 29.08 ? 52   ARG A CB  1 
ATOM   387  C CG  A ARG A 1 52  ? 3.815   -17.005 5.012   0.50 30.09 ? 52   ARG A CG  1 
ATOM   388  C CG  B ARG A 1 52  ? 3.941   -17.291 5.223   0.50 27.78 ? 52   ARG A CG  1 
ATOM   389  C CD  A ARG A 1 52  ? 4.008   -16.772 3.538   0.50 30.76 ? 52   ARG A CD  1 
ATOM   390  C CD  B ARG A 1 52  ? 2.778   -17.344 4.257   0.50 24.74 ? 52   ARG A CD  1 
ATOM   391  N NE  A ARG A 1 52  ? 3.159   -17.629 2.725   0.50 31.27 ? 52   ARG A NE  1 
ATOM   392  N NE  B ARG A 1 52  ? 1.689   -16.505 4.745   0.50 23.08 ? 52   ARG A NE  1 
ATOM   393  C CZ  A ARG A 1 52  ? 2.034   -17.239 2.141   0.50 31.03 ? 52   ARG A CZ  1 
ATOM   394  C CZ  B ARG A 1 52  ? 0.717   -16.012 3.995   0.50 20.24 ? 52   ARG A CZ  1 
ATOM   395  N NH1 A ARG A 1 52  ? 1.598   -15.997 2.269   0.50 31.31 ? 52   ARG A NH1 1 
ATOM   396  N NH1 B ARG A 1 52  ? 0.670   -16.247 2.693   0.50 21.19 ? 52   ARG A NH1 1 
ATOM   397  N NH2 A ARG A 1 52  ? 1.339   -18.099 1.421   0.50 32.91 ? 52   ARG A NH2 1 
ATOM   398  N NH2 B ARG A 1 52  ? -0.204  -15.270 4.557   0.50 18.74 ? 52   ARG A NH2 1 
ATOM   399  N N   . LEU A 1 53  ? 6.146   -13.327 5.498   1.00 27.13 ? 53   LEU A N   1 
ATOM   400  C CA  . LEU A 1 53  ? 6.242   -11.895 5.693   1.00 26.25 ? 53   LEU A CA  1 
ATOM   401  C C   . LEU A 1 53  ? 5.193   -11.134 4.851   1.00 25.93 ? 53   LEU A C   1 
ATOM   402  O O   . LEU A 1 53  ? 4.733   -11.645 3.840   1.00 26.17 ? 53   LEU A O   1 
ATOM   403  C CB  . LEU A 1 53  ? 7.662   -11.434 5.374   1.00 25.92 ? 53   LEU A CB  1 
ATOM   404  C CG  . LEU A 1 53  ? 8.807   -11.922 6.260   1.00 24.59 ? 53   LEU A CG  1 
ATOM   405  C CD1 . LEU A 1 53  ? 10.119  -11.292 5.778   1.00 20.86 ? 53   LEU A CD1 1 
ATOM   406  C CD2 . LEU A 1 53  ? 8.569   -11.637 7.768   1.00 22.14 ? 53   LEU A CD2 1 
ATOM   407  N N   . PRO A 1 54  ? 4.816   -9.906  5.254   1.00 25.64 ? 54   PRO A N   1 
ATOM   408  C CA  . PRO A 1 54  ? 5.340   -9.084  6.345   1.00 25.60 ? 54   PRO A CA  1 
ATOM   409  C C   . PRO A 1 54  ? 4.855   -9.563  7.710   1.00 25.56 ? 54   PRO A C   1 
ATOM   410  O O   . PRO A 1 54  ? 3.757   -10.143 7.821   1.00 25.06 ? 54   PRO A O   1 
ATOM   411  C CB  . PRO A 1 54  ? 4.753   -7.692  6.065   1.00 25.15 ? 54   PRO A CB  1 
ATOM   412  C CG  . PRO A 1 54  ? 4.004   -7.817  4.775   1.00 25.15 ? 54   PRO A CG  1 
ATOM   413  C CD  . PRO A 1 54  ? 3.704   -9.237  4.571   1.00 25.33 ? 54   PRO A CD  1 
ATOM   414  N N   . ALA A 1 55  ? 5.687   -9.310  8.718   1.00 25.21 ? 55   ALA A N   1 
ATOM   415  C CA  . ALA A 1 55  ? 5.368   -9.547  10.114  1.00 25.04 ? 55   ALA A CA  1 
ATOM   416  C C   . ALA A 1 55  ? 5.781   -8.324  10.921  1.00 25.25 ? 55   ALA A C   1 
ATOM   417  O O   . ALA A 1 55  ? 6.752   -7.639  10.600  1.00 26.07 ? 55   ALA A O   1 
ATOM   418  C CB  . ALA A 1 55  ? 6.081   -10.788 10.624  1.00 25.15 ? 55   ALA A CB  1 
ATOM   419  N N   . VAL A 1 56  ? 5.025   -8.032  11.968  1.00 25.32 ? 56   VAL A N   1 
ATOM   420  C CA  . VAL A 1 56  ? 5.288   -6.860  12.782  1.00 24.71 ? 56   VAL A CA  1 
ATOM   421  C C   . VAL A 1 56  ? 5.470   -7.315  14.224  1.00 24.68 ? 56   VAL A C   1 
ATOM   422  O O   . VAL A 1 56  ? 4.644   -8.064  14.782  1.00 23.67 ? 56   VAL A O   1 
ATOM   423  C CB  . VAL A 1 56  ? 4.172   -5.803  12.614  1.00 24.19 ? 56   VAL A CB  1 
ATOM   424  C CG1 . VAL A 1 56  ? 4.340   -4.690  13.583  1.00 23.63 ? 56   VAL A CG1 1 
ATOM   425  C CG2 . VAL A 1 56  ? 4.207   -5.260  11.205  1.00 25.17 ? 56   VAL A CG2 1 
ATOM   426  N N   . LYS A 1 57  ? 6.592   -6.901  14.789  1.00 24.87 ? 57   LYS A N   1 
ATOM   427  C CA  . LYS A 1 57  ? 6.916   -7.239  16.155  1.00 26.20 ? 57   LYS A CA  1 
ATOM   428  C C   . LYS A 1 57  ? 6.911   -5.978  16.998  1.00 26.17 ? 57   LYS A C   1 
ATOM   429  O O   . LYS A 1 57  ? 7.746   -5.083  16.810  1.00 26.27 ? 57   LYS A O   1 
ATOM   430  C CB  . LYS A 1 57  ? 8.266   -7.954  16.255  1.00 25.96 ? 57   LYS A CB  1 
ATOM   431  C CG  . LYS A 1 57  ? 8.572   -8.452  17.670  1.00 27.68 ? 57   LYS A CG  1 
ATOM   432  C CD  . LYS A 1 57  ? 9.997   -8.992  17.798  1.00 27.18 ? 57   LYS A CD  1 
ATOM   433  C CE  . LYS A 1 57  ? 10.219  -9.597  19.173  1.00 28.58 ? 57   LYS A CE  1 
ATOM   434  N NZ  . LYS A 1 57  ? 11.613  -10.048 19.322  1.00 31.54 ? 57   LYS A NZ  1 
ATOM   435  N N   . ILE A 1 58  ? 5.957   -5.928  17.927  1.00 26.44 ? 58   ILE A N   1 
ATOM   436  C CA  . ILE A 1 58  ? 5.771   -4.798  18.819  1.00 26.31 ? 58   ILE A CA  1 
ATOM   437  C C   . ILE A 1 58  ? 6.244   -5.180  20.238  1.00 27.23 ? 58   ILE A C   1 
ATOM   438  O O   . ILE A 1 58  ? 5.724   -6.124  20.852  1.00 27.02 ? 58   ILE A O   1 
ATOM   439  C CB  . ILE A 1 58  ? 4.290   -4.363  18.815  1.00 26.60 ? 58   ILE A CB  1 
ATOM   440  C CG1 . ILE A 1 58  ? 3.830   -4.018  17.372  1.00 26.72 ? 58   ILE A CG1 1 
ATOM   441  C CG2 . ILE A 1 58  ? 4.052   -3.225  19.819  1.00 26.27 ? 58   ILE A CG2 1 
ATOM   442  C CD1 . ILE A 1 58  ? 2.342   -3.596  17.237  1.00 24.76 ? 58   ILE A CD1 1 
ATOM   443  N N   . THR A 1 59  ? 7.255   -4.463  20.728  1.00 27.86 ? 59   THR A N   1 
ATOM   444  C CA  . THR A 1 59  ? 7.788   -4.664  22.080  1.00 28.85 ? 59   THR A CA  1 
ATOM   445  C C   . THR A 1 59  ? 7.572   -3.459  23.019  1.00 29.15 ? 59   THR A C   1 
ATOM   446  O O   . THR A 1 59  ? 7.872   -2.312  22.699  1.00 29.18 ? 59   THR A O   1 
ATOM   447  C CB  . THR A 1 59  ? 9.287   -5.054  22.101  1.00 28.04 ? 59   THR A CB  1 
ATOM   448  O OG1 . THR A 1 59  ? 10.046  -4.021  21.470  1.00 30.94 ? 59   THR A OG1 1 
ATOM   449  C CG2 . THR A 1 59  ? 9.536   -6.352  21.376  1.00 27.45 ? 59   THR A CG2 1 
ATOM   450  N N   . ASP A 1 60  ? 7.063   -3.811  24.187  1.00 29.69 ? 60   ASP A N   1 
ATOM   451  C CA  . ASP A 1 60  ? 6.785   -3.004  25.360  1.00 30.52 ? 60   ASP A CA  1 
ATOM   452  C C   . ASP A 1 60  ? 8.028   -2.529  26.097  1.00 30.15 ? 60   ASP A C   1 
ATOM   453  O O   . ASP A 1 60  ? 9.076   -3.159  25.989  1.00 29.80 ? 60   ASP A O   1 
ATOM   454  C CB  . ASP A 1 60  ? 6.186   -4.011  26.340  1.00 31.29 ? 60   ASP A CB  1 
ATOM   455  C CG  . ASP A 1 60  ? 5.021   -3.515  26.999  1.00 32.47 ? 60   ASP A CG  1 
ATOM   456  O OD1 . ASP A 1 60  ? 5.041   -3.529  28.226  1.00 38.95 ? 60   ASP A OD1 1 
ATOM   457  O OD2 . ASP A 1 60  ? 4.077   -3.112  26.304  1.00 36.23 ? 60   ASP A OD2 1 
ATOM   458  N N   . ASN A 1 61  ? 7.883   -1.503  26.941  1.00 29.35 ? 61   ASN A N   1 
ATOM   459  C CA  . ASN A 1 61  ? 8.898   -1.217  27.964  1.00 28.74 ? 61   ASN A CA  1 
ATOM   460  C C   . ASN A 1 61  ? 8.706   -2.042  29.256  1.00 28.53 ? 61   ASN A C   1 
ATOM   461  O O   . ASN A 1 61  ? 9.367   -1.794  30.277  1.00 27.89 ? 61   ASN A O   1 
ATOM   462  C CB  . ASN A 1 61  ? 8.981   0.290   28.269  1.00 29.29 ? 61   ASN A CB  1 
ATOM   463  C CG  . ASN A 1 61  ? 7.881   0.779   29.222  1.00 30.02 ? 61   ASN A CG  1 
ATOM   464  O OD1 . ASN A 1 61  ? 8.019   1.840   29.820  1.00 28.88 ? 61   ASN A OD1 1 
ATOM   465  N ND2 . ASN A 1 61  ? 6.792   0.013   29.360  1.00 32.10 ? 61   ASN A ND2 1 
ATOM   466  N N   . HIS A 1 62  ? 7.788   -3.011  29.198  1.00 27.82 ? 62   HIS A N   1 
ATOM   467  C CA  . HIS A 1 62  ? 7.559   -3.959  30.288  1.00 27.06 ? 62   HIS A CA  1 
ATOM   468  C C   . HIS A 1 62  ? 7.700   -5.426  29.840  1.00 26.92 ? 62   HIS A C   1 
ATOM   469  O O   . HIS A 1 62  ? 7.114   -6.323  30.444  1.00 26.59 ? 62   HIS A O   1 
ATOM   470  C CB  . HIS A 1 62  ? 6.204   -3.691  30.934  1.00 26.69 ? 62   HIS A CB  1 
ATOM   471  C CG  . HIS A 1 62  ? 6.227   -2.543  31.896  1.00 27.62 ? 62   HIS A CG  1 
ATOM   472  N ND1 . HIS A 1 62  ? 6.017   -1.234  31.499  1.00 26.21 ? 62   HIS A ND1 1 
ATOM   473  C CD2 . HIS A 1 62  ? 6.496   -2.502  33.225  1.00 23.07 ? 62   HIS A CD2 1 
ATOM   474  C CE1 . HIS A 1 62  ? 6.145   -0.441  32.549  1.00 26.24 ? 62   HIS A CE1 1 
ATOM   475  N NE2 . HIS A 1 62  ? 6.433   -1.185  33.605  1.00 24.52 ? 62   HIS A NE2 1 
ATOM   476  N N   . GLY A 1 63  ? 8.468   -5.653  28.771  1.00 26.94 ? 63   GLY A N   1 
ATOM   477  C CA  . GLY A 1 63  ? 8.799   -7.005  28.306  1.00 26.85 ? 63   GLY A CA  1 
ATOM   478  C C   . GLY A 1 63  ? 7.811   -7.729  27.403  1.00 27.47 ? 63   GLY A C   1 
ATOM   479  O O   . GLY A 1 63  ? 8.108   -8.815  26.913  1.00 27.58 ? 63   GLY A O   1 
ATOM   480  N N   . HIS A 1 64  ? 6.631   -7.157  27.177  1.00 28.07 ? 64   HIS A N   1 
ATOM   481  C CA  . HIS A 1 64  ? 5.626   -7.822  26.344  1.00 28.17 ? 64   HIS A CA  1 
ATOM   482  C C   . HIS A 1 64  ? 6.052   -7.749  24.892  1.00 28.92 ? 64   HIS A C   1 
ATOM   483  O O   . HIS A 1 64  ? 6.723   -6.788  24.465  1.00 28.54 ? 64   HIS A O   1 
ATOM   484  C CB  . HIS A 1 64  ? 4.230   -7.227  26.523  1.00 27.91 ? 64   HIS A CB  1 
ATOM   485  C CG  . HIS A 1 64  ? 3.766   -7.204  27.948  1.00 28.94 ? 64   HIS A CG  1 
ATOM   486  N ND1 . HIS A 1 64  ? 3.576   -6.029  28.655  1.00 29.04 ? 64   HIS A ND1 1 
ATOM   487  C CD2 . HIS A 1 64  ? 3.486   -8.211  28.807  1.00 29.07 ? 64   HIS A CD2 1 
ATOM   488  C CE1 . HIS A 1 64  ? 3.175   -6.315  29.879  1.00 29.95 ? 64   HIS A CE1 1 
ATOM   489  N NE2 . HIS A 1 64  ? 3.119   -7.631  30.001  1.00 31.49 ? 64   HIS A NE2 1 
ATOM   490  N N   . VAL A 1 65  ? 5.677   -8.791  24.150  1.00 29.14 ? 65   VAL A N   1 
ATOM   491  C CA  . VAL A 1 65  ? 6.052   -8.947  22.759  1.00 29.36 ? 65   VAL A CA  1 
ATOM   492  C C   . VAL A 1 65  ? 4.789   -9.353  22.017  1.00 30.21 ? 65   VAL A C   1 
ATOM   493  O O   . VAL A 1 65  ? 4.140   -10.361 22.336  1.00 30.57 ? 65   VAL A O   1 
ATOM   494  C CB  . VAL A 1 65  ? 7.158   -10.017 22.580  1.00 29.42 ? 65   VAL A CB  1 
ATOM   495  C CG1 . VAL A 1 65  ? 7.323   -10.401 21.109  1.00 29.23 ? 65   VAL A CG1 1 
ATOM   496  C CG2 . VAL A 1 65  ? 8.500   -9.549  23.183  1.00 28.05 ? 65   VAL A CG2 1 
ATOM   497  N N   . LYS A 1 66  ? 4.417   -8.549  21.036  1.00 30.31 ? 66   LYS A N   1 
ATOM   498  C CA  . LYS A 1 66  ? 3.232   -8.844  20.272  1.00 30.22 ? 66   LYS A CA  1 
ATOM   499  C C   . LYS A 1 66  ? 3.636   -9.039  18.810  1.00 29.48 ? 66   LYS A C   1 
ATOM   500  O O   . LYS A 1 66  ? 4.330   -8.189  18.226  1.00 29.55 ? 66   LYS A O   1 
ATOM   501  C CB  . LYS A 1 66  ? 2.232   -7.713  20.453  1.00 30.40 ? 66   LYS A CB  1 
ATOM   502  C CG  . LYS A 1 66  ? 0.863   -7.994  19.929  1.00 32.87 ? 66   LYS A CG  1 
ATOM   503  C CD  . LYS A 1 66  ? 0.017   -6.764  20.165  1.00 36.31 ? 66   LYS A CD  1 
ATOM   504  C CE  . LYS A 1 66  ? -1.025  -6.601  19.087  1.00 36.55 ? 66   LYS A CE  1 
ATOM   505  N NZ  . LYS A 1 66  ? -2.031  -5.583  19.544  1.00 40.47 ? 66   LYS A NZ  1 
ATOM   506  N N   . TRP A 1 67  ? 3.247   -10.181 18.244  1.00 28.50 ? 67   TRP A N   1 
ATOM   507  C CA  . TRP A 1 67  ? 3.486   -10.456 16.834  1.00 28.01 ? 67   TRP A CA  1 
ATOM   508  C C   . TRP A 1 67  ? 2.201   -10.267 16.042  1.00 27.38 ? 67   TRP A C   1 
ATOM   509  O O   . TRP A 1 67  ? 1.135   -10.768 16.453  1.00 27.29 ? 67   TRP A O   1 
ATOM   510  C CB  . TRP A 1 67  ? 3.964   -11.885 16.625  1.00 28.15 ? 67   TRP A CB  1 
ATOM   511  C CG  . TRP A 1 67  ? 5.382   -12.130 16.976  1.00 28.21 ? 67   TRP A CG  1 
ATOM   512  C CD1 . TRP A 1 67  ? 5.846   -12.622 18.155  1.00 27.83 ? 67   TRP A CD1 1 
ATOM   513  C CD2 . TRP A 1 67  ? 6.533   -11.935 16.134  1.00 29.38 ? 67   TRP A CD2 1 
ATOM   514  N NE1 . TRP A 1 67  ? 7.216   -12.732 18.117  1.00 29.67 ? 67   TRP A NE1 1 
ATOM   515  C CE2 . TRP A 1 67  ? 7.668   -12.319 16.889  1.00 29.43 ? 67   TRP A CE2 1 
ATOM   516  C CE3 . TRP A 1 67  ? 6.716   -11.472 14.818  1.00 29.11 ? 67   TRP A CE3 1 
ATOM   517  C CZ2 . TRP A 1 67  ? 8.976   -12.254 16.376  1.00 28.54 ? 67   TRP A CZ2 1 
ATOM   518  C CZ3 . TRP A 1 67  ? 8.012   -11.406 14.302  1.00 28.83 ? 67   TRP A CZ3 1 
ATOM   519  C CH2 . TRP A 1 67  ? 9.131   -11.807 15.085  1.00 28.86 ? 67   TRP A CH2 1 
ATOM   520  N N   . MET A 1 68  ? 2.313   -9.550  14.925  1.00 26.23 ? 68   MET A N   1 
ATOM   521  C CA  . MET A 1 68  ? 1.207   -9.358  13.979  1.00 25.74 ? 68   MET A CA  1 
ATOM   522  C C   . MET A 1 68  ? 1.613   -9.819  12.581  1.00 26.08 ? 68   MET A C   1 
ATOM   523  O O   . MET A 1 68  ? 2.733   -9.535  12.120  1.00 26.44 ? 68   MET A O   1 
ATOM   524  C CB  . MET A 1 68  ? 0.792   -7.883  13.916  1.00 25.10 ? 68   MET A CB  1 
ATOM   525  C CG  . MET A 1 68  ? 0.621   -7.232  15.285  1.00 24.67 ? 68   MET A CG  1 
ATOM   526  S SD  . MET A 1 68  ? -0.230  -5.644  15.315  1.00 24.56 ? 68   MET A SD  1 
ATOM   527  C CE  . MET A 1 68  ? -1.854  -6.101  14.754  1.00 20.49 ? 68   MET A CE  1 
ATOM   528  N N   . VAL A 1 69  ? 0.704   -10.521 11.908  1.00 25.38 ? 69   VAL A N   1 
ATOM   529  C CA  . VAL A 1 69  ? 0.898   -10.899 10.513  1.00 24.60 ? 69   VAL A CA  1 
ATOM   530  C C   . VAL A 1 69  ? -0.315  -10.463 9.703   1.00 24.29 ? 69   VAL A C   1 
ATOM   531  O O   . VAL A 1 69  ? -1.293  -9.983  10.279  1.00 24.56 ? 69   VAL A O   1 
ATOM   532  C CB  . VAL A 1 69  ? 1.152   -12.422 10.343  1.00 24.80 ? 69   VAL A CB  1 
ATOM   533  C CG1 . VAL A 1 69  ? 2.337   -12.903 11.253  1.00 24.49 ? 69   VAL A CG1 1 
ATOM   534  C CG2 . VAL A 1 69  ? -0.105  -13.220 10.623  1.00 24.67 ? 69   VAL A CG2 1 
ATOM   535  N N   . GLU A 1 70  ? -0.238  -10.625 8.376   1.00 23.26 ? 70   GLU A N   1 
ATOM   536  C CA  . GLU A 1 70  ? -1.313  -10.286 7.437   1.00 22.07 ? 70   GLU A CA  1 
ATOM   537  C C   . GLU A 1 70  ? -1.400  -8.789  7.231   1.00 21.89 ? 70   GLU A C   1 
ATOM   538  O O   . GLU A 1 70  ? -2.025  -8.056  8.017   1.00 20.88 ? 70   GLU A O   1 
ATOM   539  C CB  . GLU A 1 70  ? -2.666  -10.873 7.844   1.00 22.20 ? 70   GLU A CB  1 
ATOM   540  C CG  . GLU A 1 70  ? -3.709  -10.822 6.735   1.00 20.32 ? 70   GLU A CG  1 
ATOM   541  C CD  . GLU A 1 70  ? -3.292  -11.602 5.508   1.00 20.18 ? 70   GLU A CD  1 
ATOM   542  O OE1 . GLU A 1 70  ? -3.529  -11.111 4.371   1.00 18.07 ? 70   GLU A OE1 1 
ATOM   543  O OE2 . GLU A 1 70  ? -2.717  -12.711 5.688   1.00 19.70 ? 70   GLU A OE2 1 
ATOM   544  N N   . SER A 1 71  ? -0.768  -8.355  6.144   1.00 21.30 ? 71   SER A N   1 
ATOM   545  C CA  . SER A 1 71  ? -0.411  -6.969  5.970   1.00 20.96 ? 71   SER A CA  1 
ATOM   546  C C   . SER A 1 71  ? -1.582  -6.027  6.134   1.00 20.63 ? 71   SER A C   1 
ATOM   547  O O   . SER A 1 71  ? -1.520  -5.156  7.003   1.00 21.15 ? 71   SER A O   1 
ATOM   548  C CB  . SER A 1 71  ? 0.329   -6.753  4.654   1.00 21.21 ? 71   SER A CB  1 
ATOM   549  O OG  . SER A 1 71  ? -0.491  -7.059  3.550   1.00 22.38 ? 71   SER A OG  1 
ATOM   550  N N   . LEU A 1 72  ? -2.662  -6.210  5.360   1.00 20.18 ? 72   LEU A N   1 
ATOM   551  C CA  . LEU A 1 72  ? -3.804  -5.263  5.430   1.00 19.31 ? 72   LEU A CA  1 
ATOM   552  C C   . LEU A 1 72  ? -4.640  -5.364  6.691   1.00 19.51 ? 72   LEU A C   1 
ATOM   553  O O   . LEU A 1 72  ? -5.399  -4.436  7.015   1.00 19.94 ? 72   LEU A O   1 
ATOM   554  C CB  . LEU A 1 72  ? -4.701  -5.346  4.209   1.00 19.35 ? 72   LEU A CB  1 
ATOM   555  C CG  . LEU A 1 72  ? -4.102  -4.840  2.898   1.00 20.33 ? 72   LEU A CG  1 
ATOM   556  C CD1 . LEU A 1 72  ? -5.073  -5.096  1.745   1.00 20.43 ? 72   LEU A CD1 1 
ATOM   557  C CD2 . LEU A 1 72  ? -3.671  -3.367  2.995   1.00 19.29 ? 72   LEU A CD2 1 
ATOM   558  N N   . ALA A 1 73  ? -4.505  -6.477  7.412   1.00 18.92 ? 73   ALA A N   1 
ATOM   559  C CA  . ALA A 1 73  ? -5.085  -6.586  8.740   1.00 18.13 ? 73   ALA A CA  1 
ATOM   560  C C   . ALA A 1 73  ? -4.276  -5.702  9.693   1.00 17.61 ? 73   ALA A C   1 
ATOM   561  O O   . ALA A 1 73  ? -4.852  -4.976  10.526  1.00 18.01 ? 73   ALA A O   1 
ATOM   562  C CB  . ALA A 1 73  ? -5.110  -8.050  9.210   1.00 17.76 ? 73   ALA A CB  1 
ATOM   563  N N   . ILE A 1 74  ? -2.951  -5.738  9.555   1.00 16.30 ? 74   ILE A N   1 
ATOM   564  C CA  . ILE A 1 74  ? -2.098  -4.867  10.354  1.00 15.88 ? 74   ILE A CA  1 
ATOM   565  C C   . ILE A 1 74  ? -2.340  -3.405  9.983   1.00 16.52 ? 74   ILE A C   1 
ATOM   566  O O   . ILE A 1 74  ? -2.549  -2.555  10.855  1.00 16.34 ? 74   ILE A O   1 
ATOM   567  C CB  . ILE A 1 74  ? -0.614  -5.179  10.160  1.00 16.12 ? 74   ILE A CB  1 
ATOM   568  C CG1 . ILE A 1 74  ? -0.320  -6.643  10.549  1.00 13.99 ? 74   ILE A CG1 1 
ATOM   569  C CG2 . ILE A 1 74  ? 0.251   -4.119  10.883  1.00 14.18 ? 74   ILE A CG2 1 
ATOM   570  C CD1 . ILE A 1 74  ? 1.029   -7.149  10.120  1.00 14.20 ? 74   ILE A CD1 1 
ATOM   571  N N   . ALA A 1 75  ? -2.347  -3.112  8.682   1.00 16.57 ? 75   ALA A N   1 
ATOM   572  C CA  . ALA A 1 75  ? -2.523  -1.746  8.267   1.00 16.37 ? 75   ALA A CA  1 
ATOM   573  C C   . ALA A 1 75  ? -3.840  -1.226  8.820   1.00 17.16 ? 75   ALA A C   1 
ATOM   574  O O   . ALA A 1 75  ? -3.882  -0.111  9.346   1.00 16.78 ? 75   ALA A O   1 
ATOM   575  C CB  . ALA A 1 75  ? -2.441  -1.610  6.765   1.00 15.51 ? 75   ALA A CB  1 
ATOM   576  N N   . ARG A 1 76  ? -4.898  -2.042  8.749   1.00 17.60 ? 76   ARG A N   1 
ATOM   577  C CA  . ARG A 1 76  ? -6.233  -1.580  9.181   1.00 18.26 ? 76   ARG A CA  1 
ATOM   578  C C   . ARG A 1 76  ? -6.288  -1.365  10.655  1.00 19.13 ? 76   ARG A C   1 
ATOM   579  O O   . ARG A 1 76  ? -6.925  -0.429  11.124  1.00 20.73 ? 76   ARG A O   1 
ATOM   580  C CB  . ARG A 1 76  ? -7.359  -2.566  8.807   1.00 18.18 ? 76   ARG A CB  1 
ATOM   581  C CG  . ARG A 1 76  ? -7.677  -2.680  7.326   1.00 14.97 ? 76   ARG A CG  1 
ATOM   582  C CD  . ARG A 1 76  ? -8.680  -3.778  7.107   1.00 15.47 ? 76   ARG A CD  1 
ATOM   583  N NE  . ARG A 1 76  ? -9.333  -3.676  5.806   1.00 17.00 ? 76   ARG A NE  1 
ATOM   584  C CZ  . ARG A 1 76  ? -9.006  -4.394  4.722   1.00 16.15 ? 76   ARG A CZ  1 
ATOM   585  N NH1 . ARG A 1 76  ? -9.672  -4.220  3.585   1.00 12.72 ? 76   ARG A NH1 1 
ATOM   586  N NH2 . ARG A 1 76  ? -8.023  -5.286  4.769   1.00 16.48 ? 76   ARG A NH2 1 
ATOM   587  N N   . TYR A 1 77  ? -5.664  -2.257  11.408  1.00 20.15 ? 77   TYR A N   1 
ATOM   588  C CA  . TYR A 1 77  ? -5.644  -2.112  12.861  1.00 20.72 ? 77   TYR A CA  1 
ATOM   589  C C   . TYR A 1 77  ? -4.927  -0.800  13.204  1.00 20.86 ? 77   TYR A C   1 
ATOM   590  O O   . TYR A 1 77  ? -5.420  -0.003  13.993  1.00 21.19 ? 77   TYR A O   1 
ATOM   591  C CB  . TYR A 1 77  ? -4.981  -3.351  13.496  1.00 21.46 ? 77   TYR A CB  1 
ATOM   592  C CG  . TYR A 1 77  ? -4.561  -3.232  14.949  1.00 21.50 ? 77   TYR A CG  1 
ATOM   593  C CD1 . TYR A 1 77  ? -3.269  -2.816  15.279  1.00 20.53 ? 77   TYR A CD1 1 
ATOM   594  C CD2 . TYR A 1 77  ? -5.439  -3.559  15.986  1.00 21.22 ? 77   TYR A CD2 1 
ATOM   595  C CE1 . TYR A 1 77  ? -2.863  -2.721  16.597  1.00 23.06 ? 77   TYR A CE1 1 
ATOM   596  C CE2 . TYR A 1 77  ? -5.052  -3.459  17.329  1.00 20.76 ? 77   TYR A CE2 1 
ATOM   597  C CZ  . TYR A 1 77  ? -3.764  -3.034  17.633  1.00 23.27 ? 77   TYR A CZ  1 
ATOM   598  O OH  . TYR A 1 77  ? -3.333  -2.930  18.962  1.00 22.19 ? 77   TYR A OH  1 
ATOM   599  N N   . MET A 1 78  ? -3.781  -0.559  12.584  1.00 21.17 ? 78   MET A N   1 
ATOM   600  C CA  . MET A 1 78  ? -3.019  0.663   12.853  1.00 22.07 ? 78   MET A CA  1 
ATOM   601  C C   . MET A 1 78  ? -3.785  1.895   12.416  1.00 22.76 ? 78   MET A C   1 
ATOM   602  O O   . MET A 1 78  ? -3.782  2.919   13.111  1.00 23.05 ? 78   MET A O   1 
ATOM   603  C CB  . MET A 1 78  ? -1.664  0.624   12.159  1.00 22.07 ? 78   MET A CB  1 
ATOM   604  C CG  . MET A 1 78  ? -0.716  -0.414  12.733  1.00 22.06 ? 78   MET A CG  1 
ATOM   605  S SD  . MET A 1 78  ? -0.369  -0.039  14.480  1.00 27.58 ? 78   MET A SD  1 
ATOM   606  C CE  . MET A 1 78  ? 1.038   -1.140  14.757  1.00 23.71 ? 78   MET A CE  1 
ATOM   607  N N   . ALA A 1 79  ? -4.454  1.784   11.274  1.00 23.57 ? 79   ALA A N   1 
ATOM   608  C CA  . ALA A 1 79  ? -5.222  2.880   10.729  1.00 24.35 ? 79   ALA A CA  1 
ATOM   609  C C   . ALA A 1 79  ? -6.403  3.149   11.656  1.00 25.07 ? 79   ALA A C   1 
ATOM   610  O O   . ALA A 1 79  ? -6.705  4.305   11.972  1.00 24.76 ? 79   ALA A O   1 
ATOM   611  C CB  . ALA A 1 79  ? -5.681  2.562   9.338   1.00 23.95 ? 79   ALA A CB  1 
ATOM   612  N N   . LYS A 1 80  ? -7.039  2.084   12.134  1.00 25.98 ? 80   LYS A N   1 
ATOM   613  C CA  . LYS A 1 80  ? -8.129  2.239   13.090  1.00 26.53 ? 80   LYS A CA  1 
ATOM   614  C C   . LYS A 1 80  ? -7.655  2.933   14.373  1.00 27.28 ? 80   LYS A C   1 
ATOM   615  O O   . LYS A 1 80  ? -8.377  3.792   14.905  1.00 27.62 ? 80   LYS A O   1 
ATOM   616  C CB  . LYS A 1 80  ? -8.786  0.900   13.388  1.00 26.35 ? 80   LYS A CB  1 
ATOM   617  C CG  . LYS A 1 80  ? -10.222 0.972   13.911  1.00 26.58 ? 80   LYS A CG  1 
ATOM   618  C CD  . LYS A 1 80  ? -10.300 0.538   15.360  1.00 29.58 ? 80   LYS A CD  1 
ATOM   619  C CE  . LYS A 1 80  ? -11.649 -0.098  15.726  1.00 29.40 ? 80   LYS A CE  1 
ATOM   620  N NZ  . LYS A 1 80  ? -12.804 0.794   15.395  1.00 31.08 ? 80   LYS A NZ  1 
ATOM   621  N N   . LYS A 1 81  ? -6.453  2.588   14.851  1.00 27.65 ? 81   LYS A N   1 
ATOM   622  C CA  . LYS A 1 81  ? -5.875  3.231   16.059  1.00 28.78 ? 81   LYS A CA  1 
ATOM   623  C C   . LYS A 1 81  ? -5.708  4.738   15.869  1.00 28.03 ? 81   LYS A C   1 
ATOM   624  O O   . LYS A 1 81  ? -5.929  5.505   16.788  1.00 27.99 ? 81   LYS A O   1 
ATOM   625  C CB  . LYS A 1 81  ? -4.474  2.679   16.397  1.00 29.49 ? 81   LYS A CB  1 
ATOM   626  C CG  . LYS A 1 81  ? -4.397  1.265   16.939  1.00 34.26 ? 81   LYS A CG  1 
ATOM   627  C CD  . LYS A 1 81  ? -3.997  1.228   18.423  1.00 40.91 ? 81   LYS A CD  1 
ATOM   628  C CE  . LYS A 1 81  ? -2.844  2.172   18.732  1.00 44.96 ? 81   LYS A CE  1 
ATOM   629  N NZ  . LYS A 1 81  ? -2.754  2.396   20.230  1.00 48.88 ? 81   LYS A NZ  1 
ATOM   630  N N   . HIS A 1 82  ? -5.268  5.144   14.682  1.00 27.29 ? 82   HIS A N   1 
ATOM   631  C CA  . HIS A 1 82  ? -4.919  6.538   14.431  1.00 26.93 ? 82   HIS A CA  1 
ATOM   632  C C   . HIS A 1 82  ? -5.967  7.269   13.570  1.00 26.66 ? 82   HIS A C   1 
ATOM   633  O O   . HIS A 1 82  ? -5.648  8.226   12.864  1.00 26.22 ? 82   HIS A O   1 
ATOM   634  C CB  . HIS A 1 82  ? -3.478  6.629   13.896  1.00 26.37 ? 82   HIS A CB  1 
ATOM   635  C CG  . HIS A 1 82  ? -2.468  6.029   14.835  1.00 27.52 ? 82   HIS A CG  1 
ATOM   636  N ND1 . HIS A 1 82  ? -2.040  6.672   15.980  1.00 25.88 ? 82   HIS A ND1 1 
ATOM   637  C CD2 . HIS A 1 82  ? -1.855  4.819   14.835  1.00 27.44 ? 82   HIS A CD2 1 
ATOM   638  C CE1 . HIS A 1 82  ? -1.193  5.898   16.629  1.00 25.21 ? 82   HIS A CE1 1 
ATOM   639  N NE2 . HIS A 1 82  ? -1.054  4.773   15.952  1.00 27.03 ? 82   HIS A NE2 1 
ATOM   640  N N   . HIS A 1 83  ? -7.225  6.812   13.673  1.00 26.17 ? 83   HIS A N   1 
ATOM   641  C CA  . HIS A 1 83  ? -8.405  7.503   13.106  1.00 26.70 ? 83   HIS A CA  1 
ATOM   642  C C   . HIS A 1 83  ? -8.386  7.665   11.566  1.00 26.67 ? 83   HIS A C   1 
ATOM   643  O O   . HIS A 1 83  ? -8.801  8.695   11.015  1.00 27.31 ? 83   HIS A O   1 
ATOM   644  C CB  A HIS A 1 83  ? -8.572  8.887   13.786  0.50 26.58 ? 83   HIS A CB  1 
ATOM   645  C CB  B HIS A 1 83  ? -8.740  8.790   13.878  0.50 26.50 ? 83   HIS A CB  1 
ATOM   646  C CG  A HIS A 1 83  ? -8.056  8.930   15.195  0.50 27.01 ? 83   HIS A CG  1 
ATOM   647  C CG  B HIS A 1 83  ? -9.210  8.513   15.271  0.50 26.55 ? 83   HIS A CG  1 
ATOM   648  N ND1 A HIS A 1 83  ? -6.793  9.384   15.512  0.50 27.27 ? 83   HIS A ND1 1 
ATOM   649  N ND1 B HIS A 1 83  ? -10.439 7.946   15.536  0.50 26.38 ? 83   HIS A ND1 1 
ATOM   650  C CD2 A HIS A 1 83  ? -8.613  8.525   16.362  0.50 27.39 ? 83   HIS A CD2 1 
ATOM   651  C CD2 B HIS A 1 83  ? -8.590  8.642   16.465  0.50 25.09 ? 83   HIS A CD2 1 
ATOM   652  C CE1 A HIS A 1 83  ? -6.597  9.271   16.813  0.50 28.10 ? 83   HIS A CE1 1 
ATOM   653  C CE1 B HIS A 1 83  ? -10.562 7.765   16.838  0.50 26.06 ? 83   HIS A CE1 1 
ATOM   654  N NE2 A HIS A 1 83  ? -7.688  8.754   17.352  0.50 29.41 ? 83   HIS A NE2 1 
ATOM   655  N NE2 B HIS A 1 83  ? -9.456  8.182   17.424  0.50 23.40 ? 83   HIS A NE2 1 
ATOM   656  N N   . MET A 1 84  ? -7.938  6.607   10.893  1.00 26.09 ? 84   MET A N   1 
ATOM   657  C CA  . MET A 1 84  ? -7.712  6.604   9.449   1.00 25.75 ? 84   MET A CA  1 
ATOM   658  C C   . MET A 1 84  ? -8.576  5.593   8.688   1.00 24.82 ? 84   MET A C   1 
ATOM   659  O O   . MET A 1 84  ? -8.316  5.311   7.527   1.00 24.81 ? 84   MET A O   1 
ATOM   660  C CB  . MET A 1 84  ? -6.241  6.334   9.168   1.00 26.21 ? 84   MET A CB  1 
ATOM   661  C CG  . MET A 1 84  ? -5.349  7.487   9.561   1.00 25.75 ? 84   MET A CG  1 
ATOM   662  S SD  . MET A 1 84  ? -3.645  7.016   9.426   1.00 26.69 ? 84   MET A SD  1 
ATOM   663  C CE  . MET A 1 84  ? -2.951  8.669   9.233   1.00 31.31 ? 84   MET A CE  1 
ATOM   664  N N   . MET A 1 85  ? -9.621  5.083   9.333   1.00 24.04 ? 85   MET A N   1 
ATOM   665  C CA  . MET A 1 85  ? -10.573 4.162   8.703   1.00 23.00 ? 85   MET A CA  1 
ATOM   666  C C   . MET A 1 85  ? -11.996 4.743   8.528   1.00 22.93 ? 85   MET A C   1 
ATOM   667  O O   . MET A 1 85  ? -12.963 3.996   8.301   1.00 23.04 ? 85   MET A O   1 
ATOM   668  C CB  . MET A 1 85  ? -10.627 2.855   9.508   1.00 22.57 ? 85   MET A CB  1 
ATOM   669  C CG  . MET A 1 85  ? -9.395  1.979   9.385   1.00 21.10 ? 85   MET A CG  1 
ATOM   670  S SD  . MET A 1 85  ? -9.075  1.436   7.688   1.00 22.92 ? 85   MET A SD  1 
ATOM   671  C CE  . MET A 1 85  ? -10.510 0.373   7.383   1.00 14.82 ? 85   MET A CE  1 
ATOM   672  N N   . GLY A 1 86  ? -12.133 6.060   8.635   1.00 22.75 ? 86   GLY A N   1 
ATOM   673  C CA  . GLY A 1 86  ? -13.452 6.697   8.605   1.00 22.79 ? 86   GLY A CA  1 
ATOM   674  C C   . GLY A 1 86  ? -13.857 7.172   9.994   1.00 23.93 ? 86   GLY A C   1 
ATOM   675  O O   . GLY A 1 86  ? -13.481 6.556   10.992  1.00 23.19 ? 86   GLY A O   1 
ATOM   676  N N   . GLY A 1 87  ? -14.586 8.291   10.052  1.00 24.91 ? 87   GLY A N   1 
ATOM   677  C CA  . GLY A 1 87  ? -15.238 8.755   11.285  1.00 26.23 ? 87   GLY A CA  1 
ATOM   678  C C   . GLY A 1 87  ? -16.700 8.322   11.422  1.00 27.46 ? 87   GLY A C   1 
ATOM   679  O O   . GLY A 1 87  ? -17.298 8.477   12.498  1.00 28.23 ? 87   GLY A O   1 
ATOM   680  N N   . THR A 1 88  ? -17.278 7.792   10.336  1.00 27.62 ? 88   THR A N   1 
ATOM   681  C CA  . THR A 1 88  ? -18.647 7.236   10.328  1.00 27.87 ? 88   THR A CA  1 
ATOM   682  C C   . THR A 1 88  ? -18.717 5.910   9.547   1.00 28.27 ? 88   THR A C   1 
ATOM   683  O O   . THR A 1 88  ? -17.789 5.562   8.818   1.00 27.89 ? 88   THR A O   1 
ATOM   684  C CB  . THR A 1 88  ? -19.661 8.198   9.636   1.00 27.82 ? 88   THR A CB  1 
ATOM   685  O OG1 . THR A 1 88  ? -19.446 8.170   8.220   1.00 26.49 ? 88   THR A OG1 1 
ATOM   686  C CG2 . THR A 1 88  ? -19.532 9.648   10.145  1.00 28.05 ? 88   THR A CG2 1 
ATOM   687  N N   . GLU A 1 89  ? -19.842 5.212   9.672   1.00 28.79 ? 89   GLU A N   1 
ATOM   688  C CA  . GLU A 1 89  ? -20.101 3.962   8.956   1.00 29.53 ? 89   GLU A CA  1 
ATOM   689  C C   . GLU A 1 89  ? -19.979 4.163   7.449   1.00 29.03 ? 89   GLU A C   1 
ATOM   690  O O   . GLU A 1 89  ? -19.345 3.354   6.750   1.00 28.60 ? 89   GLU A O   1 
ATOM   691  C CB  . GLU A 1 89  ? -21.496 3.412   9.299   1.00 29.69 ? 89   GLU A CB  1 
ATOM   692  C CG  . GLU A 1 89  ? -21.814 3.470   10.790  1.00 34.23 ? 89   GLU A CG  1 
ATOM   693  C CD  . GLU A 1 89  ? -22.778 2.384   11.265  1.00 39.00 ? 89   GLU A CD  1 
ATOM   694  O OE1 . GLU A 1 89  ? -22.479 1.782   12.320  1.00 41.11 ? 89   GLU A OE1 1 
ATOM   695  O OE2 . GLU A 1 89  ? -23.814 2.135   10.600  1.00 40.24 ? 89   GLU A OE2 1 
ATOM   696  N N   . GLU A 1 90  ? -20.579 5.251   6.970   1.00 28.25 ? 90   GLU A N   1 
ATOM   697  C CA  . GLU A 1 90  ? -20.510 5.640   5.571   1.00 28.08 ? 90   GLU A CA  1 
ATOM   698  C C   . GLU A 1 90  ? -19.055 5.858   5.092   1.00 26.84 ? 90   GLU A C   1 
ATOM   699  O O   . GLU A 1 90  ? -18.654 5.375   4.022   1.00 26.03 ? 90   GLU A O   1 
ATOM   700  C CB  . GLU A 1 90  ? -21.388 6.887   5.329   1.00 28.89 ? 90   GLU A CB  1 
ATOM   701  C CG  . GLU A 1 90  ? -21.410 7.399   3.874   1.00 32.17 ? 90   GLU A CG  1 
ATOM   702  C CD  . GLU A 1 90  ? -21.936 6.367   2.881   1.00 38.20 ? 90   GLU A CD  1 
ATOM   703  O OE1 . GLU A 1 90  ? -21.809 6.621   1.654   1.00 38.69 ? 90   GLU A OE1 1 
ATOM   704  O OE2 . GLU A 1 90  ? -22.484 5.314   3.324   1.00 40.35 ? 90   GLU A OE2 1 
ATOM   705  N N   . GLU A 1 91  ? -18.264 6.577   5.887   1.00 25.65 ? 91   GLU A N   1 
ATOM   706  C CA  . GLU A 1 91  ? -16.859 6.791   5.535   1.00 24.36 ? 91   GLU A CA  1 
ATOM   707  C C   . GLU A 1 91  ? -16.086 5.494   5.636   1.00 23.44 ? 91   GLU A C   1 
ATOM   708  O O   . GLU A 1 91  ? -15.278 5.175   4.753   1.00 23.81 ? 91   GLU A O   1 
ATOM   709  C CB  . GLU A 1 91  ? -16.245 7.868   6.391   1.00 24.45 ? 91   GLU A CB  1 
ATOM   710  C CG  . GLU A 1 91  ? -16.860 9.204   6.108   1.00 26.82 ? 91   GLU A CG  1 
ATOM   711  C CD  . GLU A 1 91  ? -16.216 10.355  6.871   1.00 32.41 ? 91   GLU A CD  1 
ATOM   712  O OE1 . GLU A 1 91  ? -15.187 10.174  7.581   1.00 31.62 ? 91   GLU A OE1 1 
ATOM   713  O OE2 . GLU A 1 91  ? -16.775 11.467  6.747   1.00 36.08 ? 91   GLU A OE2 1 
ATOM   714  N N   . TYR A 1 92  ? -16.347 4.721   6.688   1.00 21.48 ? 92   TYR A N   1 
ATOM   715  C CA  . TYR A 1 92  ? -15.811 3.372   6.740   1.00 20.46 ? 92   TYR A CA  1 
ATOM   716  C C   . TYR A 1 92  ? -16.078 2.573   5.423   1.00 19.72 ? 92   TYR A C   1 
ATOM   717  O O   . TYR A 1 92  ? -15.136 2.042   4.838   1.00 19.15 ? 92   TYR A O   1 
ATOM   718  C CB  . TYR A 1 92  ? -16.283 2.635   7.996   1.00 19.61 ? 92   TYR A CB  1 
ATOM   719  C CG  . TYR A 1 92  ? -15.874 1.180   8.081   1.00 18.91 ? 92   TYR A CG  1 
ATOM   720  C CD1 . TYR A 1 92  ? -14.538 0.824   8.207   1.00 15.84 ? 92   TYR A CD1 1 
ATOM   721  C CD2 . TYR A 1 92  ? -16.836 0.158   8.076   1.00 18.41 ? 92   TYR A CD2 1 
ATOM   722  C CE1 . TYR A 1 92  ? -14.159 -0.496  8.311   1.00 16.08 ? 92   TYR A CE1 1 
ATOM   723  C CE2 . TYR A 1 92  ? -16.462 -1.186  8.187   1.00 17.99 ? 92   TYR A CE2 1 
ATOM   724  C CZ  . TYR A 1 92  ? -15.108 -1.499  8.303   1.00 18.38 ? 92   TYR A CZ  1 
ATOM   725  O OH  . TYR A 1 92  ? -14.682 -2.816  8.416   1.00 19.35 ? 92   TYR A OH  1 
ATOM   726  N N   . TYR A 1 93  ? -17.336 2.508   4.973   1.00 19.19 ? 93   TYR A N   1 
ATOM   727  C CA  . TYR A 1 93  ? -17.698 1.864   3.696   1.00 18.72 ? 93   TYR A CA  1 
ATOM   728  C C   . TYR A 1 93  ? -16.862 2.375   2.542   1.00 19.00 ? 93   TYR A C   1 
ATOM   729  O O   . TYR A 1 93  ? -16.302 1.586   1.778   1.00 19.20 ? 93   TYR A O   1 
ATOM   730  C CB  . TYR A 1 93  ? -19.202 1.999   3.350   1.00 19.05 ? 93   TYR A CB  1 
ATOM   731  C CG  . TYR A 1 93  ? -19.522 1.650   1.900   1.00 18.77 ? 93   TYR A CG  1 
ATOM   732  C CD1 . TYR A 1 93  ? -20.020 2.625   1.034   1.00 17.72 ? 93   TYR A CD1 1 
ATOM   733  C CD2 . TYR A 1 93  ? -19.268 0.361   1.374   1.00 19.85 ? 93   TYR A CD2 1 
ATOM   734  C CE1 . TYR A 1 93  ? -20.289 2.356   -0.284  1.00 16.58 ? 93   TYR A CE1 1 
ATOM   735  C CE2 . TYR A 1 93  ? -19.531 0.062   0.001   1.00 17.81 ? 93   TYR A CE2 1 
ATOM   736  C CZ  . TYR A 1 93  ? -20.034 1.084   -0.800  1.00 19.30 ? 93   TYR A CZ  1 
ATOM   737  O OH  . TYR A 1 93  ? -20.339 0.870   -2.116  1.00 22.07 ? 93   TYR A OH  1 
ATOM   738  N N   . ASN A 1 94  ? -16.762 3.693   2.402   1.00 18.93 ? 94   ASN A N   1 
ATOM   739  C CA  . ASN A 1 94  ? -16.019 4.255   1.287   1.00 18.73 ? 94   ASN A CA  1 
ATOM   740  C C   . ASN A 1 94  ? -14.508 3.988   1.336   1.00 18.25 ? 94   ASN A C   1 
ATOM   741  O O   . ASN A 1 94  ? -13.885 3.791   0.295   1.00 18.42 ? 94   ASN A O   1 
ATOM   742  C CB  . ASN A 1 94  ? -16.317 5.741   1.152   1.00 19.64 ? 94   ASN A CB  1 
ATOM   743  C CG  . ASN A 1 94  ? -17.675 5.996   0.539   1.00 21.40 ? 94   ASN A CG  1 
ATOM   744  O OD1 . ASN A 1 94  ? -17.986 5.503   -0.544  1.00 25.90 ? 94   ASN A OD1 1 
ATOM   745  N ND2 . ASN A 1 94  ? -18.491 6.755   1.225   1.00 21.78 ? 94   ASN A ND2 1 
ATOM   746  N N   . VAL A 1 95  ? -13.916 3.983   2.527   1.00 17.73 ? 95   VAL A N   1 
ATOM   747  C CA  . VAL A 1 95  ? -12.510 3.572   2.676   1.00 17.05 ? 95   VAL A CA  1 
ATOM   748  C C   . VAL A 1 95  ? -12.357 2.164   2.115   1.00 17.89 ? 95   VAL A C   1 
ATOM   749  O O   . VAL A 1 95  ? -11.589 1.933   1.162   1.00 17.62 ? 95   VAL A O   1 
ATOM   750  C CB  . VAL A 1 95  ? -12.038 3.636   4.144   1.00 17.51 ? 95   VAL A CB  1 
ATOM   751  C CG1 . VAL A 1 95  ? -10.635 3.020   4.300   1.00 15.21 ? 95   VAL A CG1 1 
ATOM   752  C CG2 . VAL A 1 95  ? -12.082 5.131   4.677   1.00 14.68 ? 95   VAL A CG2 1 
ATOM   753  N N   . GLU A 1 96  ? -13.168 1.247   2.635   1.00 17.80 ? 96   GLU A N   1 
ATOM   754  C CA  . GLU A 1 96  ? -13.128 -0.153  2.207   1.00 17.78 ? 96   GLU A CA  1 
ATOM   755  C C   . GLU A 1 96  ? -13.433 -0.360  0.708   1.00 17.90 ? 96   GLU A C   1 
ATOM   756  O O   . GLU A 1 96  ? -12.825 -1.227  0.056   1.00 18.52 ? 96   GLU A O   1 
ATOM   757  C CB  . GLU A 1 96  ? -14.019 -1.014  3.111   1.00 17.21 ? 96   GLU A CB  1 
ATOM   758  C CG  . GLU A 1 96  ? -13.455 -1.192  4.540   1.00 17.88 ? 96   GLU A CG  1 
ATOM   759  C CD  . GLU A 1 96  ? -12.154 -2.021  4.583   1.00 20.36 ? 96   GLU A CD  1 
ATOM   760  O OE1 . GLU A 1 96  ? -11.514 -2.111  5.659   1.00 19.95 ? 96   GLU A OE1 1 
ATOM   761  O OE2 . GLU A 1 96  ? -11.760 -2.594  3.537   1.00 20.90 ? 96   GLU A OE2 1 
ATOM   762  N N   . LYS A 1 97  ? -14.344 0.435   0.159   1.00 17.74 ? 97   LYS A N   1 
ATOM   763  C CA  . LYS A 1 97  ? -14.676 0.348   -1.265  1.00 17.98 ? 97   LYS A CA  1 
ATOM   764  C C   . LYS A 1 97  ? -13.435 0.639   -2.102  1.00 18.34 ? 97   LYS A C   1 
ATOM   765  O O   . LYS A 1 97  ? -13.114 -0.105  -3.009  1.00 18.16 ? 97   LYS A O   1 
ATOM   766  C CB  . LYS A 1 97  ? -15.800 1.319   -1.630  1.00 17.06 ? 97   LYS A CB  1 
ATOM   767  C CG  . LYS A 1 97  ? -16.099 1.376   -3.122  1.00 17.80 ? 97   LYS A CG  1 
ATOM   768  C CD  . LYS A 1 97  ? -17.454 2.014   -3.415  1.00 18.80 ? 97   LYS A CD  1 
ATOM   769  C CE  . LYS A 1 97  ? -17.563 3.399   -2.808  1.00 18.04 ? 97   LYS A CE  1 
ATOM   770  N NZ  . LYS A 1 97  ? -17.134 4.467   -3.708  1.00 19.55 ? 97   LYS A NZ  1 
ATOM   771  N N   . LEU A 1 98  ? -12.731 1.712   -1.762  1.00 19.18 ? 98   LEU A N   1 
ATOM   772  C CA  . LEU A 1 98  ? -11.513 2.088   -2.462  1.00 20.34 ? 98   LEU A CA  1 
ATOM   773  C C   . LEU A 1 98  ? -10.380 1.099   -2.224  1.00 20.28 ? 98   LEU A C   1 
ATOM   774  O O   . LEU A 1 98  ? -9.552  0.876   -3.110  1.00 20.17 ? 98   LEU A O   1 
ATOM   775  C CB  . LEU A 1 98  ? -11.095 3.506   -2.077  1.00 20.66 ? 98   LEU A CB  1 
ATOM   776  C CG  . LEU A 1 98  ? -10.137 4.301   -2.976  1.00 24.50 ? 98   LEU A CG  1 
ATOM   777  C CD1 . LEU A 1 98  ? -10.022 3.795   -4.418  1.00 28.07 ? 98   LEU A CD1 1 
ATOM   778  C CD2 . LEU A 1 98  ? -10.578 5.741   -2.984  1.00 25.45 ? 98   LEU A CD2 1 
ATOM   779  N N   . ILE A 1 99  ? -10.337 0.494   -1.034  1.00 20.68 ? 99   ILE A N   1 
ATOM   780  C CA  . ILE A 1 99  ? -9.303  -0.501  -0.768  1.00 20.32 ? 99   ILE A CA  1 
ATOM   781  C C   . ILE A 1 99  ? -9.545  -1.728  -1.628  1.00 20.70 ? 99   ILE A C   1 
ATOM   782  O O   . ILE A 1 99  ? -8.622  -2.212  -2.252  1.00 20.76 ? 99   ILE A O   1 
ATOM   783  C CB  . ILE A 1 99  ? -9.216  -0.884  0.705   1.00 20.52 ? 99   ILE A CB  1 
ATOM   784  C CG1 . ILE A 1 99  ? -8.858  0.349   1.533   1.00 19.20 ? 99   ILE A CG1 1 
ATOM   785  C CG2 . ILE A 1 99  ? -8.210  -2.057  0.912   1.00 19.35 ? 99   ILE A CG2 1 
ATOM   786  C CD1 . ILE A 1 99  ? -8.667  0.050   3.002   1.00 18.24 ? 99   ILE A CD1 1 
ATOM   787  N N   . GLY A 1 100 ? -10.790 -2.212  -1.673  1.00 20.76 ? 100  GLY A N   1 
ATOM   788  C CA  . GLY A 1 100 ? -11.131 -3.404  -2.446  1.00 20.00 ? 100  GLY A CA  1 
ATOM   789  C C   . GLY A 1 100 ? -10.854 -3.207  -3.929  1.00 20.20 ? 100  GLY A C   1 
ATOM   790  O O   . GLY A 1 100 ? -10.263 -4.086  -4.590  1.00 21.08 ? 100  GLY A O   1 
ATOM   791  N N   . GLN A 1 101 ? -11.269 -2.060  -4.457  1.00 18.80 ? 101  GLN A N   1 
ATOM   792  C CA  . GLN A 1 101 ? -10.946 -1.687  -5.838  1.00 18.18 ? 101  GLN A CA  1 
ATOM   793  C C   . GLN A 1 101 ? -9.423  -1.634  -6.122  1.00 18.57 ? 101  GLN A C   1 
ATOM   794  O O   . GLN A 1 101 ? -8.962  -2.195  -7.121  1.00 18.64 ? 101  GLN A O   1 
ATOM   795  C CB  . GLN A 1 101 ? -11.643 -0.368  -6.207  1.00 18.54 ? 101  GLN A CB  1 
ATOM   796  C CG  . GLN A 1 101 ? -13.178 -0.422  -6.035  1.00 16.74 ? 101  GLN A CG  1 
ATOM   797  C CD  . GLN A 1 101 ? -13.897 0.904   -6.348  1.00 17.37 ? 101  GLN A CD  1 
ATOM   798  O OE1 . GLN A 1 101 ? -15.079 0.895   -6.687  1.00 22.01 ? 101  GLN A OE1 1 
ATOM   799  N NE2 . GLN A 1 101 ? -13.207 2.021   -6.228  1.00 11.02 ? 101  GLN A NE2 1 
ATOM   800  N N   . ALA A 1 102 ? -8.653  -0.986  -5.242  1.00 18.67 ? 102  ALA A N   1 
ATOM   801  C CA  . ALA A 1 102 ? -7.186  -0.936  -5.330  1.00 19.40 ? 102  ALA A CA  1 
ATOM   802  C C   . ALA A 1 102 ? -6.529  -2.311  -5.273  1.00 20.70 ? 102  ALA A C   1 
ATOM   803  O O   . ALA A 1 102 ? -5.547  -2.556  -5.987  1.00 21.74 ? 102  ALA A O   1 
ATOM   804  C CB  . ALA A 1 102 ? -6.612  -0.043  -4.226  1.00 19.44 ? 102  ALA A CB  1 
ATOM   805  N N   . GLU A 1 103 ? -7.063  -3.205  -4.437  1.00 21.34 ? 103  GLU A N   1 
ATOM   806  C CA  . GLU A 1 103 ? -6.571  -4.571  -4.341  1.00 22.59 ? 103  GLU A CA  1 
ATOM   807  C C   . GLU A 1 103 ? -6.916  -5.431  -5.555  1.00 22.91 ? 103  GLU A C   1 
ATOM   808  O O   . GLU A 1 103 ? -6.124  -6.270  -5.981  1.00 22.86 ? 103  GLU A O   1 
ATOM   809  C CB  . GLU A 1 103 ? -7.051  -5.226  -3.044  1.00 22.85 ? 103  GLU A CB  1 
ATOM   810  C CG  . GLU A 1 103 ? -6.417  -4.596  -1.800  1.00 25.50 ? 103  GLU A CG  1 
ATOM   811  C CD  . GLU A 1 103 ? -4.909  -4.799  -1.760  1.00 30.83 ? 103  GLU A CD  1 
ATOM   812  O OE1 . GLU A 1 103 ? -4.178  -3.804  -1.512  1.00 30.29 ? 103  GLU A OE1 1 
ATOM   813  O OE2 . GLU A 1 103 ? -4.458  -5.960  -2.001  1.00 32.48 ? 103  GLU A OE2 1 
ATOM   814  N N   . ASP A 1 104 ? -8.092  -5.225  -6.130  1.00 23.60 ? 104  ASP A N   1 
ATOM   815  C CA  . ASP A 1 104 ? -8.394  -5.872  -7.404  1.00 24.60 ? 104  ASP A CA  1 
ATOM   816  C C   . ASP A 1 104 ? -7.268  -5.619  -8.411  1.00 23.97 ? 104  ASP A C   1 
ATOM   817  O O   . ASP A 1 104 ? -6.806  -6.528  -9.078  1.00 23.96 ? 104  ASP A O   1 
ATOM   818  C CB  . ASP A 1 104 ? -9.692  -5.312  -7.981  1.00 25.31 ? 104  ASP A CB  1 
ATOM   819  C CG  . ASP A 1 104 ? -10.847 -6.230  -7.789  1.00 27.13 ? 104  ASP A CG  1 
ATOM   820  O OD1 . ASP A 1 104 ? -11.980 -5.850  -8.180  1.00 27.43 ? 104  ASP A OD1 1 
ATOM   821  O OD2 . ASP A 1 104 ? -10.613 -7.320  -7.224  1.00 30.87 ? 104  ASP A OD2 1 
ATOM   822  N N   . LEU A 1 105 ? -6.864  -4.357  -8.515  1.00 23.65 ? 105  LEU A N   1 
ATOM   823  C CA  . LEU A 1 105 ? -5.854  -3.917  -9.459  1.00 23.08 ? 105  LEU A CA  1 
ATOM   824  C C   . LEU A 1 105 ? -4.474  -4.479  -9.084  1.00 23.87 ? 105  LEU A C   1 
ATOM   825  O O   . LEU A 1 105 ? -3.706  -4.885  -9.954  1.00 24.13 ? 105  LEU A O   1 
ATOM   826  C CB  . LEU A 1 105 ? -5.859  -2.391  -9.499  1.00 22.50 ? 105  LEU A CB  1 
ATOM   827  C CG  . LEU A 1 105 ? -4.857  -1.611  -10.348 1.00 21.45 ? 105  LEU A CG  1 
ATOM   828  C CD1 . LEU A 1 105 ? -4.928  -1.967  -11.818 1.00 20.65 ? 105  LEU A CD1 1 
ATOM   829  C CD2 . LEU A 1 105 ? -5.094  -0.132  -10.115 1.00 21.62 ? 105  LEU A CD2 1 
ATOM   830  N N   . GLU A 1 106 ? -4.183  -4.535  -7.787  1.00 24.62 ? 106  GLU A N   1 
ATOM   831  C CA  . GLU A 1 106 ? -2.974  -5.174  -7.285  1.00 25.19 ? 106  GLU A CA  1 
ATOM   832  C C   . GLU A 1 106 ? -2.899  -6.632  -7.743  1.00 26.01 ? 106  GLU A C   1 
ATOM   833  O O   . GLU A 1 106 ? -1.840  -7.104  -8.167  1.00 26.17 ? 106  GLU A O   1 
ATOM   834  C CB  . GLU A 1 106 ? -2.933  -5.073  -5.767  1.00 24.90 ? 106  GLU A CB  1 
ATOM   835  C CG  . GLU A 1 106 ? -1.660  -5.578  -5.129  1.00 27.44 ? 106  GLU A CG  1 
ATOM   836  C CD  . GLU A 1 106 ? -0.512  -4.580  -5.182  1.00 32.27 ? 106  GLU A CD  1 
ATOM   837  O OE1 . GLU A 1 106 ? 0.264   -4.500  -4.202  1.00 36.17 ? 106  GLU A OE1 1 
ATOM   838  O OE2 . GLU A 1 106 ? -0.368  -3.869  -6.196  1.00 34.97 ? 106  GLU A OE2 1 
ATOM   839  N N   . HIS A 1 107 ? -4.025  -7.338  -7.680  1.00 26.92 ? 107  HIS A N   1 
ATOM   840  C CA  . HIS A 1 107 ? -4.082  -8.717  -8.140  1.00 28.45 ? 107  HIS A CA  1 
ATOM   841  C C   . HIS A 1 107 ? -3.876  -8.882  -9.632  1.00 28.53 ? 107  HIS A C   1 
ATOM   842  O O   . HIS A 1 107 ? -3.279  -9.876  -10.075 1.00 28.81 ? 107  HIS A O   1 
ATOM   843  C CB  . HIS A 1 107 ? -5.317  -9.435  -7.597  1.00 28.61 ? 107  HIS A CB  1 
ATOM   844  C CG  . HIS A 1 107 ? -5.185  -9.754  -6.135  1.00 34.63 ? 107  HIS A CG  1 
ATOM   845  N ND1 . HIS A 1 107 ? -5.326  -8.795  -5.146  1.00 37.57 ? 107  HIS A ND1 1 
ATOM   846  C CD2 . HIS A 1 107 ? -4.801  -10.888 -5.501  1.00 37.85 ? 107  HIS A CD2 1 
ATOM   847  C CE1 . HIS A 1 107 ? -5.097  -9.342  -3.966  1.00 38.12 ? 107  HIS A CE1 1 
ATOM   848  N NE2 . HIS A 1 107 ? -4.797  -10.616 -4.151  1.00 40.61 ? 107  HIS A NE2 1 
ATOM   849  N N   . GLU A 1 108 ? -4.322  -7.902  -10.411 1.00 28.92 ? 108  GLU A N   1 
ATOM   850  C CA  . GLU A 1 108 ? -3.922  -7.850  -11.823 1.00 29.62 ? 108  GLU A CA  1 
ATOM   851  C C   . GLU A 1 108 ? -2.392  -7.746  -11.939 1.00 29.58 ? 108  GLU A C   1 
ATOM   852  O O   . GLU A 1 108 ? -1.772  -8.500  -12.702 1.00 28.65 ? 108  GLU A O   1 
ATOM   853  C CB  . GLU A 1 108 ? -4.619  -6.710  -12.564 1.00 29.51 ? 108  GLU A CB  1 
ATOM   854  C CG  . GLU A 1 108 ? -6.109  -6.925  -12.699 1.00 31.29 ? 108  GLU A CG  1 
ATOM   855  C CD  . GLU A 1 108 ? -6.420  -8.278  -13.284 1.00 33.12 ? 108  GLU A CD  1 
ATOM   856  O OE1 . GLU A 1 108 ? -5.911  -8.565  -14.378 1.00 37.38 ? 108  GLU A OE1 1 
ATOM   857  O OE2 . GLU A 1 108 ? -7.157  -9.063  -12.670 1.00 33.82 ? 108  GLU A OE2 1 
ATOM   858  N N   . TYR A 1 109 ? -1.797  -6.845  -11.150 1.00 29.56 ? 109  TYR A N   1 
ATOM   859  C CA  . TYR A 1 109 ? -0.340  -6.678  -11.136 1.00 30.40 ? 109  TYR A CA  1 
ATOM   860  C C   . TYR A 1 109 ? 0.396   -7.966  -10.746 1.00 31.14 ? 109  TYR A C   1 
ATOM   861  O O   . TYR A 1 109 ? 1.418   -8.289  -11.351 1.00 31.07 ? 109  TYR A O   1 
ATOM   862  C CB  . TYR A 1 109 ? 0.094   -5.469  -10.275 1.00 29.77 ? 109  TYR A CB  1 
ATOM   863  C CG  . TYR A 1 109 ? 1.543   -5.486  -9.826  1.00 29.38 ? 109  TYR A CG  1 
ATOM   864  C CD1 . TYR A 1 109 ? 2.573   -5.070  -10.673 1.00 30.59 ? 109  TYR A CD1 1 
ATOM   865  C CD2 . TYR A 1 109 ? 1.882   -5.918  -8.560  1.00 29.66 ? 109  TYR A CD2 1 
ATOM   866  C CE1 . TYR A 1 109 ? 3.906   -5.084  -10.259 1.00 29.21 ? 109  TYR A CE1 1 
ATOM   867  C CE2 . TYR A 1 109 ? 3.208   -5.935  -8.133  1.00 30.51 ? 109  TYR A CE2 1 
ATOM   868  C CZ  . TYR A 1 109 ? 4.209   -5.524  -8.983  1.00 29.46 ? 109  TYR A CZ  1 
ATOM   869  O OH  . TYR A 1 109 ? 5.498   -5.560  -8.536  1.00 28.61 ? 109  TYR A OH  1 
ATOM   870  N N   . TYR A 1 110 ? -0.131  -8.687  -9.748  1.00 32.52 ? 110  TYR A N   1 
ATOM   871  C CA  . TYR A 1 110 ? 0.440   -9.970  -9.283  1.00 33.94 ? 110  TYR A CA  1 
ATOM   872  C C   . TYR A 1 110 ? 0.588   -11.000 -10.377 1.00 33.52 ? 110  TYR A C   1 
ATOM   873  O O   . TYR A 1 110 ? 1.538   -11.769 -10.361 1.00 34.32 ? 110  TYR A O   1 
ATOM   874  C CB  . TYR A 1 110 ? -0.409  -10.614 -8.169  1.00 35.52 ? 110  TYR A CB  1 
ATOM   875  C CG  . TYR A 1 110 ? -0.291  -9.941  -6.834  1.00 38.39 ? 110  TYR A CG  1 
ATOM   876  C CD1 . TYR A 1 110 ? -1.140  -10.287 -5.759  1.00 41.22 ? 110  TYR A CD1 1 
ATOM   877  C CD2 . TYR A 1 110 ? 0.654   -8.937  -6.635  1.00 39.78 ? 110  TYR A CD2 1 
ATOM   878  C CE1 . TYR A 1 110 ? -1.016  -9.639  -4.516  1.00 40.85 ? 110  TYR A CE1 1 
ATOM   879  C CE2 . TYR A 1 110 ? 0.778   -8.292  -5.418  1.00 40.73 ? 110  TYR A CE2 1 
ATOM   880  C CZ  . TYR A 1 110 ? -0.049  -8.635  -4.373  1.00 40.14 ? 110  TYR A CZ  1 
ATOM   881  O OH  . TYR A 1 110 ? 0.125   -7.942  -3.198  1.00 40.90 ? 110  TYR A OH  1 
ATOM   882  N N   . LYS A 1 111 ? -0.372  -11.044 -11.293 1.00 33.09 ? 111  LYS A N   1 
ATOM   883  C CA  . LYS A 1 111 ? -0.321  -11.944 -12.438 1.00 33.82 ? 111  LYS A CA  1 
ATOM   884  C C   . LYS A 1 111 ? 0.969   -11.839 -13.263 1.00 33.35 ? 111  LYS A C   1 
ATOM   885  O O   . LYS A 1 111 ? 1.277   -12.744 -14.009 1.00 33.04 ? 111  LYS A O   1 
ATOM   886  C CB  . LYS A 1 111 ? -1.514  -11.696 -13.382 1.00 34.37 ? 111  LYS A CB  1 
ATOM   887  C CG  . LYS A 1 111 ? -2.878  -12.092 -12.847 1.00 34.93 ? 111  LYS A CG  1 
ATOM   888  C CD  . LYS A 1 111 ? -3.984  -11.658 -13.798 1.00 34.45 ? 111  LYS A CD  1 
ATOM   889  C CE  . LYS A 1 111 ? -5.322  -12.053 -13.216 1.00 37.67 ? 111  LYS A CE  1 
ATOM   890  N NZ  . LYS A 1 111 ? -6.427  -11.732 -14.147 1.00 39.69 ? 111  LYS A NZ  1 
ATOM   891  N N   . THR A 1 112 ? 1.698   -10.736 -13.150 1.00 33.85 ? 112  THR A N   1 
ATOM   892  C CA  . THR A 1 112 ? 2.895   -10.535 -13.960 1.00 34.61 ? 112  THR A CA  1 
ATOM   893  C C   . THR A 1 112 ? 4.154   -11.026 -13.272 1.00 36.03 ? 112  THR A C   1 
ATOM   894  O O   . THR A 1 112 ? 5.211   -11.066 -13.879 1.00 36.20 ? 112  THR A O   1 
ATOM   895  C CB  . THR A 1 112 ? 3.109   -9.059  -14.341 1.00 34.27 ? 112  THR A CB  1 
ATOM   896  O OG1 . THR A 1 112 ? 3.533   -8.316  -13.183 1.00 34.68 ? 112  THR A OG1 1 
ATOM   897  C CG2 . THR A 1 112 ? 1.852   -8.454  -14.919 1.00 32.65 ? 112  THR A CG2 1 
ATOM   898  N N   . LEU A 1 113 ? 4.034   -11.391 -12.000 1.00 38.35 ? 113  LEU A N   1 
ATOM   899  C CA  . LEU A 1 113 ? 5.171   -11.811 -11.178 1.00 40.30 ? 113  LEU A CA  1 
ATOM   900  C C   . LEU A 1 113 ? 5.519   -13.287 -11.396 1.00 42.48 ? 113  LEU A C   1 
ATOM   901  O O   . LEU A 1 113 ? 4.678   -14.059 -11.875 1.00 42.11 ? 113  LEU A O   1 
ATOM   902  C CB  . LEU A 1 113 ? 4.850   -11.539 -9.709  1.00 39.73 ? 113  LEU A CB  1 
ATOM   903  C CG  . LEU A 1 113 ? 4.528   -10.080 -9.367  1.00 38.75 ? 113  LEU A CG  1 
ATOM   904  C CD1 . LEU A 1 113 ? 4.286   -9.919  -7.867  1.00 38.47 ? 113  LEU A CD1 1 
ATOM   905  C CD2 . LEU A 1 113 ? 5.628   -9.143  -9.837  1.00 35.72 ? 113  LEU A CD2 1 
ATOM   906  N N   . MET A 1 114 ? 6.755   -13.677 -11.058 1.00 45.47 ? 114  MET A N   1 
ATOM   907  C CA  . MET A 1 114 ? 7.212   -15.097 -11.180 1.00 48.62 ? 114  MET A CA  1 
ATOM   908  C C   . MET A 1 114 ? 7.129   -15.624 -12.625 1.00 49.88 ? 114  MET A C   1 
ATOM   909  O O   . MET A 1 114 ? 6.884   -16.819 -12.865 1.00 50.13 ? 114  MET A O   1 
ATOM   910  C CB  . MET A 1 114 ? 6.414   -16.048 -10.257 1.00 48.99 ? 114  MET A CB  1 
ATOM   911  C CG  . MET A 1 114 ? 6.312   -15.626 -8.804  1.00 51.93 ? 114  MET A CG  1 
ATOM   912  S SD  . MET A 1 114 ? 7.943   -15.156 -8.252  1.00 58.19 ? 114  MET A SD  1 
ATOM   913  N N   . LYS A 1 115 ? 7.320   -14.720 -13.579 1.00 51.49 ? 115  LYS A N   1 
ATOM   914  C CA  . LYS A 1 115 ? 7.127   -15.028 -14.978 1.00 52.76 ? 115  LYS A CA  1 
ATOM   915  C C   . LYS A 1 115 ? 8.450   -14.856 -15.697 1.00 53.86 ? 115  LYS A C   1 
ATOM   916  O O   . LYS A 1 115 ? 9.094   -13.815 -15.561 1.00 53.78 ? 115  LYS A O   1 
ATOM   917  C CB  . LYS A 1 115 ? 6.063   -14.108 -15.566 1.00 52.68 ? 115  LYS A CB  1 
ATOM   918  C CG  . LYS A 1 115 ? 4.666   -14.695 -15.666 1.00 53.02 ? 115  LYS A CG  1 
ATOM   919  C CD  . LYS A 1 115 ? 4.275   -15.629 -14.542 1.00 54.11 ? 115  LYS A CD  1 
ATOM   920  C CE  . LYS A 1 115 ? 2.777   -15.836 -14.539 1.00 54.37 ? 115  LYS A CE  1 
ATOM   921  N NZ  . LYS A 1 115 ? 2.401   -17.026 -13.745 1.00 55.78 ? 115  LYS A NZ  1 
ATOM   922  N N   . PRO A 1 116 ? 8.855   -15.877 -16.475 1.00 55.15 ? 116  PRO A N   1 
ATOM   923  C CA  . PRO A 1 116 ? 10.160  -15.931 -17.131 1.00 56.27 ? 116  PRO A CA  1 
ATOM   924  C C   . PRO A 1 116 ? 10.363  -14.914 -18.266 1.00 57.10 ? 116  PRO A C   1 
ATOM   925  O O   . PRO A 1 116 ? 11.062  -15.241 -19.234 1.00 57.81 ? 116  PRO A O   1 
ATOM   926  C CB  . PRO A 1 116 ? 10.179  -17.353 -17.717 1.00 56.40 ? 116  PRO A CB  1 
ATOM   927  C CG  . PRO A 1 116 ? 8.744   -17.633 -18.001 1.00 55.87 ? 116  PRO A CG  1 
ATOM   928  C CD  . PRO A 1 116 ? 8.054   -17.077 -16.785 1.00 55.38 ? 116  PRO A CD  1 
ATOM   929  N N   . GLU A 1 117 ? 9.788   -13.709 -18.142 1.00 57.39 ? 117  GLU A N   1 
ATOM   930  C CA  . GLU A 1 117 ? 9.781   -12.697 -19.208 1.00 57.57 ? 117  GLU A CA  1 
ATOM   931  C C   . GLU A 1 117 ? 8.848   -13.235 -20.296 1.00 57.57 ? 117  GLU A C   1 
ATOM   932  O O   . GLU A 1 117 ? 8.073   -14.154 -20.013 1.00 57.90 ? 117  GLU A O   1 
ATOM   933  C CB  . GLU A 1 117 ? 11.208  -12.406 -19.714 1.00 58.03 ? 117  GLU A CB  1 
ATOM   934  C CG  . GLU A 1 117 ? 11.354  -11.272 -20.747 1.00 59.14 ? 117  GLU A CG  1 
ATOM   935  C CD  . GLU A 1 117 ? 11.257  -9.876  -20.144 1.00 61.11 ? 117  GLU A CD  1 
ATOM   936  O OE1 . GLU A 1 117 ? 11.258  -8.901  -20.936 1.00 61.38 ? 117  GLU A OE1 1 
ATOM   937  O OE2 . GLU A 1 117 ? 11.182  -9.747  -18.898 1.00 60.51 ? 117  GLU A OE2 1 
ATOM   938  N N   . GLU A 1 118 ? 8.893   -12.663 -21.502 1.00 56.85 ? 118  GLU A N   1 
ATOM   939  C CA  . GLU A 1 118 ? 8.117   -13.142 -22.663 1.00 56.06 ? 118  GLU A CA  1 
ATOM   940  C C   . GLU A 1 118 ? 6.635   -13.400 -22.384 1.00 54.84 ? 118  GLU A C   1 
ATOM   941  O O   . GLU A 1 118 ? 5.775   -12.798 -23.023 1.00 54.71 ? 118  GLU A O   1 
ATOM   942  C CB  . GLU A 1 118 ? 8.771   -14.378 -23.310 1.00 56.42 ? 118  GLU A CB  1 
ATOM   943  C CG  . GLU A 1 118 ? 8.461   -14.561 -24.819 1.00 57.32 ? 118  GLU A CG  1 
ATOM   944  C CD  . GLU A 1 118 ? 7.219   -15.427 -25.113 1.00 59.07 ? 118  GLU A CD  1 
ATOM   945  O OE1 . GLU A 1 118 ? 6.853   -16.294 -24.279 1.00 60.13 ? 118  GLU A OE1 1 
ATOM   946  O OE2 . GLU A 1 118 ? 6.609   -15.248 -26.195 1.00 58.47 ? 118  GLU A OE2 1 
ATOM   947  N N   . GLU A 1 119 ? 6.342   -14.310 -21.460 1.00 53.59 ? 119  GLU A N   1 
ATOM   948  C CA  . GLU A 1 119 ? 4.971   -14.488 -20.997 1.00 53.03 ? 119  GLU A CA  1 
ATOM   949  C C   . GLU A 1 119 ? 4.596   -13.366 -20.022 1.00 51.63 ? 119  GLU A C   1 
ATOM   950  O O   . GLU A 1 119 ? 3.431   -13.015 -19.929 1.00 51.48 ? 119  GLU A O   1 
ATOM   951  C CB  . GLU A 1 119 ? 4.700   -15.901 -20.433 1.00 53.00 ? 119  GLU A CB  1 
ATOM   952  C CG  . GLU A 1 119 ? 5.001   -16.119 -18.945 1.00 53.80 ? 119  GLU A CG  1 
ATOM   953  C CD  . GLU A 1 119 ? 4.193   -17.278 -18.318 1.00 54.46 ? 119  GLU A CD  1 
ATOM   954  O OE1 . GLU A 1 119 ? 2.996   -17.453 -18.651 1.00 55.69 ? 119  GLU A OE1 1 
ATOM   955  O OE2 . GLU A 1 119 ? 4.756   -18.012 -17.472 1.00 56.37 ? 119  GLU A OE2 1 
ATOM   956  N N   . LYS A 1 120 ? 5.593   -12.811 -19.325 1.00 50.26 ? 120  LYS A N   1 
ATOM   957  C CA  . LYS A 1 120 ? 5.439   -11.583 -18.534 1.00 49.15 ? 120  LYS A CA  1 
ATOM   958  C C   . LYS A 1 120 ? 4.861   -10.456 -19.388 1.00 48.07 ? 120  LYS A C   1 
ATOM   959  O O   . LYS A 1 120 ? 3.834   -9.847  -19.048 1.00 47.14 ? 120  LYS A O   1 
ATOM   960  C CB  . LYS A 1 120 ? 6.789   -11.139 -17.957 1.00 49.27 ? 120  LYS A CB  1 
ATOM   961  C CG  . LYS A 1 120 ? 6.685   -10.093 -16.853 1.00 49.95 ? 120  LYS A CG  1 
ATOM   962  C CD  . LYS A 1 120 ? 7.934   -9.231  -16.770 1.00 52.45 ? 120  LYS A CD  1 
ATOM   963  C CE  . LYS A 1 120 ? 8.051   -8.546  -15.401 1.00 55.13 ? 120  LYS A CE  1 
ATOM   964  N NZ  . LYS A 1 120 ? 8.935   -7.332  -15.414 1.00 56.04 ? 120  LYS A NZ  1 
ATOM   965  N N   . GLN A 1 121 ? 5.543   -10.190 -20.499 1.00 47.45 ? 121  GLN A N   1 
ATOM   966  C CA  . GLN A 1 121 ? 5.120   -9.191  -21.481 1.00 46.53 ? 121  GLN A CA  1 
ATOM   967  C C   . GLN A 1 121 ? 3.744   -9.491  -22.067 1.00 45.07 ? 121  GLN A C   1 
ATOM   968  O O   . GLN A 1 121 ? 2.954   -8.585  -22.268 1.00 44.55 ? 121  GLN A O   1 
ATOM   969  C CB  . GLN A 1 121 ? 6.167   -9.050  -22.599 1.00 47.12 ? 121  GLN A CB  1 
ATOM   970  C CG  . GLN A 1 121 ? 7.530   -8.521  -22.135 1.00 48.40 ? 121  GLN A CG  1 
ATOM   971  C CD  . GLN A 1 121 ? 7.424   -7.313  -21.177 1.00 51.21 ? 121  GLN A CD  1 
ATOM   972  O OE1 . GLN A 1 121 ? 6.755   -6.310  -21.474 1.00 50.92 ? 121  GLN A OE1 1 
ATOM   973  N NE2 . GLN A 1 121 ? 8.108   -7.407  -20.033 1.00 51.84 ? 121  GLN A NE2 1 
ATOM   974  N N   . LYS A 1 122 ? 3.460   -10.766 -22.309 1.00 43.87 ? 122  LYS A N   1 
ATOM   975  C CA  . LYS A 1 122 ? 2.191   -11.180 -22.907 1.00 43.03 ? 122  LYS A CA  1 
ATOM   976  C C   . LYS A 1 122 ? 1.028   -10.959 -21.942 1.00 41.59 ? 122  LYS A C   1 
ATOM   977  O O   . LYS A 1 122 ? -0.102  -10.669 -22.357 1.00 41.90 ? 122  LYS A O   1 
ATOM   978  C CB  . LYS A 1 122 ? 2.305   -12.634 -23.404 1.00 43.80 ? 122  LYS A CB  1 
ATOM   979  C CG  . LYS A 1 122 ? 1.020   -13.302 -23.960 1.00 46.60 ? 122  LYS A CG  1 
ATOM   980  C CD  . LYS A 1 122 ? 1.272   -14.058 -25.301 1.00 51.91 ? 122  LYS A CD  1 
ATOM   981  C CE  . LYS A 1 122 ? 2.554   -14.938 -25.326 1.00 53.21 ? 122  LYS A CE  1 
ATOM   982  N NZ  . LYS A 1 122 ? 2.371   -16.309 -24.736 1.00 53.71 ? 122  LYS A NZ  1 
ATOM   983  N N   . ILE A 1 123 ? 1.325   -11.072 -20.650 1.00 40.08 ? 123  ILE A N   1 
ATOM   984  C CA  . ILE A 1 123 ? 0.373   -10.792 -19.570 1.00 38.33 ? 123  ILE A CA  1 
ATOM   985  C C   . ILE A 1 123 ? 0.146   -9.288  -19.372 1.00 36.71 ? 123  ILE A C   1 
ATOM   986  O O   . ILE A 1 123 ? -0.999  -8.851  -19.200 1.00 36.41 ? 123  ILE A O   1 
ATOM   987  C CB  . ILE A 1 123 ? 0.828   -11.429 -18.233 1.00 38.71 ? 123  ILE A CB  1 
ATOM   988  C CG1 . ILE A 1 123 ? 0.673   -12.954 -18.283 1.00 39.54 ? 123  ILE A CG1 1 
ATOM   989  C CG2 . ILE A 1 123 ? 0.018   -10.878 -17.055 1.00 38.13 ? 123  ILE A CG2 1 
ATOM   990  C CD1 . ILE A 1 123 ? 1.535   -13.672 -17.271 1.00 39.87 ? 123  ILE A CD1 1 
ATOM   991  N N   . ILE A 1 124 ? 1.234   -8.516  -19.379 1.00 34.66 ? 124  ILE A N   1 
ATOM   992  C CA  . ILE A 1 124 ? 1.164   -7.077  -19.205 1.00 32.81 ? 124  ILE A CA  1 
ATOM   993  C C   . ILE A 1 124 ? 0.188   -6.503  -20.227 1.00 32.80 ? 124  ILE A C   1 
ATOM   994  O O   . ILE A 1 124 ? -0.716  -5.758  -19.866 1.00 32.17 ? 124  ILE A O   1 
ATOM   995  C CB  . ILE A 1 124 ? 2.564   -6.421  -19.270 1.00 32.57 ? 124  ILE A CB  1 
ATOM   996  C CG1 . ILE A 1 124 ? 3.337   -6.699  -17.973 1.00 29.88 ? 124  ILE A CG1 1 
ATOM   997  C CG2 . ILE A 1 124 ? 2.466   -4.919  -19.508 1.00 31.41 ? 124  ILE A CG2 1 
ATOM   998  C CD1 . ILE A 1 124 ? 4.800   -6.370  -18.038 1.00 28.23 ? 124  ILE A CD1 1 
ATOM   999  N N   . LYS A 1 125 ? 0.340   -6.920  -21.485 1.00 32.95 ? 125  LYS A N   1 
ATOM   1000 C CA  . LYS A 1 125 ? -0.566  -6.572  -22.579 1.00 33.20 ? 125  LYS A CA  1 
ATOM   1001 C C   . LYS A 1 125 ? -2.010  -7.011  -22.332 1.00 32.68 ? 125  LYS A C   1 
ATOM   1002 O O   . LYS A 1 125 ? -2.941  -6.219  -22.506 1.00 32.92 ? 125  LYS A O   1 
ATOM   1003 C CB  . LYS A 1 125 ? -0.055  -7.158  -23.895 1.00 33.67 ? 125  LYS A CB  1 
ATOM   1004 C CG  . LYS A 1 125 ? 0.565   -6.154  -24.867 1.00 38.11 ? 125  LYS A CG  1 
ATOM   1005 C CD  . LYS A 1 125 ? 1.675   -5.273  -24.237 1.00 41.70 ? 125  LYS A CD  1 
ATOM   1006 C CE  . LYS A 1 125 ? 3.054   -5.959  -24.258 1.00 44.87 ? 125  LYS A CE  1 
ATOM   1007 N NZ  . LYS A 1 125 ? 3.958   -5.469  -23.138 1.00 45.24 ? 125  LYS A NZ  1 
ATOM   1008 N N   . GLU A 1 126 ? -2.200  -8.262  -21.930 1.00 31.86 ? 126  GLU A N   1 
ATOM   1009 C CA  . GLU A 1 126 ? -3.525  -8.740  -21.561 1.00 32.02 ? 126  GLU A CA  1 
ATOM   1010 C C   . GLU A 1 126 ? -4.193  -7.768  -20.561 1.00 30.75 ? 126  GLU A C   1 
ATOM   1011 O O   . GLU A 1 126 ? -5.301  -7.292  -20.813 1.00 30.62 ? 126  GLU A O   1 
ATOM   1012 C CB  . GLU A 1 126 ? -3.469  -10.189 -21.002 1.00 32.10 ? 126  GLU A CB  1 
ATOM   1013 C CG  . GLU A 1 126 ? -3.399  -11.321 -22.074 1.00 34.49 ? 126  GLU A CG  1 
ATOM   1014 C CD  . GLU A 1 126 ? -3.023  -12.708 -21.501 1.00 33.78 ? 126  GLU A CD  1 
ATOM   1015 N N   . ILE A 1 127 ? -3.501  -7.452  -19.459 1.00 29.28 ? 127  ILE A N   1 
ATOM   1016 C CA  . ILE A 1 127 ? -4.107  -6.693  -18.366 1.00 28.15 ? 127  ILE A CA  1 
ATOM   1017 C C   . ILE A 1 127 ? -4.235  -5.179  -18.639 1.00 28.38 ? 127  ILE A C   1 
ATOM   1018 O O   . ILE A 1 127 ? -5.243  -4.572  -18.272 1.00 27.90 ? 127  ILE A O   1 
ATOM   1019 C CB  . ILE A 1 127 ? -3.459  -6.989  -16.964 1.00 28.41 ? 127  ILE A CB  1 
ATOM   1020 C CG1 . ILE A 1 127 ? -2.029  -6.437  -16.842 1.00 27.33 ? 127  ILE A CG1 1 
ATOM   1021 C CG2 . ILE A 1 127 ? -3.495  -8.490  -16.643 1.00 28.16 ? 127  ILE A CG2 1 
ATOM   1022 C CD1 . ILE A 1 127 ? -1.433  -6.525  -15.446 1.00 27.08 ? 127  ILE A CD1 1 
ATOM   1023 N N   . LEU A 1 128 ? -3.232  -4.586  -19.285 1.00 27.79 ? 128  LEU A N   1 
ATOM   1024 C CA  . LEU A 1 128 ? -3.321  -3.198  -19.694 1.00 28.37 ? 128  LEU A CA  1 
ATOM   1025 C C   . LEU A 1 128 ? -4.398  -2.978  -20.754 1.00 29.02 ? 128  LEU A C   1 
ATOM   1026 O O   . LEU A 1 128 ? -4.864  -1.860  -20.953 1.00 29.54 ? 128  LEU A O   1 
ATOM   1027 C CB  . LEU A 1 128 ? -1.970  -2.659  -20.180 1.00 27.27 ? 128  LEU A CB  1 
ATOM   1028 C CG  . LEU A 1 128 ? -0.868  -2.612  -19.115 1.00 27.72 ? 128  LEU A CG  1 
ATOM   1029 C CD1 . LEU A 1 128 ? 0.392   -1.893  -19.656 1.00 26.47 ? 128  LEU A CD1 1 
ATOM   1030 C CD2 . LEU A 1 128 ? -1.340  -2.032  -17.744 1.00 24.87 ? 128  LEU A CD2 1 
ATOM   1031 N N   . ASN A 1 129 ? -4.783  -4.043  -21.443 1.00 29.90 ? 129  ASN A N   1 
ATOM   1032 C CA  . ASN A 1 129 ? -5.806  -3.937  -22.470 1.00 30.76 ? 129  ASN A CA  1 
ATOM   1033 C C   . ASN A 1 129 ? -7.156  -4.384  -21.941 1.00 31.17 ? 129  ASN A C   1 
ATOM   1034 O O   . ASN A 1 129 ? -8.185  -4.182  -22.588 1.00 31.89 ? 129  ASN A O   1 
ATOM   1035 C CB  A ASN A 1 129 ? -5.410  -4.789  -23.684 0.50 31.17 ? 129  ASN A CB  1 
ATOM   1036 C CB  B ASN A 1 129 ? -5.398  -4.691  -23.736 0.50 30.37 ? 129  ASN A CB  1 
ATOM   1037 C CG  A ASN A 1 129 ? -6.407  -4.695  -24.827 0.50 32.92 ? 129  ASN A CG  1 
ATOM   1038 C CG  B ASN A 1 129 ? -4.341  -3.940  -24.544 0.50 29.57 ? 129  ASN A CG  1 
ATOM   1039 O OD1 A ASN A 1 129 ? -7.419  -5.404  -24.842 0.50 34.61 ? 129  ASN A OD1 1 
ATOM   1040 O OD1 B ASN A 1 129 ? -4.429  -2.729  -24.729 0.50 27.33 ? 129  ASN A OD1 1 
ATOM   1041 N ND2 A ASN A 1 129 ? -6.117  -3.831  -25.805 0.50 33.88 ? 129  ASN A ND2 1 
ATOM   1042 N ND2 B ASN A 1 129 ? -3.343  -4.663  -25.028 0.50 29.22 ? 129  ASN A ND2 1 
ATOM   1043 N N   . GLY A 1 130 ? -7.148  -4.974  -20.746 1.00 31.28 ? 130  GLY A N   1 
ATOM   1044 C CA  . GLY A 1 130 ? -8.348  -5.573  -20.163 1.00 30.68 ? 130  GLY A CA  1 
ATOM   1045 C C   . GLY A 1 130 ? -8.777  -4.844  -18.909 1.00 30.02 ? 130  GLY A C   1 
ATOM   1046 O O   . GLY A 1 130 ? -9.395  -3.798  -18.989 1.00 30.60 ? 130  GLY A O   1 
ATOM   1047 N N   . LYS A 1 131 ? -8.399  -5.379  -17.756 1.00 29.03 ? 131  LYS A N   1 
ATOM   1048 C CA  . LYS A 1 131 ? -8.999  -4.995  -16.496 1.00 29.03 ? 131  LYS A CA  1 
ATOM   1049 C C   . LYS A 1 131 ? -8.377  -3.775  -15.834 1.00 27.22 ? 131  LYS A C   1 
ATOM   1050 O O   . LYS A 1 131 ? -9.050  -3.076  -15.063 1.00 27.08 ? 131  LYS A O   1 
ATOM   1051 C CB  . LYS A 1 131 ? -8.964  -6.164  -15.519 1.00 28.81 ? 131  LYS A CB  1 
ATOM   1052 C CG  . LYS A 1 131 ? -10.114 -7.126  -15.665 1.00 31.85 ? 131  LYS A CG  1 
ATOM   1053 C CD  . LYS A 1 131 ? -10.244 -8.068  -14.430 1.00 32.52 ? 131  LYS A CD  1 
ATOM   1054 C CE  . LYS A 1 131 ? -10.601 -7.277  -13.146 1.00 34.08 ? 131  LYS A CE  1 
ATOM   1055 N NZ  . LYS A 1 131 ? -10.828 -8.190  -11.975 1.00 35.62 ? 131  LYS A NZ  1 
ATOM   1056 N N   . VAL A 1 132 ? -7.108  -3.521  -16.118 1.00 25.26 ? 132  VAL A N   1 
ATOM   1057 C CA  . VAL A 1 132 ? -6.443  -2.387  -15.527 1.00 24.01 ? 132  VAL A CA  1 
ATOM   1058 C C   . VAL A 1 132 ? -7.188  -1.069  -15.832 1.00 23.51 ? 132  VAL A C   1 
ATOM   1059 O O   . VAL A 1 132 ? -7.599  -0.376  -14.889 1.00 23.84 ? 132  VAL A O   1 
ATOM   1060 C CB  . VAL A 1 132 ? -4.954  -2.331  -15.890 1.00 24.41 ? 132  VAL A CB  1 
ATOM   1061 C CG1 . VAL A 1 132 ? -4.360  -0.958  -15.523 1.00 21.73 ? 132  VAL A CG1 1 
ATOM   1062 C CG2 . VAL A 1 132 ? -4.193  -3.515  -15.229 1.00 23.81 ? 132  VAL A CG2 1 
ATOM   1063 N N   . PRO A 1 133 ? -7.411  -0.744  -17.127 1.00 22.49 ? 133  PRO A N   1 
ATOM   1064 C CA  . PRO A 1 133 ? -8.169  0.474   -17.426 1.00 21.90 ? 133  PRO A CA  1 
ATOM   1065 C C   . PRO A 1 133 ? -9.558  0.494   -16.789 1.00 21.53 ? 133  PRO A C   1 
ATOM   1066 O O   . PRO A 1 133 ? -10.016 1.546   -16.341 1.00 21.81 ? 133  PRO A O   1 
ATOM   1067 C CB  . PRO A 1 133 ? -8.314  0.435   -18.959 1.00 22.41 ? 133  PRO A CB  1 
ATOM   1068 C CG  . PRO A 1 133 ? -7.228  -0.445  -19.433 1.00 21.77 ? 133  PRO A CG  1 
ATOM   1069 C CD  . PRO A 1 133 ? -6.982  -1.444  -18.359 1.00 21.98 ? 133  PRO A CD  1 
ATOM   1070 N N   . VAL A 1 134 ? -10.236 -0.650  -16.770 1.00 21.53 ? 134  VAL A N   1 
ATOM   1071 C CA  . VAL A 1 134 ? -11.556 -0.773  -16.126 1.00 21.37 ? 134  VAL A CA  1 
ATOM   1072 C C   . VAL A 1 134 ? -11.466 -0.383  -14.644 1.00 21.97 ? 134  VAL A C   1 
ATOM   1073 O O   . VAL A 1 134 ? -12.317 0.366   -14.131 1.00 22.51 ? 134  VAL A O   1 
ATOM   1074 C CB  . VAL A 1 134 ? -12.104 -2.224  -16.236 1.00 21.85 ? 134  VAL A CB  1 
ATOM   1075 C CG1 . VAL A 1 134 ? -13.311 -2.427  -15.332 1.00 20.52 ? 134  VAL A CG1 1 
ATOM   1076 C CG2 . VAL A 1 134 ? -12.422 -2.616  -17.724 1.00 20.75 ? 134  VAL A CG2 1 
ATOM   1077 N N   . LEU A 1 135 ? -10.426 -0.880  -13.967 1.00 21.33 ? 135  LEU A N   1 
ATOM   1078 C CA  . LEU A 1 135 ? -10.247 -0.611  -12.556 1.00 21.27 ? 135  LEU A CA  1 
ATOM   1079 C C   . LEU A 1 135 ? -9.802  0.833   -12.298 1.00 21.73 ? 135  LEU A C   1 
ATOM   1080 O O   . LEU A 1 135 ? -10.367 1.505   -11.418 1.00 21.96 ? 135  LEU A O   1 
ATOM   1081 C CB  . LEU A 1 135 ? -9.309  -1.633  -11.918 1.00 21.27 ? 135  LEU A CB  1 
ATOM   1082 C CG  . LEU A 1 135 ? -9.912  -3.042  -11.827 1.00 20.66 ? 135  LEU A CG  1 
ATOM   1083 C CD1 . LEU A 1 135 ? -8.848  -4.113  -11.539 1.00 18.89 ? 135  LEU A CD1 1 
ATOM   1084 C CD2 . LEU A 1 135 ? -11.032 -3.072  -10.806 1.00 18.44 ? 135  LEU A CD2 1 
ATOM   1085 N N   . LEU A 1 136 ? -8.853  1.343   -13.088 1.00 20.99 ? 136  LEU A N   1 
ATOM   1086 C CA  . LEU A 1 136 ? -8.475  2.745   -12.931 1.00 21.00 ? 136  LEU A CA  1 
ATOM   1087 C C   . LEU A 1 136 ? -9.685  3.671   -13.076 1.00 21.42 ? 136  LEU A C   1 
ATOM   1088 O O   . LEU A 1 136 ? -9.785  4.703   -12.397 1.00 21.44 ? 136  LEU A O   1 
ATOM   1089 C CB  . LEU A 1 136 ? -7.318  3.129   -13.852 1.00 20.54 ? 136  LEU A CB  1 
ATOM   1090 C CG  . LEU A 1 136 ? -6.006  2.355   -13.610 1.00 20.55 ? 136  LEU A CG  1 
ATOM   1091 C CD1 . LEU A 1 136 ? -4.981  2.567   -14.735 1.00 18.74 ? 136  LEU A CD1 1 
ATOM   1092 C CD2 . LEU A 1 136 ? -5.411  2.768   -12.253 1.00 22.92 ? 136  LEU A CD2 1 
ATOM   1093 N N   . ASP A 1 137 ? -10.637 3.287   -13.917 1.00 21.96 ? 137  ASP A N   1 
ATOM   1094 C CA  . ASP A 1 137 ? -11.773 4.168   -14.140 1.00 22.50 ? 137  ASP A CA  1 
ATOM   1095 C C   . ASP A 1 137 ? -12.727 4.107   -12.953 1.00 22.37 ? 137  ASP A C   1 
ATOM   1096 O O   . ASP A 1 137 ? -13.276 5.122   -12.509 1.00 23.12 ? 137  ASP A O   1 
ATOM   1097 C CB  . ASP A 1 137 ? -12.488 3.859   -15.455 1.00 22.20 ? 137  ASP A CB  1 
ATOM   1098 C CG  . ASP A 1 137 ? -13.614 4.814   -15.722 1.00 23.84 ? 137  ASP A CG  1 
ATOM   1099 O OD1 . ASP A 1 137 ? -14.761 4.345   -15.883 1.00 26.11 ? 137  ASP A OD1 1 
ATOM   1100 O OD2 . ASP A 1 137 ? -13.373 6.047   -15.706 1.00 24.96 ? 137  ASP A OD2 1 
ATOM   1101 N N   . ILE A 1 138 ? -12.911 2.909   -12.428 1.00 22.13 ? 138  ILE A N   1 
ATOM   1102 C CA  . ILE A 1 138 ? -13.753 2.705   -11.268 1.00 21.66 ? 138  ILE A CA  1 
ATOM   1103 C C   . ILE A 1 138 ? -13.197 3.489   -10.059 1.00 20.59 ? 138  ILE A C   1 
ATOM   1104 O O   . ILE A 1 138 ? -13.940 4.189   -9.360  1.00 20.27 ? 138  ILE A O   1 
ATOM   1105 C CB  . ILE A 1 138 ? -13.858 1.190   -11.014 1.00 22.82 ? 138  ILE A CB  1 
ATOM   1106 C CG1 . ILE A 1 138 ? -15.025 0.608   -11.827 1.00 23.06 ? 138  ILE A CG1 1 
ATOM   1107 C CG2 . ILE A 1 138 ? -13.947 0.838   -9.537  1.00 21.84 ? 138  ILE A CG2 1 
ATOM   1108 C CD1 . ILE A 1 138 ? -14.723 -0.832  -12.303 1.00 26.64 ? 138  ILE A CD1 1 
ATOM   1109 N N   . ILE A 1 139 ? -11.891 3.385   -9.842  1.00 19.76 ? 139  ILE A N   1 
ATOM   1110 C CA  . ILE A 1 139 ? -11.170 4.196   -8.857  1.00 18.71 ? 139  ILE A CA  1 
ATOM   1111 C C   . ILE A 1 139 ? -11.427 5.697   -9.105  1.00 19.28 ? 139  ILE A C   1 
ATOM   1112 O O   . ILE A 1 139 ? -11.753 6.456   -8.159  1.00 18.68 ? 139  ILE A O   1 
ATOM   1113 C CB  . ILE A 1 139 ? -9.666  3.830   -8.878  1.00 19.34 ? 139  ILE A CB  1 
ATOM   1114 C CG1 . ILE A 1 139 ? -9.459  2.478   -8.158  1.00 20.05 ? 139  ILE A CG1 1 
ATOM   1115 C CG2 . ILE A 1 139 ? -8.783  4.959   -8.298  1.00 16.67 ? 139  ILE A CG2 1 
ATOM   1116 C CD1 . ILE A 1 139 ? -8.122  1.728   -8.468  1.00 17.27 ? 139  ILE A CD1 1 
ATOM   1117 N N   . CYS A 1 140 ? -11.334 6.128   -10.361 1.00 19.06 ? 140  CYS A N   1 
ATOM   1118 C CA  . CYS A 1 140 ? -11.644 7.525   -10.674 1.00 20.51 ? 140  CYS A CA  1 
ATOM   1119 C C   . CYS A 1 140 ? -13.032 7.922   -10.186 1.00 20.79 ? 140  CYS A C   1 
ATOM   1120 O O   . CYS A 1 140 ? -13.208 8.984   -9.584  1.00 20.67 ? 140  CYS A O   1 
ATOM   1121 C CB  . CYS A 1 140 ? -11.462 7.837   -12.160 1.00 19.84 ? 140  CYS A CB  1 
ATOM   1122 S SG  . CYS A 1 140 ? -9.703  7.930   -12.565 1.00 22.60 ? 140  CYS A SG  1 
ATOM   1123 N N   . GLU A 1 141 ? -14.011 7.050   -10.404 1.00 21.74 ? 141  GLU A N   1 
ATOM   1124 C CA  . GLU A 1 141 ? -15.369 7.343   -9.951  1.00 22.61 ? 141  GLU A CA  1 
ATOM   1125 C C   . GLU A 1 141 ? -15.445 7.373   -8.425  1.00 21.98 ? 141  GLU A C   1 
ATOM   1126 O O   . GLU A 1 141 ? -16.088 8.248   -7.864  1.00 21.54 ? 141  GLU A O   1 
ATOM   1127 C CB  . GLU A 1 141 ? -16.383 6.346   -10.549 1.00 23.30 ? 141  GLU A CB  1 
ATOM   1128 C CG  . GLU A 1 141 ? -16.524 6.423   -12.099 1.00 27.11 ? 141  GLU A CG  1 
ATOM   1129 C CD  . GLU A 1 141 ? -17.125 7.758   -12.603 1.00 32.15 ? 141  GLU A CD  1 
ATOM   1130 O OE1 . GLU A 1 141 ? -16.557 8.346   -13.565 1.00 33.76 ? 141  GLU A OE1 1 
ATOM   1131 O OE2 . GLU A 1 141 ? -18.143 8.237   -12.026 1.00 32.46 ? 141  GLU A OE2 1 
ATOM   1132 N N   . SER A 1 142 ? -14.783 6.428   -7.753  1.00 22.66 ? 142  SER A N   1 
ATOM   1133 C CA  . SER A 1 142 ? -14.705 6.442   -6.262  1.00 23.26 ? 142  SER A CA  1 
ATOM   1134 C C   . SER A 1 142 ? -14.141 7.754   -5.694  1.00 23.62 ? 142  SER A C   1 
ATOM   1135 O O   . SER A 1 142 ? -14.686 8.282   -4.743  1.00 23.94 ? 142  SER A O   1 
ATOM   1136 C CB  . SER A 1 142 ? -13.906 5.264   -5.716  1.00 22.42 ? 142  SER A CB  1 
ATOM   1137 O OG  . SER A 1 142 ? -14.654 4.075   -5.808  1.00 21.89 ? 142  SER A OG  1 
ATOM   1138 N N   . LEU A 1 143 ? -13.080 8.281   -6.308  1.00 24.08 ? 143  LEU A N   1 
ATOM   1139 C CA  . LEU A 1 143 ? -12.501 9.578   -5.934  1.00 24.47 ? 143  LEU A CA  1 
ATOM   1140 C C   . LEU A 1 143 ? -13.430 10.756  -6.206  1.00 25.65 ? 143  LEU A C   1 
ATOM   1141 O O   . LEU A 1 143 ? -13.505 11.674  -5.405  1.00 25.88 ? 143  LEU A O   1 
ATOM   1142 C CB  . LEU A 1 143 ? -11.171 9.796   -6.663  1.00 23.78 ? 143  LEU A CB  1 
ATOM   1143 C CG  . LEU A 1 143 ? -10.078 8.801   -6.280  1.00 22.53 ? 143  LEU A CG  1 
ATOM   1144 C CD1 . LEU A 1 143 ? -8.836  9.006   -7.109  1.00 20.69 ? 143  LEU A CD1 1 
ATOM   1145 C CD2 . LEU A 1 143 ? -9.778  8.914   -4.787  1.00 19.28 ? 143  LEU A CD2 1 
ATOM   1146 N N   . LYS A 1 144 ? -14.101 10.739  -7.359  1.00 26.93 ? 144  LYS A N   1 
ATOM   1147 C CA  . LYS A 1 144 ? -15.060 11.777  -7.757  1.00 27.87 ? 144  LYS A CA  1 
ATOM   1148 C C   . LYS A 1 144 ? -16.211 11.922  -6.753  1.00 28.43 ? 144  LYS A C   1 
ATOM   1149 O O   . LYS A 1 144 ? -16.750 13.004  -6.577  1.00 29.30 ? 144  LYS A O   1 
ATOM   1150 C CB  . LYS A 1 144 ? -15.615 11.444  -9.140  1.00 27.56 ? 144  LYS A CB  1 
ATOM   1151 C CG  . LYS A 1 144 ? -16.389 12.564  -9.793  1.00 31.37 ? 144  LYS A CG  1 
ATOM   1152 C CD  . LYS A 1 144 ? -16.089 12.641  -11.295 1.00 36.33 ? 144  LYS A CD  1 
ATOM   1153 C CE  . LYS A 1 144 ? -17.255 12.156  -12.139 1.00 41.04 ? 144  LYS A CE  1 
ATOM   1154 N NZ  . LYS A 1 144 ? -17.047 10.763  -12.628 1.00 42.29 ? 144  LYS A NZ  1 
ATOM   1155 N N   . ALA A 1 145 ? -16.592 10.825  -6.108  1.00 28.73 ? 145  ALA A N   1 
ATOM   1156 C CA  . ALA A 1 145 ? -17.727 10.806  -5.192  1.00 28.64 ? 145  ALA A CA  1 
ATOM   1157 C C   . ALA A 1 145 ? -17.348 11.261  -3.785  1.00 28.98 ? 145  ALA A C   1 
ATOM   1158 O O   . ALA A 1 145 ? -18.222 11.371  -2.918  1.00 29.65 ? 145  ALA A O   1 
ATOM   1159 C CB  . ALA A 1 145 ? -18.370 9.409   -5.154  1.00 28.01 ? 145  ALA A CB  1 
ATOM   1160 N N   . SER A 1 146 ? -16.061 11.527  -3.544  1.00 28.60 ? 146  SER A N   1 
ATOM   1161 C CA  . SER A 1 146 ? -15.627 12.097  -2.264  1.00 28.51 ? 146  SER A CA  1 
ATOM   1162 C C   . SER A 1 146 ? -16.060 13.570  -2.092  1.00 29.15 ? 146  SER A C   1 
ATOM   1163 O O   . SER A 1 146 ? -16.143 14.310  -3.057  1.00 28.60 ? 146  SER A O   1 
ATOM   1164 C CB  . SER A 1 146 ? -14.117 11.966  -2.128  1.00 28.36 ? 146  SER A CB  1 
ATOM   1165 O OG  . SER A 1 146 ? -13.657 12.553  -0.934  1.00 27.13 ? 146  SER A OG  1 
ATOM   1166 N N   . THR A 1 147 ? -16.333 13.981  -0.853  1.00 30.26 ? 147  THR A N   1 
ATOM   1167 C CA  . THR A 1 147 ? -16.713 15.365  -0.536  1.00 31.15 ? 147  THR A CA  1 
ATOM   1168 C C   . THR A 1 147 ? -15.465 16.199  -0.211  1.00 30.99 ? 147  THR A C   1 
ATOM   1169 O O   . THR A 1 147 ? -15.551 17.413  -0.020  1.00 31.38 ? 147  THR A O   1 
ATOM   1170 C CB  . THR A 1 147 ? -17.625 15.430  0.694   1.00 31.61 ? 147  THR A CB  1 
ATOM   1171 O OG1 . THR A 1 147 ? -16.849 15.107  1.849   1.00 33.88 ? 147  THR A OG1 1 
ATOM   1172 C CG2 . THR A 1 147 ? -18.791 14.418  0.610   1.00 32.70 ? 147  THR A CG2 1 
ATOM   1173 N N   . GLY A 1 148 ? -14.304 15.548  -0.148  1.00 30.31 ? 148  GLY A N   1 
ATOM   1174 C CA  . GLY A 1 148 ? -13.059 16.241  0.178   1.00 29.71 ? 148  GLY A CA  1 
ATOM   1175 C C   . GLY A 1 148 ? -11.964 16.124  -0.866  1.00 29.18 ? 148  GLY A C   1 
ATOM   1176 O O   . GLY A 1 148 ? -12.176 15.555  -1.938  1.00 28.61 ? 148  GLY A O   1 
ATOM   1177 N N   . LYS A 1 149 ? -10.802 16.688  -0.543  1.00 29.34 ? 149  LYS A N   1 
ATOM   1178 C CA  . LYS A 1 149 ? -9.600  16.663  -1.394  1.00 29.80 ? 149  LYS A CA  1 
ATOM   1179 C C   . LYS A 1 149 ? -9.033  15.233  -1.562  1.00 29.70 ? 149  LYS A C   1 
ATOM   1180 O O   . LYS A 1 149 ? -8.309  14.951  -2.537  1.00 30.12 ? 149  LYS A O   1 
ATOM   1181 C CB  . LYS A 1 149 ? -8.504  17.561  -0.797  1.00 30.11 ? 149  LYS A CB  1 
ATOM   1182 C CG  . LYS A 1 149 ? -8.773  19.082  -0.841  1.00 31.18 ? 149  LYS A CG  1 
ATOM   1183 N N   . LEU A 1 150 ? -9.369  14.342  -0.628  1.00 28.57 ? 150  LEU A N   1 
ATOM   1184 C CA  . LEU A 1 150 ? -8.778  13.013  -0.585  1.00 28.18 ? 150  LEU A CA  1 
ATOM   1185 C C   . LEU A 1 150 ? -9.805  11.925  -0.848  1.00 28.16 ? 150  LEU A C   1 
ATOM   1186 O O   . LEU A 1 150 ? -10.940 12.214  -1.222  1.00 27.33 ? 150  LEU A O   1 
ATOM   1187 C CB  . LEU A 1 150 ? -8.109  12.794  0.762   1.00 28.29 ? 150  LEU A CB  1 
ATOM   1188 C CG  . LEU A 1 150 ? -7.015  13.806  1.121   1.00 29.37 ? 150  LEU A CG  1 
ATOM   1189 C CD1 . LEU A 1 150 ? -6.506  13.546  2.531   1.00 28.01 ? 150  LEU A CD1 1 
ATOM   1190 C CD2 . LEU A 1 150 ? -5.863  13.753  0.081   1.00 28.24 ? 150  LEU A CD2 1 
ATOM   1191 N N   . ALA A 1 151 ? -9.400  10.673  -0.651  1.00 28.37 ? 151  ALA A N   1 
ATOM   1192 C CA  . ALA A 1 151 ? -10.235 9.529   -1.010  1.00 29.03 ? 151  ALA A CA  1 
ATOM   1193 C C   . ALA A 1 151 ? -11.576 9.636   -0.315  1.00 29.46 ? 151  ALA A C   1 
ATOM   1194 O O   . ALA A 1 151 ? -12.637 9.445   -0.927  1.00 29.74 ? 151  ALA A O   1 
ATOM   1195 C CB  . ALA A 1 151 ? -9.545  8.216   -0.643  1.00 28.89 ? 151  ALA A CB  1 
ATOM   1196 N N   . VAL A 1 152 ? -11.518 9.957   0.968   1.00 29.86 ? 152  VAL A N   1 
ATOM   1197 C CA  . VAL A 1 152 ? -12.712 10.027  1.782   1.00 30.96 ? 152  VAL A CA  1 
ATOM   1198 C C   . VAL A 1 152 ? -12.591 11.238  2.693   1.00 31.13 ? 152  VAL A C   1 
ATOM   1199 O O   . VAL A 1 152 ? -11.797 11.227  3.625   1.00 31.62 ? 152  VAL A O   1 
ATOM   1200 C CB  . VAL A 1 152 ? -12.893 8.733   2.619   1.00 31.13 ? 152  VAL A CB  1 
ATOM   1201 C CG1 . VAL A 1 152 ? -14.153 8.813   3.462   1.00 30.96 ? 152  VAL A CG1 1 
ATOM   1202 C CG2 . VAL A 1 152 ? -12.936 7.498   1.700   1.00 31.26 ? 152  VAL A CG2 1 
ATOM   1203 N N   . GLY A 1 153 ? -13.365 12.281  2.406   1.00 31.38 ? 153  GLY A N   1 
ATOM   1204 C CA  . GLY A 1 153 ? -13.264 13.547  3.137   1.00 31.72 ? 153  GLY A CA  1 
ATOM   1205 C C   . GLY A 1 153 ? -11.951 14.235  2.805   1.00 32.14 ? 153  GLY A C   1 
ATOM   1206 O O   . GLY A 1 153 ? -11.445 14.111  1.688   1.00 31.88 ? 153  GLY A O   1 
ATOM   1207 N N   . ASP A 1 154 ? -11.394 14.942  3.786   1.00 32.43 ? 154  ASP A N   1 
ATOM   1208 C CA  . ASP A 1 154 ? -10.205 15.747  3.593   1.00 32.46 ? 154  ASP A CA  1 
ATOM   1209 C C   . ASP A 1 154 ? -9.035  15.202  4.376   1.00 31.87 ? 154  ASP A C   1 
ATOM   1210 O O   . ASP A 1 154 ? -7.931  15.704  4.254   1.00 32.19 ? 154  ASP A O   1 
ATOM   1211 C CB  . ASP A 1 154 ? -10.472 17.174  4.076   1.00 33.51 ? 154  ASP A CB  1 
ATOM   1212 C CG  . ASP A 1 154 ? -11.287 17.995  3.082   1.00 35.44 ? 154  ASP A CG  1 
ATOM   1213 O OD1 . ASP A 1 154 ? -10.985 18.005  1.866   1.00 37.86 ? 154  ASP A OD1 1 
ATOM   1214 O OD2 . ASP A 1 154 ? -12.228 18.667  3.530   1.00 40.02 ? 154  ASP A OD2 1 
ATOM   1215 N N   . LYS A 1 155 ? -9.276  14.196  5.207   1.00 31.17 ? 155  LYS A N   1 
ATOM   1216 C CA  . LYS A 1 155 ? -8.218  13.624  6.048   1.00 30.24 ? 155  LYS A CA  1 
ATOM   1217 C C   . LYS A 1 155 ? -7.725  12.288  5.480   1.00 28.57 ? 155  LYS A C   1 
ATOM   1218 O O   . LYS A 1 155 ? -8.476  11.563  4.806   1.00 28.21 ? 155  LYS A O   1 
ATOM   1219 C CB  . LYS A 1 155 ? -8.719  13.423  7.487   1.00 30.90 ? 155  LYS A CB  1 
ATOM   1220 C CG  . LYS A 1 155 ? -9.471  14.617  8.078   1.00 34.39 ? 155  LYS A CG  1 
ATOM   1221 C CD  . LYS A 1 155 ? -8.592  15.444  9.055   1.00 41.01 ? 155  LYS A CD  1 
ATOM   1222 C CE  . LYS A 1 155 ? -9.480  16.303  9.996   1.00 43.17 ? 155  LYS A CE  1 
ATOM   1223 N NZ  . LYS A 1 155 ? -8.845  16.550  11.329  1.00 43.24 ? 155  LYS A NZ  1 
ATOM   1224 N N   . VAL A 1 156 ? -6.470  11.967  5.766   1.00 26.48 ? 156  VAL A N   1 
ATOM   1225 C CA  . VAL A 1 156 ? -5.863  10.736  5.306   1.00 25.10 ? 156  VAL A CA  1 
ATOM   1226 C C   . VAL A 1 156 ? -6.533  9.528   5.917   1.00 24.05 ? 156  VAL A C   1 
ATOM   1227 O O   . VAL A 1 156 ? -6.885  9.526   7.093   1.00 23.96 ? 156  VAL A O   1 
ATOM   1228 C CB  . VAL A 1 156 ? -4.341  10.684  5.579   1.00 25.23 ? 156  VAL A CB  1 
ATOM   1229 C CG1 . VAL A 1 156 ? -3.788  9.335   5.168   1.00 26.13 ? 156  VAL A CG1 1 
ATOM   1230 C CG2 . VAL A 1 156 ? -3.638  11.755  4.771   1.00 25.86 ? 156  VAL A CG2 1 
ATOM   1231 N N   . THR A 1 157 ? -6.737  8.514   5.084   1.00 22.85 ? 157  THR A N   1 
ATOM   1232 C CA  . THR A 1 157 ? -7.282  7.241   5.521   1.00 21.80 ? 157  THR A CA  1 
ATOM   1233 C C   . THR A 1 157 ? -6.421  6.141   4.853   1.00 21.56 ? 157  THR A C   1 
ATOM   1234 O O   . THR A 1 157 ? -5.588  6.439   3.961   1.00 21.45 ? 157  THR A O   1 
ATOM   1235 C CB  . THR A 1 157 ? -8.754  7.090   5.097   1.00 21.40 ? 157  THR A CB  1 
ATOM   1236 O OG1 . THR A 1 157 ? -8.826  7.206   3.684   1.00 21.82 ? 157  THR A OG1 1 
ATOM   1237 C CG2 . THR A 1 157 ? -9.663  8.162   5.716   1.00 18.97 ? 157  THR A CG2 1 
ATOM   1238 N N   . LEU A 1 158 ? -6.595  4.886   5.263   1.00 20.08 ? 158  LEU A N   1 
ATOM   1239 C CA  . LEU A 1 158 ? -5.792  3.818   4.655   1.00 19.77 ? 158  LEU A CA  1 
ATOM   1240 C C   . LEU A 1 158 ? -5.999  3.736   3.121   1.00 19.35 ? 158  LEU A C   1 
ATOM   1241 O O   . LEU A 1 158 ? -5.109  3.313   2.389   1.00 19.05 ? 158  LEU A O   1 
ATOM   1242 C CB  . LEU A 1 158 ? -6.026  2.472   5.350   1.00 19.28 ? 158  LEU A CB  1 
ATOM   1243 C CG  . LEU A 1 158 ? -5.356  1.216   4.770   1.00 19.66 ? 158  LEU A CG  1 
ATOM   1244 C CD1 . LEU A 1 158 ? -3.861  1.312   4.784   1.00 15.92 ? 158  LEU A CD1 1 
ATOM   1245 C CD2 . LEU A 1 158 ? -5.844  -0.069  5.503   1.00 19.74 ? 158  LEU A CD2 1 
ATOM   1246 N N   . ALA A 1 159 ? -7.154  4.191   2.651   1.00 19.07 ? 159  ALA A N   1 
ATOM   1247 C CA  . ALA A 1 159 ? -7.503  4.138   1.226   1.00 18.64 ? 159  ALA A CA  1 
ATOM   1248 C C   . ALA A 1 159 ? -6.578  5.009   0.371   1.00 18.45 ? 159  ALA A C   1 
ATOM   1249 O O   . ALA A 1 159 ? -6.221  4.639   -0.755  1.00 18.94 ? 159  ALA A O   1 
ATOM   1250 C CB  . ALA A 1 159 ? -8.972  4.539   1.026   1.00 18.08 ? 159  ALA A CB  1 
ATOM   1251 N N   . ASP A 1 160 ? -6.186  6.162   0.905   1.00 18.17 ? 160  ASP A N   1 
ATOM   1252 C CA  . ASP A 1 160 ? -5.227  7.017   0.220   1.00 17.89 ? 160  ASP A CA  1 
ATOM   1253 C C   . ASP A 1 160 ? -3.930  6.276   -0.028  1.00 17.71 ? 160  ASP A C   1 
ATOM   1254 O O   . ASP A 1 160 ? -3.393  6.311   -1.128  1.00 17.36 ? 160  ASP A O   1 
ATOM   1255 C CB  . ASP A 1 160 ? -4.982  8.277   1.039   1.00 17.59 ? 160  ASP A CB  1 
ATOM   1256 C CG  . ASP A 1 160 ? -6.235  9.106   1.185   1.00 19.03 ? 160  ASP A CG  1 
ATOM   1257 O OD1 . ASP A 1 160 ? -6.873  9.354   0.138   1.00 19.86 ? 160  ASP A OD1 1 
ATOM   1258 O OD2 . ASP A 1 160 ? -6.590  9.504   2.322   1.00 17.88 ? 160  ASP A OD2 1 
ATOM   1259 N N   . LEU A 1 161 ? -3.460  5.581   1.007   1.00 18.58 ? 161  LEU A N   1 
ATOM   1260 C CA  . LEU A 1 161 ? -2.146  4.921   1.019   1.00 19.16 ? 161  LEU A CA  1 
ATOM   1261 C C   . LEU A 1 161 ? -2.080  3.692   0.134   1.00 19.09 ? 161  LEU A C   1 
ATOM   1262 O O   . LEU A 1 161 ? -1.114  3.488   -0.607  1.00 19.69 ? 161  LEU A O   1 
ATOM   1263 C CB  . LEU A 1 161 ? -1.756  4.572   2.448   1.00 18.76 ? 161  LEU A CB  1 
ATOM   1264 C CG  . LEU A 1 161 ? -2.020  5.756   3.406   1.00 20.06 ? 161  LEU A CG  1 
ATOM   1265 C CD1 . LEU A 1 161 ? -1.701  5.400   4.876   1.00 17.62 ? 161  LEU A CD1 1 
ATOM   1266 C CD2 . LEU A 1 161 ? -1.286  7.034   2.968   1.00 16.97 ? 161  LEU A CD2 1 
ATOM   1267 N N   . VAL A 1 162 ? -3.119  2.882   0.218   1.00 18.85 ? 162  VAL A N   1 
ATOM   1268 C CA  . VAL A 1 162 ? -3.243  1.690   -0.579  1.00 18.30 ? 162  VAL A CA  1 
ATOM   1269 C C   . VAL A 1 162 ? -3.355  2.079   -2.053  1.00 18.66 ? 162  VAL A C   1 
ATOM   1270 O O   . VAL A 1 162 ? -2.812  1.417   -2.923  1.00 18.38 ? 162  VAL A O   1 
ATOM   1271 C CB  . VAL A 1 162 ? -4.473  0.895   -0.109  1.00 18.28 ? 162  VAL A CB  1 
ATOM   1272 C CG1 . VAL A 1 162 ? -4.933  -0.118  -1.147  1.00 17.36 ? 162  VAL A CG1 1 
ATOM   1273 C CG2 . VAL A 1 162 ? -4.135  0.195   1.204   1.00 18.13 ? 162  VAL A CG2 1 
ATOM   1274 N N   . LEU A 1 163 ? -4.056  3.166   -2.338  1.00 19.09 ? 163  LEU A N   1 
ATOM   1275 C CA  . LEU A 1 163 ? -4.187  3.572   -3.721  1.00 19.20 ? 163  LEU A CA  1 
ATOM   1276 C C   . LEU A 1 163 ? -2.829  3.935   -4.306  1.00 19.35 ? 163  LEU A C   1 
ATOM   1277 O O   . LEU A 1 163 ? -2.438  3.375   -5.320  1.00 19.93 ? 163  LEU A O   1 
ATOM   1278 C CB  . LEU A 1 163 ? -5.176  4.718   -3.866  1.00 18.96 ? 163  LEU A CB  1 
ATOM   1279 C CG  . LEU A 1 163 ? -5.313  5.269   -5.290  1.00 18.93 ? 163  LEU A CG  1 
ATOM   1280 C CD1 . LEU A 1 163 ? -5.590  4.148   -6.278  1.00 19.02 ? 163  LEU A CD1 1 
ATOM   1281 C CD2 . LEU A 1 163 ? -6.442  6.283   -5.307  1.00 18.24 ? 163  LEU A CD2 1 
ATOM   1282 N N   . ILE A 1 164 ? -2.113  4.865   -3.671  1.00 19.37 ? 164  ILE A N   1 
ATOM   1283 C CA  . ILE A 1 164 ? -0.851  5.328   -4.236  1.00 19.30 ? 164  ILE A CA  1 
ATOM   1284 C C   . ILE A 1 164 ? 0.201   4.216   -4.399  1.00 19.37 ? 164  ILE A C   1 
ATOM   1285 O O   . ILE A 1 164 ? 0.987   4.273   -5.338  1.00 20.36 ? 164  ILE A O   1 
ATOM   1286 C CB  . ILE A 1 164 ? -0.232  6.575   -3.493  1.00 19.89 ? 164  ILE A CB  1 
ATOM   1287 C CG1 . ILE A 1 164 ? 0.281   6.213   -2.109  1.00 19.40 ? 164  ILE A CG1 1 
ATOM   1288 C CG2 . ILE A 1 164 ? -1.185  7.809   -3.508  1.00 18.06 ? 164  ILE A CG2 1 
ATOM   1289 C CD1 . ILE A 1 164 ? 1.352   7.136   -1.652  1.00 22.34 ? 164  ILE A CD1 1 
ATOM   1290 N N   . ALA A 1 165 ? 0.220   3.222   -3.506  1.00 18.66 ? 165  ALA A N   1 
ATOM   1291 C CA  . ALA A 1 165 ? 1.104   2.055   -3.670  1.00 18.53 ? 165  ALA A CA  1 
ATOM   1292 C C   . ALA A 1 165 ? 0.745   1.208   -4.911  1.00 18.92 ? 165  ALA A C   1 
ATOM   1293 O O   . ALA A 1 165 ? 1.649   0.714   -5.621  1.00 18.50 ? 165  ALA A O   1 
ATOM   1294 C CB  . ALA A 1 165 ? 1.087   1.181   -2.426  1.00 18.04 ? 165  ALA A CB  1 
ATOM   1295 N N   . VAL A 1 166 ? -0.557  1.026   -5.150  1.00 18.56 ? 166  VAL A N   1 
ATOM   1296 C CA  . VAL A 1 166 ? -1.037  0.230   -6.293  1.00 19.33 ? 166  VAL A CA  1 
ATOM   1297 C C   . VAL A 1 166 ? -0.729  0.907   -7.649  1.00 19.41 ? 166  VAL A C   1 
ATOM   1298 O O   . VAL A 1 166 ? -0.283  0.235   -8.590  1.00 19.45 ? 166  VAL A O   1 
ATOM   1299 C CB  . VAL A 1 166 ? -2.557  -0.123  -6.203  1.00 18.67 ? 166  VAL A CB  1 
ATOM   1300 C CG1 . VAL A 1 166 ? -2.943  -0.960  -7.364  1.00 18.63 ? 166  VAL A CG1 1 
ATOM   1301 C CG2 . VAL A 1 166 ? -2.831  -0.957  -4.971  1.00 21.00 ? 166  VAL A CG2 1 
ATOM   1302 N N   . ILE A 1 167 ? -0.973  2.215   -7.738  1.00 18.82 ? 167  ILE A N   1 
ATOM   1303 C CA  . ILE A 1 167 ? -0.529  3.028   -8.882  1.00 18.68 ? 167  ILE A CA  1 
ATOM   1304 C C   . ILE A 1 167 ? 0.983   2.941   -9.142  1.00 19.39 ? 167  ILE A C   1 
ATOM   1305 O O   . ILE A 1 167 ? 1.402   2.863   -10.282 1.00 19.47 ? 167  ILE A O   1 
ATOM   1306 C CB  . ILE A 1 167 ? -0.942  4.514   -8.696  1.00 18.84 ? 167  ILE A CB  1 
ATOM   1307 C CG1 . ILE A 1 167 ? -2.446  4.608   -8.426  1.00 16.00 ? 167  ILE A CG1 1 
ATOM   1308 C CG2 . ILE A 1 167 ? -0.538  5.361   -9.893  1.00 18.29 ? 167  ILE A CG2 1 
ATOM   1309 C CD1 . ILE A 1 167 ? -3.286  3.909   -9.458  1.00 16.55 ? 167  ILE A CD1 1 
ATOM   1310 N N   . ASP A 1 168 ? 1.804   2.919   -8.101  1.00 20.27 ? 168  ASP A N   1 
ATOM   1311 C CA  . ASP A 1 168 ? 3.237   2.722   -8.315  1.00 21.43 ? 168  ASP A CA  1 
ATOM   1312 C C   . ASP A 1 168 ? 3.502   1.389   -8.975  1.00 22.07 ? 168  ASP A C   1 
ATOM   1313 O O   . ASP A 1 168 ? 4.446   1.259   -9.773  1.00 22.58 ? 168  ASP A O   1 
ATOM   1314 C CB  . ASP A 1 168 ? 4.032   2.793   -7.004  1.00 21.62 ? 168  ASP A CB  1 
ATOM   1315 C CG  . ASP A 1 168 ? 4.175   4.206   -6.480  1.00 22.14 ? 168  ASP A CG  1 
ATOM   1316 O OD1 . ASP A 1 168 ? 4.775   4.367   -5.391  1.00 24.53 ? 168  ASP A OD1 1 
ATOM   1317 O OD2 . ASP A 1 168 ? 3.713   5.154   -7.151  1.00 21.94 ? 168  ASP A OD2 1 
ATOM   1318 N N   . HIS A 1 169 ? 2.689   0.386   -8.646  1.00 22.26 ? 169  HIS A N   1 
ATOM   1319 C CA  . HIS A 1 169 ? 2.847   -0.905  -9.282  1.00 22.60 ? 169  HIS A CA  1 
ATOM   1320 C C   . HIS A 1 169 ? 2.383   -0.841  -10.728 1.00 23.18 ? 169  HIS A C   1 
ATOM   1321 O O   . HIS A 1 169 ? 2.967   -1.501  -11.586 1.00 24.05 ? 169  HIS A O   1 
ATOM   1322 C CB  . HIS A 1 169 ? 2.073   -1.999  -8.569  1.00 22.60 ? 169  HIS A CB  1 
ATOM   1323 C CG  . HIS A 1 169 ? 2.772   -2.570  -7.375  1.00 23.33 ? 169  HIS A CG  1 
ATOM   1324 N ND1 . HIS A 1 169 ? 4.148   -2.640  -7.271  1.00 23.92 ? 169  HIS A ND1 1 
ATOM   1325 C CD2 . HIS A 1 169 ? 2.281   -3.146  -6.252  1.00 21.66 ? 169  HIS A CD2 1 
ATOM   1326 C CE1 . HIS A 1 169 ? 4.470   -3.212  -6.124  1.00 21.88 ? 169  HIS A CE1 1 
ATOM   1327 N NE2 . HIS A 1 169 ? 3.356   -3.539  -5.493  1.00 20.98 ? 169  HIS A NE2 1 
ATOM   1328 N N   . VAL A 1 170 ? 1.344   -0.060  -11.016 1.00 23.52 ? 170  VAL A N   1 
ATOM   1329 C CA  . VAL A 1 170 ? 0.896   0.051   -12.413 1.00 23.93 ? 170  VAL A CA  1 
ATOM   1330 C C   . VAL A 1 170 ? 1.981   0.726   -13.249 1.00 23.96 ? 170  VAL A C   1 
ATOM   1331 O O   . VAL A 1 170 ? 2.324   0.248   -14.338 1.00 23.25 ? 170  VAL A O   1 
ATOM   1332 C CB  . VAL A 1 170 ? -0.447  0.785   -12.585 1.00 24.09 ? 170  VAL A CB  1 
ATOM   1333 C CG1 . VAL A 1 170 ? -0.808  0.868   -14.078 1.00 24.80 ? 170  VAL A CG1 1 
ATOM   1334 C CG2 . VAL A 1 170 ? -1.545  0.061   -11.854 1.00 23.07 ? 170  VAL A CG2 1 
ATOM   1335 N N   . THR A 1 171 ? 2.547   1.808   -12.705 1.00 24.20 ? 171  THR A N   1 
ATOM   1336 C CA  . THR A 1 171 ? 3.588   2.515   -13.399 1.00 24.29 ? 171  THR A CA  1 
ATOM   1337 C C   . THR A 1 171 ? 4.894   1.678   -13.501 1.00 24.56 ? 171  THR A C   1 
ATOM   1338 O O   . THR A 1 171 ? 5.717   1.941   -14.382 1.00 24.88 ? 171  THR A O   1 
ATOM   1339 C CB  . THR A 1 171 ? 3.776   3.955   -12.869 1.00 24.28 ? 171  THR A CB  1 
ATOM   1340 O OG1 . THR A 1 171 ? 4.184   3.916   -11.504 1.00 25.93 ? 171  THR A OG1 1 
ATOM   1341 C CG2 . THR A 1 171 ? 2.475   4.758   -12.983 1.00 22.84 ? 171  THR A CG2 1 
ATOM   1342 N N   . ASP A 1 172 ? 5.065   0.664   -12.640 1.00 24.21 ? 172  ASP A N   1 
ATOM   1343 C CA  . ASP A 1 172 ? 6.173   -0.304  -12.799 1.00 24.52 ? 172  ASP A CA  1 
ATOM   1344 C C   . ASP A 1 172 ? 6.021   -1.124  -14.082 1.00 24.78 ? 172  ASP A C   1 
ATOM   1345 O O   . ASP A 1 172 ? 7.006   -1.580  -14.661 1.00 25.08 ? 172  ASP A O   1 
ATOM   1346 C CB  . ASP A 1 172 ? 6.255   -1.310  -11.637 1.00 24.25 ? 172  ASP A CB  1 
ATOM   1347 C CG  . ASP A 1 172 ? 6.827   -0.714  -10.352 1.00 24.97 ? 172  ASP A CG  1 
ATOM   1348 O OD1 . ASP A 1 172 ? 6.717   -1.379  -9.286  1.00 25.80 ? 172  ASP A OD1 1 
ATOM   1349 O OD2 . ASP A 1 172 ? 7.352   0.412   -10.386 1.00 24.09 ? 172  ASP A OD2 1 
ATOM   1350 N N   . LEU A 1 173 ? 4.785   -1.366  -14.494 1.00 25.35 ? 173  LEU A N   1 
ATOM   1351 C CA  . LEU A 1 173 ? 4.529   -2.199  -15.673 1.00 25.80 ? 173  LEU A CA  1 
ATOM   1352 C C   . LEU A 1 173 ? 4.634   -1.362  -16.928 1.00 26.33 ? 173  LEU A C   1 
ATOM   1353 O O   . LEU A 1 173 ? 5.136   -1.826  -17.939 1.00 27.03 ? 173  LEU A O   1 
ATOM   1354 C CB  . LEU A 1 173 ? 3.140   -2.847  -15.618 1.00 25.14 ? 173  LEU A CB  1 
ATOM   1355 C CG  . LEU A 1 173 ? 2.716   -3.695  -14.408 1.00 25.58 ? 173  LEU A CG  1 
ATOM   1356 C CD1 . LEU A 1 173 ? 1.210   -4.056  -14.505 1.00 22.06 ? 173  LEU A CD1 1 
ATOM   1357 C CD2 . LEU A 1 173 ? 3.595   -4.963  -14.227 1.00 24.63 ? 173  LEU A CD2 1 
ATOM   1358 N N   . ASP A 1 174 ? 4.136   -0.130  -16.858 1.00 26.75 ? 174  ASP A N   1 
ATOM   1359 C CA  . ASP A 1 174 ? 4.134   0.785   -17.980 1.00 27.02 ? 174  ASP A CA  1 
ATOM   1360 C C   . ASP A 1 174 ? 4.131   2.165   -17.387 1.00 27.54 ? 174  ASP A C   1 
ATOM   1361 O O   . ASP A 1 174 ? 3.093   2.626   -16.896 1.00 28.14 ? 174  ASP A O   1 
ATOM   1362 C CB  . ASP A 1 174 ? 2.877   0.584   -18.820 1.00 27.20 ? 174  ASP A CB  1 
ATOM   1363 C CG  . ASP A 1 174 ? 2.777   1.550   -19.997 1.00 27.54 ? 174  ASP A CG  1 
ATOM   1364 O OD1 . ASP A 1 174 ? 3.567   2.509   -20.104 1.00 30.14 ? 174  ASP A OD1 1 
ATOM   1365 O OD2 . ASP A 1 174 ? 1.879   1.356   -20.828 1.00 28.78 ? 174  ASP A OD2 1 
ATOM   1366 N N   . LYS A 1 175 ? 5.275   2.839   -17.440 1.00 27.67 ? 175  LYS A N   1 
ATOM   1367 C CA  . LYS A 1 175 ? 5.414   4.099   -16.731 1.00 28.48 ? 175  LYS A CA  1 
ATOM   1368 C C   . LYS A 1 175 ? 4.538   5.254   -17.241 1.00 27.60 ? 175  LYS A C   1 
ATOM   1369 O O   . LYS A 1 175 ? 4.259   6.175   -16.490 1.00 27.40 ? 175  LYS A O   1 
ATOM   1370 C CB  . LYS A 1 175 ? 6.888   4.496   -16.574 1.00 29.33 ? 175  LYS A CB  1 
ATOM   1371 C CG  . LYS A 1 175 ? 7.443   5.331   -17.685 1.00 33.68 ? 175  LYS A CG  1 
ATOM   1372 C CD  . LYS A 1 175 ? 7.813   4.443   -18.868 1.00 36.94 ? 175  LYS A CD  1 
ATOM   1373 C CE  . LYS A 1 175 ? 8.888   5.087   -19.708 1.00 35.92 ? 175  LYS A CE  1 
ATOM   1374 N NZ  . LYS A 1 175 ? 9.666   3.957   -20.278 1.00 37.30 ? 175  LYS A NZ  1 
ATOM   1375 N N   . GLU A 1 176 ? 4.065   5.167   -18.482 1.00 26.89 ? 176  GLU A N   1 
ATOM   1376 C CA  . GLU A 1 176 ? 3.289   6.244   -19.094 1.00 25.94 ? 176  GLU A CA  1 
ATOM   1377 C C   . GLU A 1 176 ? 1.824   5.878   -19.168 1.00 25.58 ? 176  GLU A C   1 
ATOM   1378 O O   . GLU A 1 176 ? 1.044   6.523   -19.873 1.00 24.58 ? 176  GLU A O   1 
ATOM   1379 C CB  . GLU A 1 176 ? 3.765   6.542   -20.526 1.00 26.15 ? 176  GLU A CB  1 
ATOM   1380 C CG  . GLU A 1 176 ? 5.196   7.050   -20.684 1.00 25.85 ? 176  GLU A CG  1 
ATOM   1381 C CD  . GLU A 1 176 ? 5.543   8.243   -19.802 1.00 27.56 ? 176  GLU A CD  1 
ATOM   1382 O OE1 . GLU A 1 176 ? 6.718   8.329   -19.386 1.00 33.70 ? 176  GLU A OE1 1 
ATOM   1383 O OE2 . GLU A 1 176 ? 4.680   9.092   -19.509 1.00 26.78 ? 176  GLU A OE2 1 
ATOM   1384 N N   . PHE A 1 177 ? 1.441   4.828   -18.459 1.00 25.23 ? 177  PHE A N   1 
ATOM   1385 C CA  . PHE A 1 177 ? 0.083   4.342   -18.610 1.00 24.86 ? 177  PHE A CA  1 
ATOM   1386 C C   . PHE A 1 177 ? -0.979  5.359   -18.189 1.00 24.77 ? 177  PHE A C   1 
ATOM   1387 O O   . PHE A 1 177 ? -2.085  5.376   -18.746 1.00 23.85 ? 177  PHE A O   1 
ATOM   1388 C CB  . PHE A 1 177 ? -0.130  2.999   -17.906 1.00 24.80 ? 177  PHE A CB  1 
ATOM   1389 C CG  . PHE A 1 177 ? -1.317  2.264   -18.423 1.00 24.32 ? 177  PHE A CG  1 
ATOM   1390 C CD1 . PHE A 1 177 ? -1.260  1.634   -19.679 1.00 22.57 ? 177  PHE A CD1 1 
ATOM   1391 C CD2 . PHE A 1 177 ? -2.506  2.243   -17.691 1.00 22.46 ? 177  PHE A CD2 1 
ATOM   1392 C CE1 . PHE A 1 177 ? -2.375  0.974   -20.188 1.00 24.99 ? 177  PHE A CE1 1 
ATOM   1393 C CE2 . PHE A 1 177 ? -3.626  1.586   -18.169 1.00 23.93 ? 177  PHE A CE2 1 
ATOM   1394 C CZ  . PHE A 1 177 ? -3.576  0.940   -19.426 1.00 24.81 ? 177  PHE A CZ  1 
ATOM   1395 N N   . LEU A 1 178 ? -0.636  6.210   -17.226 1.00 24.85 ? 178  LEU A N   1 
ATOM   1396 C CA  . LEU A 1 178 ? -1.588  7.200   -16.726 1.00 25.52 ? 178  LEU A CA  1 
ATOM   1397 C C   . LEU A 1 178 ? -1.345  8.621   -17.241 1.00 25.52 ? 178  LEU A C   1 
ATOM   1398 O O   . LEU A 1 178 ? -2.001  9.557   -16.770 1.00 25.61 ? 178  LEU A O   1 
ATOM   1399 C CB  . LEU A 1 178 ? -1.636  7.191   -15.183 1.00 26.21 ? 178  LEU A CB  1 
ATOM   1400 C CG  . LEU A 1 178 ? -2.196  5.929   -14.498 1.00 26.93 ? 178  LEU A CG  1 
ATOM   1401 C CD1 . LEU A 1 178 ? -1.091  4.976   -14.136 1.00 27.35 ? 178  LEU A CD1 1 
ATOM   1402 C CD2 . LEU A 1 178 ? -2.983  6.283   -13.251 1.00 28.88 ? 178  LEU A CD2 1 
ATOM   1403 N N   . THR A 1 179 ? -0.398  8.783   -18.175 1.00 25.00 ? 179  THR A N   1 
ATOM   1404 C CA  . THR A 1 179 ? -0.049  10.092  -18.710 1.00 24.94 ? 179  THR A CA  1 
ATOM   1405 C C   . THR A 1 179 ? -1.160  10.612  -19.624 1.00 24.50 ? 179  THR A C   1 
ATOM   1406 O O   . THR A 1 179 ? -1.457  9.995   -20.650 1.00 23.97 ? 179  THR A O   1 
ATOM   1407 C CB  . THR A 1 179 ? 1.252   10.063  -19.532 1.00 25.44 ? 179  THR A CB  1 
ATOM   1408 O OG1 . THR A 1 179 ? 2.324   9.624   -18.701 1.00 25.29 ? 179  THR A OG1 1 
ATOM   1409 C CG2 . THR A 1 179 ? 1.575   11.478  -20.088 1.00 25.05 ? 179  THR A CG2 1 
ATOM   1410 N N   . GLY A 1 180 ? -1.763  11.741  -19.240 1.00 23.22 ? 180  GLY A N   1 
ATOM   1411 C CA  . GLY A 1 180 ? -2.787  12.363  -20.061 1.00 22.18 ? 180  GLY A CA  1 
ATOM   1412 C C   . GLY A 1 180 ? -4.159  11.810  -19.748 1.00 22.25 ? 180  GLY A C   1 
ATOM   1413 O O   . GLY A 1 180 ? -5.139  12.193  -20.390 1.00 22.12 ? 180  GLY A O   1 
ATOM   1414 N N   . LYS A 1 181 ? -4.229  10.899  -18.771 1.00 21.74 ? 181  LYS A N   1 
ATOM   1415 C CA  . LYS A 1 181 ? -5.473  10.229  -18.420 1.00 21.26 ? 181  LYS A CA  1 
ATOM   1416 C C   . LYS A 1 181 ? -5.689  10.194  -16.896 1.00 21.41 ? 181  LYS A C   1 
ATOM   1417 O O   . LYS A 1 181 ? -4.786  10.490  -16.110 1.00 20.69 ? 181  LYS A O   1 
ATOM   1418 C CB  . LYS A 1 181 ? -5.516  8.782   -18.979 1.00 21.52 ? 181  LYS A CB  1 
ATOM   1419 C CG  . LYS A 1 181 ? -5.163  8.557   -20.432 1.00 18.74 ? 181  LYS A CG  1 
ATOM   1420 C CD  . LYS A 1 181 ? -5.710  7.208   -20.917 1.00 21.03 ? 181  LYS A CD  1 
ATOM   1421 C CE  . LYS A 1 181 ? -5.337  6.907   -22.361 1.00 21.53 ? 181  LYS A CE  1 
ATOM   1422 N NZ  . LYS A 1 181 ? -3.863  6.626   -22.464 1.00 23.51 ? 181  LYS A NZ  1 
ATOM   1423 N N   . TYR A 1 182 ? -6.898  9.797   -16.503 1.00 21.82 ? 182  TYR A N   1 
ATOM   1424 C CA  . TYR A 1 182 ? -7.271  9.564   -15.105 1.00 22.21 ? 182  TYR A CA  1 
ATOM   1425 C C   . TYR A 1 182 ? -6.926  10.765  -14.218 1.00 22.85 ? 182  TYR A C   1 
ATOM   1426 O O   . TYR A 1 182 ? -6.249  10.617  -13.196 1.00 23.41 ? 182  TYR A O   1 
ATOM   1427 C CB  . TYR A 1 182 ? -6.633  8.256   -14.562 1.00 21.75 ? 182  TYR A CB  1 
ATOM   1428 C CG  . TYR A 1 182 ? -6.764  7.060   -15.507 1.00 20.41 ? 182  TYR A CG  1 
ATOM   1429 C CD1 . TYR A 1 182 ? -5.632  6.535   -16.163 1.00 19.24 ? 182  TYR A CD1 1 
ATOM   1430 C CD2 . TYR A 1 182 ? -8.014  6.464   -15.753 1.00 17.48 ? 182  TYR A CD2 1 
ATOM   1431 C CE1 . TYR A 1 182 ? -5.745  5.450   -17.051 1.00 18.52 ? 182  TYR A CE1 1 
ATOM   1432 C CE2 . TYR A 1 182 ? -8.134  5.379   -16.619 1.00 16.91 ? 182  TYR A CE2 1 
ATOM   1433 C CZ  . TYR A 1 182 ? -7.007  4.886   -17.272 1.00 19.17 ? 182  TYR A CZ  1 
ATOM   1434 O OH  . TYR A 1 182 ? -7.136  3.825   -18.138 1.00 20.07 ? 182  TYR A OH  1 
ATOM   1435 N N   . PRO A 1 183 ? -7.418  11.960  -14.584 1.00 22.80 ? 183  PRO A N   1 
ATOM   1436 C CA  . PRO A 1 183 ? -7.013  13.137  -13.805 1.00 23.17 ? 183  PRO A CA  1 
ATOM   1437 C C   . PRO A 1 183 ? -7.302  13.021  -12.294 1.00 23.30 ? 183  PRO A C   1 
ATOM   1438 O O   . PRO A 1 183 ? -6.588  13.625  -11.489 1.00 23.74 ? 183  PRO A O   1 
ATOM   1439 C CB  . PRO A 1 183 ? -7.830  14.282  -14.434 1.00 22.65 ? 183  PRO A CB  1 
ATOM   1440 C CG  . PRO A 1 183 ? -8.983  13.576  -15.162 1.00 22.52 ? 183  PRO A CG  1 
ATOM   1441 C CD  . PRO A 1 183 ? -8.370  12.303  -15.657 1.00 22.54 ? 183  PRO A CD  1 
ATOM   1442 N N   . GLU A 1 184 ? -8.319  12.258  -11.903 1.00 23.24 ? 184  GLU A N   1 
ATOM   1443 C CA  . GLU A 1 184 ? -8.686  12.163  -10.476 1.00 23.30 ? 184  GLU A CA  1 
ATOM   1444 C C   . GLU A 1 184 ? -7.604  11.461  -9.642  1.00 23.53 ? 184  GLU A C   1 
ATOM   1445 O O   . GLU A 1 184 ? -7.457  11.725  -8.446  1.00 24.47 ? 184  GLU A O   1 
ATOM   1446 C CB  . GLU A 1 184 ? -10.039 11.466  -10.288 1.00 23.01 ? 184  GLU A CB  1 
ATOM   1447 C CG  . GLU A 1 184 ? -11.246 12.224  -10.873 1.00 23.98 ? 184  GLU A CG  1 
ATOM   1448 C CD  . GLU A 1 184 ? -11.550 11.850  -12.348 1.00 26.89 ? 184  GLU A CD  1 
ATOM   1449 O OE1 . GLU A 1 184 ? -10.746 11.136  -12.983 1.00 24.59 ? 184  GLU A OE1 1 
ATOM   1450 O OE2 . GLU A 1 184 ? -12.599 12.283  -12.881 1.00 28.29 ? 184  GLU A OE2 1 
ATOM   1451 N N   . ILE A 1 185 ? -6.844  10.583  -10.284 1.00 23.18 ? 185  ILE A N   1 
ATOM   1452 C CA  . ILE A 1 185 ? -5.788  9.835   -9.620  1.00 22.85 ? 185  ILE A CA  1 
ATOM   1453 C C   . ILE A 1 185 ? -4.499  10.661  -9.424  1.00 23.66 ? 185  ILE A C   1 
ATOM   1454 O O   . ILE A 1 185 ? -3.891  10.627  -8.337  1.00 23.72 ? 185  ILE A O   1 
ATOM   1455 C CB  . ILE A 1 185 ? -5.515  8.512   -10.372 1.00 22.65 ? 185  ILE A CB  1 
ATOM   1456 C CG1 . ILE A 1 185 ? -6.695  7.553   -10.120 1.00 22.16 ? 185  ILE A CG1 1 
ATOM   1457 C CG2 . ILE A 1 185 ? -4.165  7.894   -9.958  1.00 20.83 ? 185  ILE A CG2 1 
ATOM   1458 C CD1 . ILE A 1 185 ? -6.628  6.250   -10.867 1.00 20.56 ? 185  ILE A CD1 1 
ATOM   1459 N N   . HIS A 1 186 ? -4.072  11.368  -10.475 1.00 23.32 ? 186  HIS A N   1 
ATOM   1460 C CA  . HIS A 1 186 ? -2.983  12.358  -10.386 1.00 23.46 ? 186  HIS A CA  1 
ATOM   1461 C C   . HIS A 1 186 ? -3.276  13.417  -9.326  1.00 23.16 ? 186  HIS A C   1 
ATOM   1462 O O   . HIS A 1 186 ? -2.417  13.783  -8.533  1.00 23.69 ? 186  HIS A O   1 
ATOM   1463 C CB  . HIS A 1 186 ? -2.796  13.079  -11.732 1.00 23.06 ? 186  HIS A CB  1 
ATOM   1464 C CG  . HIS A 1 186 ? -2.299  12.200  -12.827 1.00 24.26 ? 186  HIS A CG  1 
ATOM   1465 N ND1 . HIS A 1 186 ? -1.024  11.678  -12.842 1.00 26.32 ? 186  HIS A ND1 1 
ATOM   1466 C CD2 . HIS A 1 186 ? -2.909  11.741  -13.944 1.00 26.70 ? 186  HIS A CD2 1 
ATOM   1467 C CE1 . HIS A 1 186 ? -0.872  10.932  -13.921 1.00 28.93 ? 186  HIS A CE1 1 
ATOM   1468 N NE2 . HIS A 1 186 ? -2.001  10.957  -14.609 1.00 27.62 ? 186  HIS A NE2 1 
ATOM   1469 N N   . LYS A 1 187 ? -4.504  13.902  -9.323  1.00 22.94 ? 187  LYS A N   1 
ATOM   1470 C CA  . LYS A 1 187 ? -4.905  14.962  -8.418  1.00 23.27 ? 187  LYS A CA  1 
ATOM   1471 C C   . LYS A 1 187 ? -4.929  14.407  -7.007  1.00 22.32 ? 187  LYS A C   1 
ATOM   1472 O O   . LYS A 1 187 ? -4.579  15.100  -6.049  1.00 22.03 ? 187  LYS A O   1 
ATOM   1473 C CB  . LYS A 1 187 ? -6.284  15.513  -8.832  1.00 23.74 ? 187  LYS A CB  1 
ATOM   1474 C CG  . LYS A 1 187 ? -6.735  16.766  -8.091  1.00 27.19 ? 187  LYS A CG  1 
ATOM   1475 C CD  . LYS A 1 187 ? -5.992  18.051  -8.568  1.00 30.90 ? 187  LYS A CD  1 
ATOM   1476 C CE  . LYS A 1 187 ? -6.520  19.298  -7.844  1.00 32.32 ? 187  LYS A CE  1 
ATOM   1477 N NZ  . LYS A 1 187 ? -5.472  20.391  -7.663  1.00 37.24 ? 187  LYS A NZ  1 
ATOM   1478 N N   . HIS A 1 188 ? -5.348  13.148  -6.880  1.00 21.58 ? 188  HIS A N   1 
ATOM   1479 C CA  . HIS A 1 188 ? -5.407  12.529  -5.572  1.00 21.31 ? 188  HIS A CA  1 
ATOM   1480 C C   . HIS A 1 188 ? -4.010  12.474  -4.958  1.00 21.24 ? 188  HIS A C   1 
ATOM   1481 O O   . HIS A 1 188 ? -3.839  12.856  -3.813  1.00 20.70 ? 188  HIS A O   1 
ATOM   1482 C CB  . HIS A 1 188 ? -6.004  11.115  -5.614  1.00 21.03 ? 188  HIS A CB  1 
ATOM   1483 C CG  . HIS A 1 188 ? -5.813  10.361  -4.336  1.00 21.33 ? 188  HIS A CG  1 
ATOM   1484 N ND1 . HIS A 1 188 ? -4.725  9.541   -4.109  1.00 23.24 ? 188  HIS A ND1 1 
ATOM   1485 C CD2 . HIS A 1 188 ? -6.532  10.355  -3.186  1.00 22.06 ? 188  HIS A CD2 1 
ATOM   1486 C CE1 . HIS A 1 188 ? -4.797  9.038   -2.885  1.00 23.74 ? 188  HIS A CE1 1 
ATOM   1487 N NE2 . HIS A 1 188 ? -5.883  9.523   -2.300  1.00 23.38 ? 188  HIS A NE2 1 
ATOM   1488 N N   . ARG A 1 189 ? -3.032  11.988  -5.727  1.00 21.44 ? 189  ARG A N   1 
ATOM   1489 C CA  . ARG A 1 189 ? -1.649  11.905  -5.266  1.00 22.84 ? 189  ARG A CA  1 
ATOM   1490 C C   . ARG A 1 189 ? -1.170  13.300  -4.861  1.00 22.54 ? 189  ARG A C   1 
ATOM   1491 O O   . ARG A 1 189 ? -0.641  13.500  -3.762  1.00 22.25 ? 189  ARG A O   1 
ATOM   1492 C CB  . ARG A 1 189 ? -0.722  11.268  -6.324  1.00 22.36 ? 189  ARG A CB  1 
ATOM   1493 C CG  . ARG A 1 189 ? 0.725   11.131  -5.861  1.00 23.55 ? 189  ARG A CG  1 
ATOM   1494 C CD  . ARG A 1 189 ? 1.663   10.484  -6.925  1.00 23.82 ? 189  ARG A CD  1 
ATOM   1495 N NE  . ARG A 1 189 ? 1.396   9.049   -7.036  1.00 29.69 ? 189  ARG A NE  1 
ATOM   1496 C CZ  . ARG A 1 189 ? 2.119   8.067   -6.483  1.00 30.13 ? 189  ARG A CZ  1 
ATOM   1497 N NH1 . ARG A 1 189 ? 3.243   8.314   -5.793  1.00 27.38 ? 189  ARG A NH1 1 
ATOM   1498 N NH2 . ARG A 1 189 ? 1.716   6.811   -6.660  1.00 28.79 ? 189  ARG A NH2 1 
ATOM   1499 N N   . GLU A 1 190 ? -1.408  14.266  -5.735  1.00 22.89 ? 190  GLU A N   1 
ATOM   1500 C CA  . GLU A 1 190 ? -1.098  15.686  -5.454  1.00 23.72 ? 190  GLU A CA  1 
ATOM   1501 C C   . GLU A 1 190 ? -1.692  16.207  -4.124  1.00 22.82 ? 190  GLU A C   1 
ATOM   1502 O O   . GLU A 1 190 ? -0.984  16.769  -3.291  1.00 22.42 ? 190  GLU A O   1 
ATOM   1503 C CB  . GLU A 1 190 ? -1.592  16.483  -6.638  1.00 24.09 ? 190  GLU A CB  1 
ATOM   1504 C CG  . GLU A 1 190 ? -1.216  17.912  -6.687  1.00 28.20 ? 190  GLU A CG  1 
ATOM   1505 C CD  . GLU A 1 190 ? -1.851  18.601  -7.894  1.00 32.68 ? 190  GLU A CD  1 
ATOM   1506 O OE1 . GLU A 1 190 ? -1.906  19.858  -7.858  1.00 33.64 ? 190  GLU A OE1 1 
ATOM   1507 O OE2 . GLU A 1 190 ? -2.286  17.877  -8.849  1.00 30.33 ? 190  GLU A OE2 1 
ATOM   1508 N N   . ASN A 1 191 ? -2.985  15.993  -3.907  1.00 22.64 ? 191  ASN A N   1 
ATOM   1509 C CA  . ASN A 1 191 ? -3.622  16.375  -2.634  1.00 22.38 ? 191  ASN A CA  1 
ATOM   1510 C C   . ASN A 1 191 ? -3.101  15.629  -1.421  1.00 22.41 ? 191  ASN A C   1 
ATOM   1511 O O   . ASN A 1 191 ? -2.955  16.211  -0.322  1.00 22.44 ? 191  ASN A O   1 
ATOM   1512 C CB  . ASN A 1 191 ? -5.134  16.216  -2.717  1.00 22.18 ? 191  ASN A CB  1 
ATOM   1513 C CG  . ASN A 1 191 ? -5.763  17.134  -3.776  1.00 21.77 ? 191  ASN A CG  1 
ATOM   1514 O OD1 . ASN A 1 191 ? -5.126  18.074  -4.293  1.00 18.31 ? 191  ASN A OD1 1 
ATOM   1515 N ND2 . ASN A 1 191 ? -7.019  16.866  -4.090  1.00 21.20 ? 191  ASN A ND2 1 
ATOM   1516 N N   . LEU A 1 192 ? -2.813  14.349  -1.621  1.00 22.00 ? 192  LEU A N   1 
ATOM   1517 C CA  . LEU A 1 192 ? -2.301  13.518  -0.552  1.00 22.25 ? 192  LEU A CA  1 
ATOM   1518 C C   . LEU A 1 192 ? -0.956  14.031  -0.034  1.00 23.35 ? 192  LEU A C   1 
ATOM   1519 O O   . LEU A 1 192 ? -0.760  14.157  1.180   1.00 23.69 ? 192  LEU A O   1 
ATOM   1520 C CB  . LEU A 1 192 ? -2.202  12.041  -0.983  1.00 21.99 ? 192  LEU A CB  1 
ATOM   1521 C CG  . LEU A 1 192 ? -1.719  11.090  0.124   1.00 21.47 ? 192  LEU A CG  1 
ATOM   1522 C CD1 . LEU A 1 192 ? -2.609  11.167  1.373   1.00 17.09 ? 192  LEU A CD1 1 
ATOM   1523 C CD2 . LEU A 1 192 ? -1.609  9.666   -0.392  1.00 20.81 ? 192  LEU A CD2 1 
ATOM   1524 N N   . LEU A 1 193 ? -0.027  14.302  -0.949  1.00 24.29 ? 193  LEU A N   1 
ATOM   1525 C CA  . LEU A 1 193 ? 1.311   14.769  -0.561  1.00 25.37 ? 193  LEU A CA  1 
ATOM   1526 C C   . LEU A 1 193 ? 1.255   16.159  0.089   1.00 25.61 ? 193  LEU A C   1 
ATOM   1527 O O   . LEU A 1 193 ? 1.959   16.423  1.059   1.00 25.87 ? 193  LEU A O   1 
ATOM   1528 C CB  . LEU A 1 193 ? 2.279   14.728  -1.748  1.00 25.00 ? 193  LEU A CB  1 
ATOM   1529 C CG  . LEU A 1 193 ? 2.541   13.344  -2.388  1.00 25.82 ? 193  LEU A CG  1 
ATOM   1530 C CD1 . LEU A 1 193 ? 3.941   13.318  -3.003  1.00 23.52 ? 193  LEU A CD1 1 
ATOM   1531 C CD2 . LEU A 1 193 ? 2.380   12.168  -1.401  1.00 23.48 ? 193  LEU A CD2 1 
ATOM   1532 N N   . ALA A 1 194 ? 0.394   17.020  -0.439  1.00 26.14 ? 194  ALA A N   1 
ATOM   1533 C CA  . ALA A 1 194 ? 0.116   18.320  0.171   1.00 26.92 ? 194  ALA A CA  1 
ATOM   1534 C C   . ALA A 1 194 ? -0.372  18.161  1.630   1.00 27.59 ? 194  ALA A C   1 
ATOM   1535 O O   . ALA A 1 194 ? 0.088   18.897  2.518   1.00 27.50 ? 194  ALA A O   1 
ATOM   1536 C CB  . ALA A 1 194 ? -0.915  19.084  -0.652  1.00 25.90 ? 194  ALA A CB  1 
ATOM   1537 N N   . SER A 1 195 ? -1.287  17.206  1.852   1.00 27.99 ? 195  SER A N   1 
ATOM   1538 C CA  . SER A 1 195 ? -1.915  16.958  3.163   1.00 28.84 ? 195  SER A CA  1 
ATOM   1539 C C   . SER A 1 195 ? -0.998  16.269  4.122   1.00 28.61 ? 195  SER A C   1 
ATOM   1540 O O   . SER A 1 195 ? -1.191  16.357  5.325   1.00 28.68 ? 195  SER A O   1 
ATOM   1541 C CB  . SER A 1 195 ? -3.149  16.052  3.037   1.00 29.26 ? 195  SER A CB  1 
ATOM   1542 O OG  . SER A 1 195 ? -4.271  16.779  2.562   1.00 32.00 ? 195  SER A OG  1 
ATOM   1543 N N   . SER A 1 196 ? -0.021  15.546  3.585   1.00 28.98 ? 196  SER A N   1 
ATOM   1544 C CA  . SER A 1 196 ? 0.888   14.764  4.409   1.00 28.74 ? 196  SER A CA  1 
ATOM   1545 C C   . SER A 1 196 ? 2.375   15.003  4.055   1.00 28.95 ? 196  SER A C   1 
ATOM   1546 O O   . SER A 1 196 ? 2.991   14.226  3.303   1.00 29.16 ? 196  SER A O   1 
ATOM   1547 C CB  . SER A 1 196 ? 0.498   13.284  4.353   1.00 28.23 ? 196  SER A CB  1 
ATOM   1548 O OG  . SER A 1 196 ? 1.261   12.544  5.285   1.00 29.20 ? 196  SER A OG  1 
ATOM   1549 N N   . PRO A 1 197 ? 2.955   16.093  4.597   1.00 29.56 ? 197  PRO A N   1 
ATOM   1550 C CA  . PRO A 1 197 ? 4.402   16.355  4.531   1.00 29.78 ? 197  PRO A CA  1 
ATOM   1551 C C   . PRO A 1 197 ? 5.257   15.157  4.945   1.00 29.90 ? 197  PRO A C   1 
ATOM   1552 O O   . PRO A 1 197 ? 6.315   14.944  4.340   1.00 30.13 ? 197  PRO A O   1 
ATOM   1553 C CB  . PRO A 1 197 ? 4.602   17.511  5.527   1.00 29.48 ? 197  PRO A CB  1 
ATOM   1554 C CG  . PRO A 1 197 ? 3.309   18.214  5.520   1.00 29.60 ? 197  PRO A CG  1 
ATOM   1555 C CD  . PRO A 1 197 ? 2.242   17.180  5.302   1.00 29.56 ? 197  PRO A CD  1 
ATOM   1556 N N   . ARG A 1 198 ? 4.806   14.392  5.951   1.00 30.41 ? 198  ARG A N   1 
ATOM   1557 C CA  . ARG A 1 198 ? 5.501   13.160  6.412   1.00 30.46 ? 198  ARG A CA  1 
ATOM   1558 C C   . ARG A 1 198 ? 5.539   12.104  5.329   1.00 29.98 ? 198  ARG A C   1 
ATOM   1559 O O   . ARG A 1 198 ? 6.549   11.443  5.122   1.00 30.13 ? 198  ARG A O   1 
ATOM   1560 C CB  . ARG A 1 198 ? 4.786   12.548  7.609   1.00 30.78 ? 198  ARG A CB  1 
ATOM   1561 C CG  . ARG A 1 198 ? 5.028   13.207  8.957   1.00 32.77 ? 198  ARG A CG  1 
ATOM   1562 C CD  . ARG A 1 198 ? 4.131   12.509  9.975   1.00 36.00 ? 198  ARG A CD  1 
ATOM   1563 N NE  . ARG A 1 198 ? 3.791   13.370  11.099  1.00 39.23 ? 198  ARG A NE  1 
ATOM   1564 C CZ  . ARG A 1 198 ? 2.571   13.482  11.623  1.00 40.61 ? 198  ARG A CZ  1 
ATOM   1565 N NH1 . ARG A 1 198 ? 1.539   12.807  11.111  1.00 39.81 ? 198  ARG A NH1 1 
ATOM   1566 N NH2 . ARG A 1 198 ? 2.376   14.291  12.659  1.00 41.62 ? 198  ARG A NH2 1 
ATOM   1567 N N   . LEU A 1 199 ? 4.414   11.916  4.659   1.00 29.97 ? 199  LEU A N   1 
ATOM   1568 C CA  . LEU A 1 199 ? 4.366   10.967  3.569   1.00 30.26 ? 199  LEU A CA  1 
ATOM   1569 C C   . LEU A 1 199 ? 5.150   11.487  2.361   1.00 30.07 ? 199  LEU A C   1 
ATOM   1570 O O   . LEU A 1 199 ? 5.874   10.728  1.737   1.00 29.74 ? 199  LEU A O   1 
ATOM   1571 C CB  . LEU A 1 199 ? 2.930   10.633  3.199   1.00 30.65 ? 199  LEU A CB  1 
ATOM   1572 C CG  . LEU A 1 199 ? 2.799   9.427   2.276   1.00 31.93 ? 199  LEU A CG  1 
ATOM   1573 C CD1 . LEU A 1 199 ? 2.879   8.085   3.060   1.00 32.24 ? 199  LEU A CD1 1 
ATOM   1574 C CD2 . LEU A 1 199 ? 1.512   9.522   1.434   1.00 31.72 ? 199  LEU A CD2 1 
ATOM   1575 N N   . ALA A 1 200 ? 5.033   12.782  2.054   1.00 30.01 ? 200  ALA A N   1 
ATOM   1576 C CA  . ALA A 1 200 ? 5.892   13.403  1.016   1.00 29.78 ? 200  ALA A CA  1 
ATOM   1577 C C   . ALA A 1 200 ? 7.393   13.160  1.278   1.00 29.64 ? 200  ALA A C   1 
ATOM   1578 O O   . ALA A 1 200 ? 8.097   12.660  0.394   1.00 29.50 ? 200  ALA A O   1 
ATOM   1579 C CB  . ALA A 1 200 ? 5.579   14.902  0.832   1.00 28.96 ? 200  ALA A CB  1 
ATOM   1580 N N   . LYS A 1 201 ? 7.876   13.453  2.483   1.00 29.65 ? 201  LYS A N   1 
ATOM   1581 C CA  . LYS A 1 201 ? 9.301   13.208  2.785   1.00 30.74 ? 201  LYS A CA  1 
ATOM   1582 C C   . LYS A 1 201 ? 9.693   11.725  2.688   1.00 29.45 ? 201  LYS A C   1 
ATOM   1583 O O   . LYS A 1 201 ? 10.747  11.380  2.134   1.00 29.06 ? 201  LYS A O   1 
ATOM   1584 C CB  . LYS A 1 201 ? 9.709   13.785  4.145   1.00 31.15 ? 201  LYS A CB  1 
ATOM   1585 C CG  . LYS A 1 201 ? 11.182  13.537  4.491   1.00 33.35 ? 201  LYS A CG  1 
ATOM   1586 C CD  . LYS A 1 201 ? 11.524  13.884  5.962   1.00 33.73 ? 201  LYS A CD  1 
ATOM   1587 C CE  . LYS A 1 201 ? 13.015  13.537  6.295   1.00 36.74 ? 201  LYS A CE  1 
ATOM   1588 N NZ  . LYS A 1 201 ? 13.933  13.761  5.114   1.00 38.25 ? 201  LYS A NZ  1 
ATOM   1589 N N   . TYR A 1 202 ? 8.836   10.861  3.235   1.00 28.47 ? 202  TYR A N   1 
ATOM   1590 C CA  . TYR A 1 202 ? 9.029   9.412   3.190   1.00 27.45 ? 202  TYR A CA  1 
ATOM   1591 C C   . TYR A 1 202 ? 9.152   8.895   1.757   1.00 27.60 ? 202  TYR A C   1 
ATOM   1592 O O   . TYR A 1 202 ? 10.022  8.082   1.461   1.00 26.97 ? 202  TYR A O   1 
ATOM   1593 C CB  . TYR A 1 202 ? 7.880   8.692   3.909   1.00 26.86 ? 202  TYR A CB  1 
ATOM   1594 C CG  . TYR A 1 202 ? 7.885   7.202   3.692   1.00 25.81 ? 202  TYR A CG  1 
ATOM   1595 C CD1 . TYR A 1 202 ? 7.042   6.610   2.725   1.00 24.99 ? 202  TYR A CD1 1 
ATOM   1596 C CD2 . TYR A 1 202 ? 8.751   6.378   4.417   1.00 24.22 ? 202  TYR A CD2 1 
ATOM   1597 C CE1 . TYR A 1 202 ? 7.066   5.231   2.495   1.00 24.61 ? 202  TYR A CE1 1 
ATOM   1598 C CE2 . TYR A 1 202 ? 8.790   4.999   4.195   1.00 24.53 ? 202  TYR A CE2 1 
ATOM   1599 C CZ  . TYR A 1 202 ? 7.937   4.431   3.247   1.00 25.46 ? 202  TYR A CZ  1 
ATOM   1600 O OH  . TYR A 1 202 ? 7.968   3.072   3.050   1.00 25.53 ? 202  TYR A OH  1 
ATOM   1601 N N   . LEU A 1 203 ? 8.246   9.346   0.890   1.00 28.21 ? 203  LEU A N   1 
ATOM   1602 C CA  . LEU A 1 203 ? 8.262   8.997   -0.529  1.00 29.75 ? 203  LEU A CA  1 
ATOM   1603 C C   . LEU A 1 203 ? 9.538   9.501   -1.233  1.00 30.79 ? 203  LEU A C   1 
ATOM   1604 O O   . LEU A 1 203 ? 10.102  8.793   -2.031  1.00 30.73 ? 203  LEU A O   1 
ATOM   1605 C CB  . LEU A 1 203 ? 7.023   9.553   -1.232  1.00 28.90 ? 203  LEU A CB  1 
ATOM   1606 C CG  . LEU A 1 203 ? 5.795   8.678   -1.533  1.00 30.64 ? 203  LEU A CG  1 
ATOM   1607 C CD1 . LEU A 1 203 ? 5.976   7.124   -1.445  1.00 27.97 ? 203  LEU A CD1 1 
ATOM   1608 C CD2 . LEU A 1 203 ? 4.528   9.133   -0.848  1.00 28.72 ? 203  LEU A CD2 1 
ATOM   1609 N N   . SER A 1 204 ? 9.993   10.713  -0.920  1.00 32.66 ? 204  SER A N   1 
ATOM   1610 C CA  . SER A 1 204 ? 11.269  11.212  -1.436  1.00 35.20 ? 204  SER A CA  1 
ATOM   1611 C C   . SER A 1 204 ? 12.526  10.501  -0.902  1.00 36.92 ? 204  SER A C   1 
ATOM   1612 O O   . SER A 1 204 ? 13.582  10.609  -1.520  1.00 37.27 ? 204  SER A O   1 
ATOM   1613 C CB  . SER A 1 204 ? 11.392  12.710  -1.204  1.00 34.94 ? 204  SER A CB  1 
ATOM   1614 O OG  . SER A 1 204 ? 10.409  13.399  -1.951  1.00 36.33 ? 204  SER A OG  1 
ATOM   1615 N N   . ASP A 1 205 ? 12.428  9.788   0.225   1.00 39.05 ? 205  ASP A N   1 
ATOM   1616 C CA  . ASP A 1 205 ? 13.596  9.055   0.754   1.00 41.39 ? 205  ASP A CA  1 
ATOM   1617 C C   . ASP A 1 205 ? 13.670  7.566   0.435   1.00 42.58 ? 205  ASP A C   1 
ATOM   1618 O O   . ASP A 1 205 ? 14.696  6.959   0.720   1.00 43.08 ? 205  ASP A O   1 
ATOM   1619 C CB  . ASP A 1 205 ? 13.778  9.270   2.257   1.00 41.70 ? 205  ASP A CB  1 
ATOM   1620 C CG  . ASP A 1 205 ? 13.965  10.718  2.614   1.00 43.04 ? 205  ASP A CG  1 
ATOM   1621 O OD1 . ASP A 1 205 ? 14.490  11.506  1.779   1.00 43.21 ? 205  ASP A OD1 1 
ATOM   1622 O OD2 . ASP A 1 205 ? 13.564  11.068  3.740   1.00 46.61 ? 205  ASP A OD2 1 
ATOM   1623 N N   . ARG A 1 206 ? 12.607  6.971   -0.124  1.00 44.22 ? 206  ARG A N   1 
ATOM   1624 C CA  . ARG A 1 206 ? 12.730  5.660   -0.800  1.00 45.91 ? 206  ARG A CA  1 
ATOM   1625 C C   . ARG A 1 206 ? 13.622  5.915   -2.023  1.00 46.86 ? 206  ARG A C   1 
ATOM   1626 O O   . ARG A 1 206 ? 13.238  6.731   -2.868  1.00 47.60 ? 206  ARG A O   1 
ATOM   1627 C CB  . ARG A 1 206 ? 11.362  5.138   -1.271  1.00 46.15 ? 206  ARG A CB  1 
ATOM   1628 C CG  . ARG A 1 206 ? 10.328  4.899   -0.194  1.00 45.34 ? 206  ARG A CG  1 
ATOM   1629 C CD  . ARG A 1 206 ? 9.321   3.833   -0.619  1.00 44.88 ? 206  ARG A CD  1 
ATOM   1630 N NE  . ARG A 1 206 ? 8.156   4.341   -1.362  1.00 45.09 ? 206  ARG A NE  1 
ATOM   1631 C CZ  . ARG A 1 206 ? 8.053   4.351   -2.692  1.00 44.18 ? 206  ARG A CZ  1 
ATOM   1632 N NH1 . ARG A 1 206 ? 6.961   4.811   -3.284  1.00 41.04 ? 206  ARG A NH1 1 
ATOM   1633 N NH2 . ARG A 1 206 ? 9.050   3.893   -3.443  1.00 46.59 ? 206  ARG A NH2 1 
ATOM   1634 N N   . ALA A 1 207 ? 14.757  5.231   -2.222  1.00 48.05 ? 207  ALA A N   1 
ATOM   1635 C CA  . ALA A 1 207 ? 15.038  3.818   -1.964  1.00 48.88 ? 207  ALA A CA  1 
ATOM   1636 C C   . ALA A 1 207 ? 14.152  3.057   -2.954  1.00 49.09 ? 207  ALA A C   1 
ATOM   1637 O O   . ALA A 1 207 ? 13.235  2.322   -2.573  1.00 49.45 ? 207  ALA A O   1 
ATOM   1638 C CB  . ALA A 1 207 ? 14.809  3.421   -0.518  1.00 49.30 ? 207  ALA A CB  1 
ATOM   1639 N N   . ALA A 1 208 ? 14.420  3.308   -4.237  1.00 48.85 ? 208  ALA A N   1 
ATOM   1640 C CA  . ALA A 1 208 ? 13.772  2.628   -5.352  1.00 49.02 ? 208  ALA A CA  1 
ATOM   1641 C C   . ALA A 1 208 ? 14.046  1.133   -5.267  1.00 48.94 ? 208  ALA A C   1 
ATOM   1642 O O   . ALA A 1 208 ? 15.176  0.692   -5.010  1.00 48.84 ? 208  ALA A O   1 
ATOM   1643 C CB  . ALA A 1 208 ? 14.262  3.191   -6.714  1.00 49.08 ? 208  ALA A CB  1 
ATOM   1644 N N   . THR A 1 209 ? 12.992  0.364   -5.480  1.00 48.69 ? 209  THR A N   1 
ATOM   1645 C CA  . THR A 1 209 ? 13.042  -1.072  -5.329  1.00 48.75 ? 209  THR A CA  1 
ATOM   1646 C C   . THR A 1 209 ? 12.301  -1.662  -6.517  1.00 48.64 ? 209  THR A C   1 
ATOM   1647 O O   . THR A 1 209 ? 11.446  -0.979  -7.086  1.00 48.61 ? 209  THR A O   1 
ATOM   1648 C CB  . THR A 1 209 ? 12.403  -1.507  -3.992  1.00 48.66 ? 209  THR A CB  1 
ATOM   1649 O OG1 . THR A 1 209 ? 11.352  -0.594  -3.639  1.00 48.74 ? 209  THR A OG1 1 
ATOM   1650 C CG2 . THR A 1 209 ? 13.444  -1.496  -2.883  1.00 49.21 ? 209  THR A CG2 1 
ATOM   1651 N N   . PRO A 1 210 ? 12.642  -2.911  -6.917  1.00 48.59 ? 210  PRO A N   1 
ATOM   1652 C CA  . PRO A 1 210 ? 11.980  -3.559  -8.069  1.00 48.35 ? 210  PRO A CA  1 
ATOM   1653 C C   . PRO A 1 210 ? 10.491  -3.935  -7.865  1.00 48.10 ? 210  PRO A C   1 
ATOM   1654 O O   . PRO A 1 210 ? 9.784   -4.154  -8.853  1.00 47.54 ? 210  PRO A O   1 
ATOM   1655 C CB  . PRO A 1 210 ? 12.837  -4.813  -8.305  1.00 48.57 ? 210  PRO A CB  1 
ATOM   1656 C CG  . PRO A 1 210 ? 13.453  -5.119  -6.983  1.00 48.21 ? 210  PRO A CG  1 
ATOM   1657 C CD  . PRO A 1 210 ? 13.692  -3.773  -6.336  1.00 48.56 ? 210  PRO A CD  1 
ATOM   1658 N N   . PHE A 1 211 ? 10.040  -4.004  -6.604  1.00 47.88 ? 211  PHE A N   1 
ATOM   1659 C CA  . PHE A 1 211 ? 8.628   -4.255  -6.262  1.00 48.01 ? 211  PHE A CA  1 
ATOM   1660 C C   . PHE A 1 211 ? 8.238   -3.528  -4.970  1.00 47.61 ? 211  PHE A C   1 
ATOM   1661 O O   . PHE A 1 211 ? 7.073   -3.537  -4.563  1.00 47.10 ? 211  PHE A O   1 
ATOM   1662 C CB  . PHE A 1 211 ? 8.314   -5.771  -6.180  1.00 48.36 ? 211  PHE A CB  1 
ATOM   1663 C CG  . PHE A 1 211 ? 8.932   -6.471  -4.975  1.00 49.65 ? 211  PHE A CG  1 
ATOM   1664 C CD1 . PHE A 1 211 ? 8.179   -6.683  -3.809  1.00 50.22 ? 211  PHE A CD1 1 
ATOM   1665 C CD2 . PHE A 1 211 ? 10.259  -6.919  -5.009  1.00 50.09 ? 211  PHE A CD2 1 
ATOM   1666 C CE1 . PHE A 1 211 ? 8.737   -7.318  -2.689  1.00 51.25 ? 211  PHE A CE1 1 
ATOM   1667 C CE2 . PHE A 1 211 ? 10.836  -7.559  -3.896  1.00 50.91 ? 211  PHE A CE2 1 
ATOM   1668 C CZ  . PHE A 1 211 ? 10.069  -7.763  -2.732  1.00 50.97 ? 211  PHE A CZ  1 
HETATM 1669 N N1  . GSH B 2 .   ? -1.643  -12.164 2.759   1.00 30.02 ? 1212 GSH A N1  1 
HETATM 1670 C CA1 . GSH B 2 .   ? -0.252  -11.784 2.543   1.00 30.30 ? 1212 GSH A CA1 1 
HETATM 1671 C C1  . GSH B 2 .   ? 0.039   -10.639 3.475   1.00 27.87 ? 1212 GSH A C1  1 
HETATM 1672 O O11 . GSH B 2 .   ? -0.295  -9.512  3.045   1.00 27.65 ? 1212 GSH A O11 1 
HETATM 1673 O O12 . GSH B 2 .   ? 0.568   -10.741 4.607   1.00 24.91 ? 1212 GSH A O12 1 
HETATM 1674 C CB1 . GSH B 2 .   ? 0.709   -12.986 2.558   1.00 30.64 ? 1212 GSH A CB1 1 
HETATM 1675 C CG1 . GSH B 2 .   ? 2.181   -12.627 2.656   1.00 34.19 ? 1212 GSH A CG1 1 
HETATM 1676 C CD1 . GSH B 2 .   ? 3.031   -13.356 1.639   1.00 37.29 ? 1212 GSH A CD1 1 
HETATM 1677 O OE1 . GSH B 2 .   ? 2.500   -13.824 0.425   1.00 37.38 ? 1212 GSH A OE1 1 
HETATM 1678 N N2  . GSH B 2 .   ? 4.309   -13.499 1.964   1.00 39.84 ? 1212 GSH A N2  1 
HETATM 1679 C CA2 . GSH B 2 .   ? 5.355   -13.873 1.038   1.00 43.03 ? 1212 GSH A CA2 1 
HETATM 1680 C C2  . GSH B 2 .   ? 6.198   -14.868 1.734   1.00 42.02 ? 1212 GSH A C2  1 
HETATM 1681 O O2  . GSH B 2 .   ? 6.357   -14.699 3.119   1.00 41.92 ? 1212 GSH A O2  1 
HETATM 1682 C CB2 . GSH B 2 .   ? 6.273   -12.707 0.707   1.00 46.26 ? 1212 GSH A CB2 1 
HETATM 1683 S SG2 . GSH B 2 .   ? 5.383   -11.350 -0.088  1.00 55.67 ? 1212 GSH A SG2 1 
HETATM 1684 N N3  . GSH B 2 .   ? 6.738   -15.834 0.995   1.00 41.93 ? 1212 GSH A N3  1 
HETATM 1685 C CA3 . GSH B 2 .   ? 7.984   -16.483 1.369   1.00 42.20 ? 1212 GSH A CA3 1 
HETATM 1686 C C3  . GSH B 2 .   ? 7.687   -17.738 2.146   1.00 41.89 ? 1212 GSH A C3  1 
HETATM 1687 O O31 . GSH B 2 .   ? 8.581   -18.350 2.766   1.00 43.09 ? 1212 GSH A O31 1 
HETATM 1688 O O32 . GSH B 2 .   ? 6.523   -18.177 2.181   1.00 42.62 ? 1212 GSH A O32 1 
HETATM 1689 O O1  . PG4 C 3 .   ? -12.944 -0.105  12.220  1.00 44.79 ? 1213 PG4 A O1  1 
HETATM 1690 C C1  . PG4 C 3 .   ? -13.249 1.067   11.466  1.00 42.42 ? 1213 PG4 A C1  1 
HETATM 1691 C C2  . PG4 C 3 .   ? -14.326 1.785   12.231  1.00 41.57 ? 1213 PG4 A C2  1 
HETATM 1692 O O2  . PG4 C 3 .   ? -14.789 2.849   11.428  1.00 40.91 ? 1213 PG4 A O2  1 
HETATM 1693 C C3  . PG4 C 3 .   ? -15.035 3.973   12.252  1.00 41.37 ? 1213 PG4 A C3  1 
HETATM 1694 C C4  . PG4 C 3 .   ? -16.472 4.423   12.055  1.00 42.57 ? 1213 PG4 A C4  1 
HETATM 1695 O O3  . PG4 C 3 .   ? -17.115 4.235   13.308  1.00 44.99 ? 1213 PG4 A O3  1 
HETATM 1696 C C5  . PG4 C 3 .   ? -18.197 5.128   13.546  1.00 46.82 ? 1213 PG4 A C5  1 
HETATM 1697 C C6  . PG4 C 3 .   ? -19.361 4.338   14.128  1.00 48.82 ? 1213 PG4 A C6  1 
HETATM 1698 O O4  . PG4 C 3 .   ? -18.844 3.274   14.922  1.00 50.31 ? 1213 PG4 A O4  1 
HETATM 1699 C C7  . PG4 C 3 .   ? -19.812 2.244   15.144  1.00 54.44 ? 1213 PG4 A C7  1 
HETATM 1700 C C8  . PG4 C 3 .   ? -19.980 2.080   16.649  1.00 56.55 ? 1213 PG4 A C8  1 
HETATM 1701 O O5  . PG4 C 3 .   ? -20.417 3.350   17.165  1.00 57.66 ? 1213 PG4 A O5  1 
HETATM 1702 O O   . HOH D 4 .   ? 7.764   4.623   24.379  1.00 30.08 ? 2001 HOH A O   1 
HETATM 1703 O O   . HOH D 4 .   ? 6.584   0.772   25.904  1.00 27.12 ? 2002 HOH A O   1 
HETATM 1704 O O   . HOH D 4 .   ? 3.530   3.115   22.313  1.00 25.72 ? 2003 HOH A O   1 
HETATM 1705 O O   . HOH D 4 .   ? 9.580   4.310   26.393  1.00 34.91 ? 2004 HOH A O   1 
HETATM 1706 O O   . HOH D 4 .   ? 1.373   -2.783  0.742   1.00 13.94 ? 2005 HOH A O   1 
HETATM 1707 O O   . HOH D 4 .   ? 9.127   2.018   16.879  1.00 32.04 ? 2006 HOH A O   1 
HETATM 1708 O O   . HOH D 4 .   ? 10.536  -3.854  6.006   1.00 24.56 ? 2007 HOH A O   1 
HETATM 1709 O O   . HOH D 4 .   ? 13.841  1.953   1.530   1.00 43.20 ? 2008 HOH A O   1 
HETATM 1710 O O   . HOH D 4 .   ? 18.051  -10.221 -1.115  1.00 36.41 ? 2009 HOH A O   1 
HETATM 1711 O O   . HOH D 4 .   ? 7.921   -19.346 15.311  1.00 31.83 ? 2010 HOH A O   1 
HETATM 1712 O O   . HOH D 4 .   ? 1.327   -14.330 6.985   1.00 19.28 ? 2011 HOH A O   1 
HETATM 1713 O O   . HOH D 4 .   ? -2.363  -15.024 4.517   1.00 22.56 ? 2012 HOH A O   1 
HETATM 1714 O O   . HOH D 4 .   ? 3.996   -15.078 9.140   1.00 34.10 ? 2013 HOH A O   1 
HETATM 1715 O O   . HOH D 4 .   ? 10.098  -4.848  18.531  1.00 28.27 ? 2014 HOH A O   1 
HETATM 1716 O O   . HOH D 4 .   ? 11.412  -0.732  25.013  1.00 30.75 ? 2015 HOH A O   1 
HETATM 1717 O O   . HOH D 4 .   ? 6.624   -8.942  30.264  1.00 24.95 ? 2016 HOH A O   1 
HETATM 1718 O O   . HOH D 4 .   ? 3.057   -10.745 30.547  1.00 34.67 ? 2017 HOH A O   1 
HETATM 1719 O O   . HOH D 4 .   ? 8.988   -5.667  25.140  1.00 42.37 ? 2018 HOH A O   1 
HETATM 1720 O O   . HOH D 4 .   ? 4.833   -10.917 25.914  1.00 29.32 ? 2019 HOH A O   1 
HETATM 1721 O O   . HOH D 4 .   ? -3.553  -8.541  3.646   1.00 23.10 ? 2020 HOH A O   1 
HETATM 1722 O O   . HOH D 4 .   ? -1.314  -14.204 7.510   1.00 11.49 ? 2021 HOH A O   1 
HETATM 1723 O O   . HOH D 4 .   ? -7.196  12.292  17.685  1.00 48.17 ? 2022 HOH A O   1 
HETATM 1724 O O   . HOH D 4 .   ? -11.053 5.675   11.573  1.00 17.01 ? 2023 HOH A O   1 
HETATM 1725 O O   . HOH D 4 .   ? -21.887 6.500   12.110  1.00 34.12 ? 2024 HOH A O   1 
HETATM 1726 O O   . HOH D 4 .   ? -12.147 -3.079  7.718   0.50 5.77  ? 2025 HOH A O   1 
HETATM 1727 O O   . HOH D 4 .   ? -12.813 -3.602  1.112   1.00 21.38 ? 2026 HOH A O   1 
HETATM 1728 O O   . HOH D 4 .   ? -17.774 4.225   -6.516  1.00 29.62 ? 2027 HOH A O   1 
HETATM 1729 O O   . HOH D 4 .   ? -12.474 -9.251  -5.996  1.00 36.18 ? 2028 HOH A O   1 
HETATM 1730 O O   . HOH D 4 .   ? -6.889  -8.278  -16.970 1.00 46.48 ? 2029 HOH A O   1 
HETATM 1731 O O   . HOH D 4 .   ? 2.819   -6.600  -3.460  1.00 44.94 ? 2030 HOH A O   1 
HETATM 1732 O O   . HOH D 4 .   ? -14.518 7.860   -14.924 1.00 25.60 ? 2031 HOH A O   1 
HETATM 1733 O O   . HOH D 4 .   ? -8.598  13.205  -4.216  1.00 27.30 ? 2032 HOH A O   1 
HETATM 1734 O O   . HOH D 4 .   ? -11.115 12.301  -3.936  1.00 27.27 ? 2033 HOH A O   1 
HETATM 1735 O O   . HOH D 4 .   ? -15.988 11.420  1.283   1.00 35.18 ? 2034 HOH A O   1 
HETATM 1736 O O   . HOH D 4 .   ? -9.086  9.748   2.696   1.00 27.30 ? 2035 HOH A O   1 
HETATM 1737 O O   . HOH D 4 .   ? 4.067   0.428   -4.351  1.00 26.32 ? 2036 HOH A O   1 
HETATM 1738 O O   . HOH D 4 .   ? 4.396   2.737   -3.400  1.00 29.82 ? 2037 HOH A O   1 
HETATM 1739 O O   . HOH D 4 .   ? 6.577   2.917   -10.934 1.00 23.45 ? 2038 HOH A O   1 
HETATM 1740 O O   . HOH D 4 .   ? 8.104   3.636   -13.970 1.00 41.53 ? 2039 HOH A O   1 
HETATM 1741 O O   . HOH D 4 .   ? 1.852   6.941   -15.982 1.00 20.18 ? 2040 HOH A O   1 
HETATM 1742 O O   . HOH D 4 .   ? -0.611  13.307  -16.737 1.00 37.41 ? 2041 HOH A O   1 
HETATM 1743 O O   . HOH D 4 .   ? -3.158  4.506   -21.039 1.00 30.80 ? 2042 HOH A O   1 
HETATM 1744 O O   . HOH D 4 .   ? -5.866  3.681   -20.319 1.00 26.19 ? 2043 HOH A O   1 
HETATM 1745 O O   . HOH D 4 .   ? -13.513 14.352  -11.958 1.00 37.96 ? 2044 HOH A O   1 
HETATM 1746 O O   . HOH D 4 .   ? -3.388  8.631   -6.514  1.00 19.63 ? 2045 HOH A O   1 
HETATM 1747 O O   . HOH D 4 .   ? -1.149  7.923   -7.455  1.00 25.32 ? 2046 HOH A O   1 
HETATM 1748 O O   . HOH D 4 .   ? 2.086   14.754  7.756   1.00 34.98 ? 2047 HOH A O   1 
HETATM 1749 O O   . HOH D 4 .   ? 12.896  8.307   -5.057  1.00 29.01 ? 2048 HOH A O   1 
HETATM 1750 O O   . HOH D 4 .   ? 1.637   -11.005 -1.627  1.00 39.76 ? 2049 HOH A O   1 
HETATM 1751 O O   . HOH D 4 .   ? 1.879   -11.708 6.645   1.00 10.76 ? 2050 HOH A O   1 
# 
_database_PDB_caveat.id     1 
_database_PDB_caveat.text   'LIGAND GSH HAS INCORRECT CHIRALITY' 
# 
loop_
_pdbx_poly_seq_scheme.asym_id 
_pdbx_poly_seq_scheme.entity_id 
_pdbx_poly_seq_scheme.seq_id 
_pdbx_poly_seq_scheme.mon_id 
_pdbx_poly_seq_scheme.ndb_seq_num 
_pdbx_poly_seq_scheme.pdb_seq_num 
_pdbx_poly_seq_scheme.auth_seq_num 
_pdbx_poly_seq_scheme.pdb_mon_id 
_pdbx_poly_seq_scheme.auth_mon_id 
_pdbx_poly_seq_scheme.pdb_strand_id 
_pdbx_poly_seq_scheme.pdb_ins_code 
_pdbx_poly_seq_scheme.hetero 
A 1 1   MET 1   1   ?   ?   ?   A . n 
A 1 2   THR 2   2   ?   ?   ?   A . n 
A 1 3   GLY 3   3   ?   ?   ?   A . n 
A 1 4   ASP 4   4   4   ASP ASP A . n 
A 1 5   HIS 5   5   5   HIS HIS A . n 
A 1 6   ILE 6   6   6   ILE ILE A . n 
A 1 7   LYS 7   7   7   LYS LYS A . n 
A 1 8   VAL 8   8   8   VAL VAL A . n 
A 1 9   ILE 9   9   9   ILE ILE A . n 
A 1 10  TYR 10  10  10  TYR TYR A . n 
A 1 11  PHE 11  11  11  PHE PHE A . n 
A 1 12  ASN 12  12  12  ASN ASN A . n 
A 1 13  GLY 13  13  13  GLY GLY A . n 
A 1 14  ARG 14  14  14  ARG ARG A . n 
A 1 15  GLY 15  15  15  GLY GLY A . n 
A 1 16  ARG 16  16  16  ARG ARG A . n 
A 1 17  ALA 17  17  17  ALA ALA A . n 
A 1 18  GLU 18  18  18  GLU GLU A . n 
A 1 19  SER 19  19  19  SER SER A . n 
A 1 20  ILE 20  20  20  ILE ILE A . n 
A 1 21  ARG 21  21  21  ARG ARG A . n 
A 1 22  MET 22  22  22  MET MET A . n 
A 1 23  THR 23  23  23  THR THR A . n 
A 1 24  LEU 24  24  24  LEU LEU A . n 
A 1 25  VAL 25  25  25  VAL VAL A . n 
A 1 26  ALA 26  26  26  ALA ALA A . n 
A 1 27  ALA 27  27  27  ALA ALA A . n 
A 1 28  GLY 28  28  28  GLY GLY A . n 
A 1 29  VAL 29  29  29  VAL VAL A . n 
A 1 30  ASN 30  30  30  ASN ASN A . n 
A 1 31  TYR 31  31  31  TYR TYR A . n 
A 1 32  GLU 32  32  32  GLU GLU A . n 
A 1 33  ASP 33  33  33  ASP ASP A . n 
A 1 34  GLU 34  34  34  GLU GLU A . n 
A 1 35  ARG 35  35  35  ARG ARG A . n 
A 1 36  ILE 36  36  36  ILE ILE A . n 
A 1 37  SER 37  37  37  SER SER A . n 
A 1 38  PHE 38  38  38  PHE PHE A . n 
A 1 39  GLN 39  39  39  GLN GLN A . n 
A 1 40  ASP 40  40  40  ASP ASP A . n 
A 1 41  TRP 41  41  41  TRP TRP A . n 
A 1 42  PRO 42  42  42  PRO PRO A . n 
A 1 43  LYS 43  43  43  LYS LYS A . n 
A 1 44  ILE 44  44  44  ILE ILE A . n 
A 1 45  LYS 45  45  45  LYS LYS A . n 
A 1 46  PRO 46  46  46  PRO PRO A . n 
A 1 47  THR 47  47  47  THR THR A . n 
A 1 48  ILE 48  48  48  ILE ILE A . n 
A 1 49  PRO 49  49  49  PRO PRO A . n 
A 1 50  GLY 50  50  50  GLY GLY A . n 
A 1 51  GLY 51  51  51  GLY GLY A . n 
A 1 52  ARG 52  52  52  ARG ARG A . n 
A 1 53  LEU 53  53  53  LEU LEU A . n 
A 1 54  PRO 54  54  54  PRO PRO A . n 
A 1 55  ALA 55  55  55  ALA ALA A . n 
A 1 56  VAL 56  56  56  VAL VAL A . n 
A 1 57  LYS 57  57  57  LYS LYS A . n 
A 1 58  ILE 58  58  58  ILE ILE A . n 
A 1 59  THR 59  59  59  THR THR A . n 
A 1 60  ASP 60  60  60  ASP ASP A . n 
A 1 61  ASN 61  61  61  ASN ASN A . n 
A 1 62  HIS 62  62  62  HIS HIS A . n 
A 1 63  GLY 63  63  63  GLY GLY A . n 
A 1 64  HIS 64  64  64  HIS HIS A . n 
A 1 65  VAL 65  65  65  VAL VAL A . n 
A 1 66  LYS 66  66  66  LYS LYS A . n 
A 1 67  TRP 67  67  67  TRP TRP A . n 
A 1 68  MET 68  68  68  MET MET A . n 
A 1 69  VAL 69  69  69  VAL VAL A . n 
A 1 70  GLU 70  70  70  GLU GLU A . n 
A 1 71  SER 71  71  71  SER SER A . n 
A 1 72  LEU 72  72  72  LEU LEU A . n 
A 1 73  ALA 73  73  73  ALA ALA A . n 
A 1 74  ILE 74  74  74  ILE ILE A . n 
A 1 75  ALA 75  75  75  ALA ALA A . n 
A 1 76  ARG 76  76  76  ARG ARG A . n 
A 1 77  TYR 77  77  77  TYR TYR A . n 
A 1 78  MET 78  78  78  MET MET A . n 
A 1 79  ALA 79  79  79  ALA ALA A . n 
A 1 80  LYS 80  80  80  LYS LYS A . n 
A 1 81  LYS 81  81  81  LYS LYS A . n 
A 1 82  HIS 82  82  82  HIS HIS A . n 
A 1 83  HIS 83  83  83  HIS HIS A . n 
A 1 84  MET 84  84  84  MET MET A . n 
A 1 85  MET 85  85  85  MET MET A . n 
A 1 86  GLY 86  86  86  GLY GLY A . n 
A 1 87  GLY 87  87  87  GLY GLY A . n 
A 1 88  THR 88  88  88  THR THR A . n 
A 1 89  GLU 89  89  89  GLU GLU A . n 
A 1 90  GLU 90  90  90  GLU GLU A . n 
A 1 91  GLU 91  91  91  GLU GLU A . n 
A 1 92  TYR 92  92  92  TYR TYR A . n 
A 1 93  TYR 93  93  93  TYR TYR A . n 
A 1 94  ASN 94  94  94  ASN ASN A . n 
A 1 95  VAL 95  95  95  VAL VAL A . n 
A 1 96  GLU 96  96  96  GLU GLU A . n 
A 1 97  LYS 97  97  97  LYS LYS A . n 
A 1 98  LEU 98  98  98  LEU LEU A . n 
A 1 99  ILE 99  99  99  ILE ILE A . n 
A 1 100 GLY 100 100 100 GLY GLY A . n 
A 1 101 GLN 101 101 101 GLN GLN A . n 
A 1 102 ALA 102 102 102 ALA ALA A . n 
A 1 103 GLU 103 103 103 GLU GLU A . n 
A 1 104 ASP 104 104 104 ASP ASP A . n 
A 1 105 LEU 105 105 105 LEU LEU A . n 
A 1 106 GLU 106 106 106 GLU GLU A . n 
A 1 107 HIS 107 107 107 HIS HIS A . n 
A 1 108 GLU 108 108 108 GLU GLU A . n 
A 1 109 TYR 109 109 109 TYR TYR A . n 
A 1 110 TYR 110 110 110 TYR TYR A . n 
A 1 111 LYS 111 111 111 LYS LYS A . n 
A 1 112 THR 112 112 112 THR THR A . n 
A 1 113 LEU 113 113 113 LEU LEU A . n 
A 1 114 MET 114 114 114 MET MET A . n 
A 1 115 LYS 115 115 115 LYS LYS A . n 
A 1 116 PRO 116 116 116 PRO PRO A . n 
A 1 117 GLU 117 117 117 GLU GLU A . n 
A 1 118 GLU 118 118 118 GLU GLU A . n 
A 1 119 GLU 119 119 119 GLU GLU A . n 
A 1 120 LYS 120 120 120 LYS LYS A . n 
A 1 121 GLN 121 121 121 GLN GLN A . n 
A 1 122 LYS 122 122 122 LYS LYS A . n 
A 1 123 ILE 123 123 123 ILE ILE A . n 
A 1 124 ILE 124 124 124 ILE ILE A . n 
A 1 125 LYS 125 125 125 LYS LYS A . n 
A 1 126 GLU 126 126 126 GLU GLU A . n 
A 1 127 ILE 127 127 127 ILE ILE A . n 
A 1 128 LEU 128 128 128 LEU LEU A . n 
A 1 129 ASN 129 129 129 ASN ASN A . n 
A 1 130 GLY 130 130 130 GLY GLY A . n 
A 1 131 LYS 131 131 131 LYS LYS A . n 
A 1 132 VAL 132 132 132 VAL VAL A . n 
A 1 133 PRO 133 133 133 PRO PRO A . n 
A 1 134 VAL 134 134 134 VAL VAL A . n 
A 1 135 LEU 135 135 135 LEU LEU A . n 
A 1 136 LEU 136 136 136 LEU LEU A . n 
A 1 137 ASP 137 137 137 ASP ASP A . n 
A 1 138 ILE 138 138 138 ILE ILE A . n 
A 1 139 ILE 139 139 139 ILE ILE A . n 
A 1 140 CYS 140 140 140 CYS CYS A . n 
A 1 141 GLU 141 141 141 GLU GLU A . n 
A 1 142 SER 142 142 142 SER SER A . n 
A 1 143 LEU 143 143 143 LEU LEU A . n 
A 1 144 LYS 144 144 144 LYS LYS A . n 
A 1 145 ALA 145 145 145 ALA ALA A . n 
A 1 146 SER 146 146 146 SER SER A . n 
A 1 147 THR 147 147 147 THR THR A . n 
A 1 148 GLY 148 148 148 GLY GLY A . n 
A 1 149 LYS 149 149 149 LYS LYS A . n 
A 1 150 LEU 150 150 150 LEU LEU A . n 
A 1 151 ALA 151 151 151 ALA ALA A . n 
A 1 152 VAL 152 152 152 VAL VAL A . n 
A 1 153 GLY 153 153 153 GLY GLY A . n 
A 1 154 ASP 154 154 154 ASP ASP A . n 
A 1 155 LYS 155 155 155 LYS LYS A . n 
A 1 156 VAL 156 156 156 VAL VAL A . n 
A 1 157 THR 157 157 157 THR THR A . n 
A 1 158 LEU 158 158 158 LEU LEU A . n 
A 1 159 ALA 159 159 159 ALA ALA A . n 
A 1 160 ASP 160 160 160 ASP ASP A . n 
A 1 161 LEU 161 161 161 LEU LEU A . n 
A 1 162 VAL 162 162 162 VAL VAL A . n 
A 1 163 LEU 163 163 163 LEU LEU A . n 
A 1 164 ILE 164 164 164 ILE ILE A . n 
A 1 165 ALA 165 165 165 ALA ALA A . n 
A 1 166 VAL 166 166 166 VAL VAL A . n 
A 1 167 ILE 167 167 167 ILE ILE A . n 
A 1 168 ASP 168 168 168 ASP ASP A . n 
A 1 169 HIS 169 169 169 HIS HIS A . n 
A 1 170 VAL 170 170 170 VAL VAL A . n 
A 1 171 THR 171 171 171 THR THR A . n 
A 1 172 ASP 172 172 172 ASP ASP A . n 
A 1 173 LEU 173 173 173 LEU LEU A . n 
A 1 174 ASP 174 174 174 ASP ASP A . n 
A 1 175 LYS 175 175 175 LYS LYS A . n 
A 1 176 GLU 176 176 176 GLU GLU A . n 
A 1 177 PHE 177 177 177 PHE PHE A . n 
A 1 178 LEU 178 178 178 LEU LEU A . n 
A 1 179 THR 179 179 179 THR THR A . n 
A 1 180 GLY 180 180 180 GLY GLY A . n 
A 1 181 LYS 181 181 181 LYS LYS A . n 
A 1 182 TYR 182 182 182 TYR TYR A . n 
A 1 183 PRO 183 183 183 PRO PRO A . n 
A 1 184 GLU 184 184 184 GLU GLU A . n 
A 1 185 ILE 185 185 185 ILE ILE A . n 
A 1 186 HIS 186 186 186 HIS HIS A . n 
A 1 187 LYS 187 187 187 LYS LYS A . n 
A 1 188 HIS 188 188 188 HIS HIS A . n 
A 1 189 ARG 189 189 189 ARG ARG A . n 
A 1 190 GLU 190 190 190 GLU GLU A . n 
A 1 191 ASN 191 191 191 ASN ASN A . n 
A 1 192 LEU 192 192 192 LEU LEU A . n 
A 1 193 LEU 193 193 193 LEU LEU A . n 
A 1 194 ALA 194 194 194 ALA ALA A . n 
A 1 195 SER 195 195 195 SER SER A . n 
A 1 196 SER 196 196 196 SER SER A . n 
A 1 197 PRO 197 197 197 PRO PRO A . n 
A 1 198 ARG 198 198 198 ARG ARG A . n 
A 1 199 LEU 199 199 199 LEU LEU A . n 
A 1 200 ALA 200 200 200 ALA ALA A . n 
A 1 201 LYS 201 201 201 LYS LYS A . n 
A 1 202 TYR 202 202 202 TYR TYR A . n 
A 1 203 LEU 203 203 203 LEU LEU A . n 
A 1 204 SER 204 204 204 SER SER A . n 
A 1 205 ASP 205 205 205 ASP ASP A . n 
A 1 206 ARG 206 206 206 ARG ARG A . n 
A 1 207 ALA 207 207 207 ALA ALA A . n 
A 1 208 ALA 208 208 208 ALA ALA A . n 
A 1 209 THR 209 209 209 THR THR A . n 
A 1 210 PRO 210 210 210 PRO PRO A . n 
A 1 211 PHE 211 211 211 PHE PHE A . n 
# 
loop_
_pdbx_nonpoly_scheme.asym_id 
_pdbx_nonpoly_scheme.entity_id 
_pdbx_nonpoly_scheme.mon_id 
_pdbx_nonpoly_scheme.ndb_seq_num 
_pdbx_nonpoly_scheme.pdb_seq_num 
_pdbx_nonpoly_scheme.auth_seq_num 
_pdbx_nonpoly_scheme.pdb_mon_id 
_pdbx_nonpoly_scheme.auth_mon_id 
_pdbx_nonpoly_scheme.pdb_strand_id 
_pdbx_nonpoly_scheme.pdb_ins_code 
B 2 GSH 1  1212 1212 GSH GSH A . 
C 3 PG4 1  1213 1213 PG4 PG4 A . 
D 4 HOH 1  2001 2001 HOH HOH A . 
D 4 HOH 2  2002 2002 HOH HOH A . 
D 4 HOH 3  2003 2003 HOH HOH A . 
D 4 HOH 4  2004 2004 HOH HOH A . 
D 4 HOH 5  2005 2005 HOH HOH A . 
D 4 HOH 6  2006 2006 HOH HOH A . 
D 4 HOH 7  2007 2007 HOH HOH A . 
D 4 HOH 8  2008 2008 HOH HOH A . 
D 4 HOH 9  2009 2009 HOH HOH A . 
D 4 HOH 10 2010 2010 HOH HOH A . 
D 4 HOH 11 2011 2011 HOH HOH A . 
D 4 HOH 12 2012 2012 HOH HOH A . 
D 4 HOH 13 2013 2013 HOH HOH A . 
D 4 HOH 14 2014 2014 HOH HOH A . 
D 4 HOH 15 2015 2015 HOH HOH A . 
D 4 HOH 16 2016 2016 HOH HOH A . 
D 4 HOH 17 2017 2017 HOH HOH A . 
D 4 HOH 18 2018 2018 HOH HOH A . 
D 4 HOH 19 2019 2019 HOH HOH A . 
D 4 HOH 20 2020 2020 HOH HOH A . 
D 4 HOH 21 2021 2021 HOH HOH A . 
D 4 HOH 22 2022 2022 HOH HOH A . 
D 4 HOH 23 2023 2023 HOH HOH A . 
D 4 HOH 24 2024 2024 HOH HOH A . 
D 4 HOH 25 2025 2025 HOH HOH A . 
D 4 HOH 26 2026 2026 HOH HOH A . 
D 4 HOH 27 2027 2027 HOH HOH A . 
D 4 HOH 28 2028 2028 HOH HOH A . 
D 4 HOH 29 2029 2029 HOH HOH A . 
D 4 HOH 30 2030 2030 HOH HOH A . 
D 4 HOH 31 2031 2031 HOH HOH A . 
D 4 HOH 32 2032 2032 HOH HOH A . 
D 4 HOH 33 2033 2033 HOH HOH A . 
D 4 HOH 34 2034 2034 HOH HOH A . 
D 4 HOH 35 2035 2035 HOH HOH A . 
D 4 HOH 36 2036 2036 HOH HOH A . 
D 4 HOH 37 2037 2037 HOH HOH A . 
D 4 HOH 38 2038 2038 HOH HOH A . 
D 4 HOH 39 2039 2039 HOH HOH A . 
D 4 HOH 40 2040 2040 HOH HOH A . 
D 4 HOH 41 2041 2041 HOH HOH A . 
D 4 HOH 42 2042 2042 HOH HOH A . 
D 4 HOH 43 2043 2043 HOH HOH A . 
D 4 HOH 44 2044 2044 HOH HOH A . 
D 4 HOH 45 2045 2045 HOH HOH A . 
D 4 HOH 46 2046 2046 HOH HOH A . 
D 4 HOH 47 2047 2047 HOH HOH A . 
D 4 HOH 48 2048 2048 HOH HOH A . 
D 4 HOH 49 2049 2049 HOH HOH A . 
D 4 HOH 50 2050 2050 HOH HOH A . 
# 
_pdbx_struct_assembly.id                   1 
_pdbx_struct_assembly.details              author_and_software_defined_assembly 
_pdbx_struct_assembly.method_details       PISA 
_pdbx_struct_assembly.oligomeric_details   dimeric 
_pdbx_struct_assembly.oligomeric_count     2 
# 
_pdbx_struct_assembly_gen.assembly_id       1 
_pdbx_struct_assembly_gen.oper_expression   1,2 
_pdbx_struct_assembly_gen.asym_id_list      A,B,C,D 
# 
loop_
_pdbx_struct_oper_list.id 
_pdbx_struct_oper_list.type 
_pdbx_struct_oper_list.name 
_pdbx_struct_oper_list.symmetry_operation 
_pdbx_struct_oper_list.matrix[1][1] 
_pdbx_struct_oper_list.matrix[1][2] 
_pdbx_struct_oper_list.matrix[1][3] 
_pdbx_struct_oper_list.vector[1] 
_pdbx_struct_oper_list.matrix[2][1] 
_pdbx_struct_oper_list.matrix[2][2] 
_pdbx_struct_oper_list.matrix[2][3] 
_pdbx_struct_oper_list.vector[2] 
_pdbx_struct_oper_list.matrix[3][1] 
_pdbx_struct_oper_list.matrix[3][2] 
_pdbx_struct_oper_list.matrix[3][3] 
_pdbx_struct_oper_list.vector[3] 
1 'identity operation'         1_555 x,y,z          1.0000000000  0.0000000000  0.0000000000  0.0000000000   0.0000000000  1.0000000000  0.0000000000 0.0000000000   0.0000000000  0.0000000000 1.0000000000 0.0000000000 
2 'crystal symmetry operation' 6_555 -x,-x+y,-z+2/3 -0.7454220048 -0.3539886395 -0.5648345580 -17.8023688470 -0.3539886395 -0.5077816652 0.7853978760 -15.3823717588 -0.5648345580 0.7853978760 0.2532036700 1.6165680150 
# 
_pdbx_struct_special_symmetry.id              1 
_pdbx_struct_special_symmetry.PDB_model_num   1 
_pdbx_struct_special_symmetry.auth_asym_id    A 
_pdbx_struct_special_symmetry.auth_comp_id    HOH 
_pdbx_struct_special_symmetry.auth_seq_id     2025 
_pdbx_struct_special_symmetry.PDB_ins_code    ? 
_pdbx_struct_special_symmetry.label_asym_id   D 
_pdbx_struct_special_symmetry.label_comp_id   HOH 
_pdbx_struct_special_symmetry.label_seq_id    . 
# 
loop_
_pdbx_audit_revision_history.ordinal 
_pdbx_audit_revision_history.data_content_type 
_pdbx_audit_revision_history.major_revision 
_pdbx_audit_revision_history.minor_revision 
_pdbx_audit_revision_history.revision_date 
1 'Structure model' 1 0 2006-06-26 
2 'Structure model' 1 1 2012-02-29 
3 'Structure model' 1 2 2013-04-17 
4 'Structure model' 1 3 2023-12-13 
# 
_pdbx_audit_revision_details.ordinal             1 
_pdbx_audit_revision_details.revision_ordinal    1 
_pdbx_audit_revision_details.data_content_type   'Structure model' 
_pdbx_audit_revision_details.provider            repository 
_pdbx_audit_revision_details.type                'Initial release' 
_pdbx_audit_revision_details.description         ? 
_pdbx_audit_revision_details.details             ? 
# 
loop_
_pdbx_audit_revision_group.ordinal 
_pdbx_audit_revision_group.revision_ordinal 
_pdbx_audit_revision_group.data_content_type 
_pdbx_audit_revision_group.group 
1  2 'Structure model' Advisory                    
2  2 'Structure model' 'Atomic model'              
3  2 'Structure model' 'Data collection'           
4  2 'Structure model' 'Database references'       
5  2 'Structure model' 'Derived calculations'      
6  2 'Structure model' 'Non-polymer description'   
7  2 'Structure model' Other                       
8  2 'Structure model' 'Structure summary'         
9  3 'Structure model' 'Derived calculations'      
10 3 'Structure model' 'Non-polymer description'   
11 3 'Structure model' Other                       
12 3 'Structure model' 'Structure summary'         
13 3 'Structure model' 'Version format compliance' 
14 4 'Structure model' 'Data collection'           
15 4 'Structure model' 'Database references'       
16 4 'Structure model' 'Derived calculations'      
17 4 'Structure model' Other                       
18 4 'Structure model' 'Refinement description'    
# 
loop_
_pdbx_audit_revision_category.ordinal 
_pdbx_audit_revision_category.revision_ordinal 
_pdbx_audit_revision_category.data_content_type 
_pdbx_audit_revision_category.category 
1 4 'Structure model' chem_comp_atom                
2 4 'Structure model' chem_comp_bond                
3 4 'Structure model' database_2                    
4 4 'Structure model' pdbx_database_status          
5 4 'Structure model' pdbx_initial_refinement_model 
6 4 'Structure model' pdbx_struct_special_symmetry  
7 4 'Structure model' struct_site                   
# 
loop_
_pdbx_audit_revision_item.ordinal 
_pdbx_audit_revision_item.revision_ordinal 
_pdbx_audit_revision_item.data_content_type 
_pdbx_audit_revision_item.item 
1 4 'Structure model' '_database_2.pdbx_DOI'                 
2 4 'Structure model' '_database_2.pdbx_database_accession'  
3 4 'Structure model' '_pdbx_database_status.status_code_sf' 
4 4 'Structure model' '_struct_site.pdbx_auth_asym_id'       
5 4 'Structure model' '_struct_site.pdbx_auth_comp_id'       
6 4 'Structure model' '_struct_site.pdbx_auth_seq_id'        
# 
loop_
_software.name 
_software.classification 
_software.version 
_software.citation_id 
_software.pdbx_ordinal 
REFMAC    refinement       5.2.0005 ? 1 
DENZO     'data reduction' .        ? 2 
SCALEPACK 'data scaling'   .        ? 3 
AMoRE     phasing          .        ? 4 
# 
_pdbx_entry_details.entry_id                 2CA8 
_pdbx_entry_details.compound_details         
;CONJUGATION OF REDUCED GLUTATHIONE TO A WIDE NUMBER OF
 EXOGENOUS AND ENDOGENOUS HYDROPHOBIC ELECTROPHILES.
;
_pdbx_entry_details.source_details           ? 
_pdbx_entry_details.nonpolymer_details       ? 
_pdbx_entry_details.sequence_details         ? 
_pdbx_entry_details.has_ligand_of_interest   ? 
# 
_pdbx_validate_close_contact.id               1 
_pdbx_validate_close_contact.PDB_model_num    1 
_pdbx_validate_close_contact.auth_atom_id_1   NH2 
_pdbx_validate_close_contact.auth_asym_id_1   A 
_pdbx_validate_close_contact.auth_comp_id_1   ARG 
_pdbx_validate_close_contact.auth_seq_id_1    52 
_pdbx_validate_close_contact.PDB_ins_code_1   ? 
_pdbx_validate_close_contact.label_alt_id_1   B 
_pdbx_validate_close_contact.auth_atom_id_2   O 
_pdbx_validate_close_contact.auth_asym_id_2   A 
_pdbx_validate_close_contact.auth_comp_id_2   HOH 
_pdbx_validate_close_contact.auth_seq_id_2    2012 
_pdbx_validate_close_contact.PDB_ins_code_2   ? 
_pdbx_validate_close_contact.label_alt_id_2   ? 
_pdbx_validate_close_contact.dist             2.17 
# 
loop_
_pdbx_validate_torsion.id 
_pdbx_validate_torsion.PDB_model_num 
_pdbx_validate_torsion.auth_comp_id 
_pdbx_validate_torsion.auth_asym_id 
_pdbx_validate_torsion.auth_seq_id 
_pdbx_validate_torsion.PDB_ins_code 
_pdbx_validate_torsion.label_alt_id 
_pdbx_validate_torsion.phi 
_pdbx_validate_torsion.psi 
1 1 GLU A 70  ? ? 75.71  97.06   
2 1 PRO A 116 ? ? -68.78 34.65   
3 1 GLU A 117 ? ? 70.03  -165.06 
4 1 GLU A 118 ? ? 48.30  -60.29  
5 1 ALA A 207 ? ? 66.45  61.71   
# 
_pdbx_validate_peptide_omega.id               1 
_pdbx_validate_peptide_omega.PDB_model_num    1 
_pdbx_validate_peptide_omega.auth_comp_id_1   ARG 
_pdbx_validate_peptide_omega.auth_asym_id_1   A 
_pdbx_validate_peptide_omega.auth_seq_id_1    206 
_pdbx_validate_peptide_omega.PDB_ins_code_1   ? 
_pdbx_validate_peptide_omega.label_alt_id_1   ? 
_pdbx_validate_peptide_omega.auth_comp_id_2   ALA 
_pdbx_validate_peptide_omega.auth_asym_id_2   A 
_pdbx_validate_peptide_omega.auth_seq_id_2    207 
_pdbx_validate_peptide_omega.PDB_ins_code_2   ? 
_pdbx_validate_peptide_omega.label_alt_id_2   ? 
_pdbx_validate_peptide_omega.omega            38.05 
# 
_pdbx_validate_chiral.id              1 
_pdbx_validate_chiral.PDB_model_num   1 
_pdbx_validate_chiral.auth_atom_id    CA1 
_pdbx_validate_chiral.label_alt_id    ? 
_pdbx_validate_chiral.auth_asym_id    A 
_pdbx_validate_chiral.auth_comp_id    GSH 
_pdbx_validate_chiral.auth_seq_id     1212 
_pdbx_validate_chiral.PDB_ins_code    ? 
_pdbx_validate_chiral.details         'WRONG HAND' 
_pdbx_validate_chiral.omega           . 
# 
loop_
_pdbx_unobs_or_zero_occ_atoms.id 
_pdbx_unobs_or_zero_occ_atoms.PDB_model_num 
_pdbx_unobs_or_zero_occ_atoms.polymer_flag 
_pdbx_unobs_or_zero_occ_atoms.occupancy_flag 
_pdbx_unobs_or_zero_occ_atoms.auth_asym_id 
_pdbx_unobs_or_zero_occ_atoms.auth_comp_id 
_pdbx_unobs_or_zero_occ_atoms.auth_seq_id 
_pdbx_unobs_or_zero_occ_atoms.PDB_ins_code 
_pdbx_unobs_or_zero_occ_atoms.auth_atom_id 
_pdbx_unobs_or_zero_occ_atoms.label_alt_id 
_pdbx_unobs_or_zero_occ_atoms.label_asym_id 
_pdbx_unobs_or_zero_occ_atoms.label_comp_id 
_pdbx_unobs_or_zero_occ_atoms.label_seq_id 
_pdbx_unobs_or_zero_occ_atoms.label_atom_id 
1  1 Y 1 A GLN 39  ? CG  ? A GLN 39  CG  
2  1 Y 1 A GLN 39  ? CD  ? A GLN 39  CD  
3  1 Y 1 A GLN 39  ? OE1 ? A GLN 39  OE1 
4  1 Y 1 A GLN 39  ? NE2 ? A GLN 39  NE2 
5  1 Y 1 A MET 114 ? CE  ? A MET 114 CE  
6  1 Y 1 A GLU 126 ? OE1 ? A GLU 126 OE1 
7  1 Y 1 A GLU 126 ? OE2 ? A GLU 126 OE2 
8  1 Y 1 A LYS 149 ? CD  ? A LYS 149 CD  
9  1 Y 1 A LYS 149 ? CE  ? A LYS 149 CE  
10 1 Y 1 A LYS 149 ? NZ  ? A LYS 149 NZ  
# 
loop_
_pdbx_unobs_or_zero_occ_residues.id 
_pdbx_unobs_or_zero_occ_residues.PDB_model_num 
_pdbx_unobs_or_zero_occ_residues.polymer_flag 
_pdbx_unobs_or_zero_occ_residues.occupancy_flag 
_pdbx_unobs_or_zero_occ_residues.auth_asym_id 
_pdbx_unobs_or_zero_occ_residues.auth_comp_id 
_pdbx_unobs_or_zero_occ_residues.auth_seq_id 
_pdbx_unobs_or_zero_occ_residues.PDB_ins_code 
_pdbx_unobs_or_zero_occ_residues.label_asym_id 
_pdbx_unobs_or_zero_occ_residues.label_comp_id 
_pdbx_unobs_or_zero_occ_residues.label_seq_id 
1 1 Y 1 A MET 1 ? A MET 1 
2 1 Y 1 A THR 2 ? A THR 2 
3 1 Y 1 A GLY 3 ? A GLY 3 
# 
loop_
_chem_comp_atom.comp_id 
_chem_comp_atom.atom_id 
_chem_comp_atom.type_symbol 
_chem_comp_atom.pdbx_aromatic_flag 
_chem_comp_atom.pdbx_stereo_config 
_chem_comp_atom.pdbx_ordinal 
ALA N    N N N 1   
ALA CA   C N S 2   
ALA C    C N N 3   
ALA O    O N N 4   
ALA CB   C N N 5   
ALA OXT  O N N 6   
ALA H    H N N 7   
ALA H2   H N N 8   
ALA HA   H N N 9   
ALA HB1  H N N 10  
ALA HB2  H N N 11  
ALA HB3  H N N 12  
ALA HXT  H N N 13  
ARG N    N N N 14  
ARG CA   C N S 15  
ARG C    C N N 16  
ARG O    O N N 17  
ARG CB   C N N 18  
ARG CG   C N N 19  
ARG CD   C N N 20  
ARG NE   N N N 21  
ARG CZ   C N N 22  
ARG NH1  N N N 23  
ARG NH2  N N N 24  
ARG OXT  O N N 25  
ARG H    H N N 26  
ARG H2   H N N 27  
ARG HA   H N N 28  
ARG HB2  H N N 29  
ARG HB3  H N N 30  
ARG HG2  H N N 31  
ARG HG3  H N N 32  
ARG HD2  H N N 33  
ARG HD3  H N N 34  
ARG HE   H N N 35  
ARG HH11 H N N 36  
ARG HH12 H N N 37  
ARG HH21 H N N 38  
ARG HH22 H N N 39  
ARG HXT  H N N 40  
ASN N    N N N 41  
ASN CA   C N S 42  
ASN C    C N N 43  
ASN O    O N N 44  
ASN CB   C N N 45  
ASN CG   C N N 46  
ASN OD1  O N N 47  
ASN ND2  N N N 48  
ASN OXT  O N N 49  
ASN H    H N N 50  
ASN H2   H N N 51  
ASN HA   H N N 52  
ASN HB2  H N N 53  
ASN HB3  H N N 54  
ASN HD21 H N N 55  
ASN HD22 H N N 56  
ASN HXT  H N N 57  
ASP N    N N N 58  
ASP CA   C N S 59  
ASP C    C N N 60  
ASP O    O N N 61  
ASP CB   C N N 62  
ASP CG   C N N 63  
ASP OD1  O N N 64  
ASP OD2  O N N 65  
ASP OXT  O N N 66  
ASP H    H N N 67  
ASP H2   H N N 68  
ASP HA   H N N 69  
ASP HB2  H N N 70  
ASP HB3  H N N 71  
ASP HD2  H N N 72  
ASP HXT  H N N 73  
CYS N    N N N 74  
CYS CA   C N R 75  
CYS C    C N N 76  
CYS O    O N N 77  
CYS CB   C N N 78  
CYS SG   S N N 79  
CYS OXT  O N N 80  
CYS H    H N N 81  
CYS H2   H N N 82  
CYS HA   H N N 83  
CYS HB2  H N N 84  
CYS HB3  H N N 85  
CYS HG   H N N 86  
CYS HXT  H N N 87  
GLN N    N N N 88  
GLN CA   C N S 89  
GLN C    C N N 90  
GLN O    O N N 91  
GLN CB   C N N 92  
GLN CG   C N N 93  
GLN CD   C N N 94  
GLN OE1  O N N 95  
GLN NE2  N N N 96  
GLN OXT  O N N 97  
GLN H    H N N 98  
GLN H2   H N N 99  
GLN HA   H N N 100 
GLN HB2  H N N 101 
GLN HB3  H N N 102 
GLN HG2  H N N 103 
GLN HG3  H N N 104 
GLN HE21 H N N 105 
GLN HE22 H N N 106 
GLN HXT  H N N 107 
GLU N    N N N 108 
GLU CA   C N S 109 
GLU C    C N N 110 
GLU O    O N N 111 
GLU CB   C N N 112 
GLU CG   C N N 113 
GLU CD   C N N 114 
GLU OE1  O N N 115 
GLU OE2  O N N 116 
GLU OXT  O N N 117 
GLU H    H N N 118 
GLU H2   H N N 119 
GLU HA   H N N 120 
GLU HB2  H N N 121 
GLU HB3  H N N 122 
GLU HG2  H N N 123 
GLU HG3  H N N 124 
GLU HE2  H N N 125 
GLU HXT  H N N 126 
GLY N    N N N 127 
GLY CA   C N N 128 
GLY C    C N N 129 
GLY O    O N N 130 
GLY OXT  O N N 131 
GLY H    H N N 132 
GLY H2   H N N 133 
GLY HA2  H N N 134 
GLY HA3  H N N 135 
GLY HXT  H N N 136 
GSH N1   N N N 137 
GSH CA1  C N S 138 
GSH C1   C N N 139 
GSH O11  O N N 140 
GSH O12  O N N 141 
GSH CB1  C N N 142 
GSH CG1  C N N 143 
GSH CD1  C N N 144 
GSH OE1  O N N 145 
GSH N2   N N N 146 
GSH CA2  C N R 147 
GSH C2   C N N 148 
GSH O2   O N N 149 
GSH CB2  C N N 150 
GSH SG2  S N N 151 
GSH N3   N N N 152 
GSH CA3  C N N 153 
GSH C3   C N N 154 
GSH O31  O N N 155 
GSH O32  O N N 156 
GSH HN11 H N N 157 
GSH HN12 H N N 158 
GSH HA1  H N N 159 
GSH H12  H N N 160 
GSH HB12 H N N 161 
GSH HB13 H N N 162 
GSH HG12 H N N 163 
GSH HG13 H N N 164 
GSH HN2  H N N 165 
GSH HA2  H N N 166 
GSH HB22 H N N 167 
GSH HB23 H N N 168 
GSH HSG  H N N 169 
GSH HN3  H N N 170 
GSH HA31 H N N 171 
GSH HA32 H N N 172 
GSH H32  H N N 173 
HIS N    N N N 174 
HIS CA   C N S 175 
HIS C    C N N 176 
HIS O    O N N 177 
HIS CB   C N N 178 
HIS CG   C Y N 179 
HIS ND1  N Y N 180 
HIS CD2  C Y N 181 
HIS CE1  C Y N 182 
HIS NE2  N Y N 183 
HIS OXT  O N N 184 
HIS H    H N N 185 
HIS H2   H N N 186 
HIS HA   H N N 187 
HIS HB2  H N N 188 
HIS HB3  H N N 189 
HIS HD1  H N N 190 
HIS HD2  H N N 191 
HIS HE1  H N N 192 
HIS HE2  H N N 193 
HIS HXT  H N N 194 
HOH O    O N N 195 
HOH H1   H N N 196 
HOH H2   H N N 197 
ILE N    N N N 198 
ILE CA   C N S 199 
ILE C    C N N 200 
ILE O    O N N 201 
ILE CB   C N S 202 
ILE CG1  C N N 203 
ILE CG2  C N N 204 
ILE CD1  C N N 205 
ILE OXT  O N N 206 
ILE H    H N N 207 
ILE H2   H N N 208 
ILE HA   H N N 209 
ILE HB   H N N 210 
ILE HG12 H N N 211 
ILE HG13 H N N 212 
ILE HG21 H N N 213 
ILE HG22 H N N 214 
ILE HG23 H N N 215 
ILE HD11 H N N 216 
ILE HD12 H N N 217 
ILE HD13 H N N 218 
ILE HXT  H N N 219 
LEU N    N N N 220 
LEU CA   C N S 221 
LEU C    C N N 222 
LEU O    O N N 223 
LEU CB   C N N 224 
LEU CG   C N N 225 
LEU CD1  C N N 226 
LEU CD2  C N N 227 
LEU OXT  O N N 228 
LEU H    H N N 229 
LEU H2   H N N 230 
LEU HA   H N N 231 
LEU HB2  H N N 232 
LEU HB3  H N N 233 
LEU HG   H N N 234 
LEU HD11 H N N 235 
LEU HD12 H N N 236 
LEU HD13 H N N 237 
LEU HD21 H N N 238 
LEU HD22 H N N 239 
LEU HD23 H N N 240 
LEU HXT  H N N 241 
LYS N    N N N 242 
LYS CA   C N S 243 
LYS C    C N N 244 
LYS O    O N N 245 
LYS CB   C N N 246 
LYS CG   C N N 247 
LYS CD   C N N 248 
LYS CE   C N N 249 
LYS NZ   N N N 250 
LYS OXT  O N N 251 
LYS H    H N N 252 
LYS H2   H N N 253 
LYS HA   H N N 254 
LYS HB2  H N N 255 
LYS HB3  H N N 256 
LYS HG2  H N N 257 
LYS HG3  H N N 258 
LYS HD2  H N N 259 
LYS HD3  H N N 260 
LYS HE2  H N N 261 
LYS HE3  H N N 262 
LYS HZ1  H N N 263 
LYS HZ2  H N N 264 
LYS HZ3  H N N 265 
LYS HXT  H N N 266 
MET N    N N N 267 
MET CA   C N S 268 
MET C    C N N 269 
MET O    O N N 270 
MET CB   C N N 271 
MET CG   C N N 272 
MET SD   S N N 273 
MET CE   C N N 274 
MET OXT  O N N 275 
MET H    H N N 276 
MET H2   H N N 277 
MET HA   H N N 278 
MET HB2  H N N 279 
MET HB3  H N N 280 
MET HG2  H N N 281 
MET HG3  H N N 282 
MET HE1  H N N 283 
MET HE2  H N N 284 
MET HE3  H N N 285 
MET HXT  H N N 286 
PG4 O1   O N N 287 
PG4 C1   C N N 288 
PG4 C2   C N N 289 
PG4 O2   O N N 290 
PG4 C3   C N N 291 
PG4 C4   C N N 292 
PG4 O3   O N N 293 
PG4 C5   C N N 294 
PG4 C6   C N N 295 
PG4 O4   O N N 296 
PG4 C7   C N N 297 
PG4 C8   C N N 298 
PG4 O5   O N N 299 
PG4 HO1  H N N 300 
PG4 H11  H N N 301 
PG4 H12  H N N 302 
PG4 H21  H N N 303 
PG4 H22  H N N 304 
PG4 H31  H N N 305 
PG4 H32  H N N 306 
PG4 H41  H N N 307 
PG4 H42  H N N 308 
PG4 H51  H N N 309 
PG4 H52  H N N 310 
PG4 H61  H N N 311 
PG4 H62  H N N 312 
PG4 H71  H N N 313 
PG4 H72  H N N 314 
PG4 H81  H N N 315 
PG4 H82  H N N 316 
PG4 HO5  H N N 317 
PHE N    N N N 318 
PHE CA   C N S 319 
PHE C    C N N 320 
PHE O    O N N 321 
PHE CB   C N N 322 
PHE CG   C Y N 323 
PHE CD1  C Y N 324 
PHE CD2  C Y N 325 
PHE CE1  C Y N 326 
PHE CE2  C Y N 327 
PHE CZ   C Y N 328 
PHE OXT  O N N 329 
PHE H    H N N 330 
PHE H2   H N N 331 
PHE HA   H N N 332 
PHE HB2  H N N 333 
PHE HB3  H N N 334 
PHE HD1  H N N 335 
PHE HD2  H N N 336 
PHE HE1  H N N 337 
PHE HE2  H N N 338 
PHE HZ   H N N 339 
PHE HXT  H N N 340 
PRO N    N N N 341 
PRO CA   C N S 342 
PRO C    C N N 343 
PRO O    O N N 344 
PRO CB   C N N 345 
PRO CG   C N N 346 
PRO CD   C N N 347 
PRO OXT  O N N 348 
PRO H    H N N 349 
PRO HA   H N N 350 
PRO HB2  H N N 351 
PRO HB3  H N N 352 
PRO HG2  H N N 353 
PRO HG3  H N N 354 
PRO HD2  H N N 355 
PRO HD3  H N N 356 
PRO HXT  H N N 357 
SER N    N N N 358 
SER CA   C N S 359 
SER C    C N N 360 
SER O    O N N 361 
SER CB   C N N 362 
SER OG   O N N 363 
SER OXT  O N N 364 
SER H    H N N 365 
SER H2   H N N 366 
SER HA   H N N 367 
SER HB2  H N N 368 
SER HB3  H N N 369 
SER HG   H N N 370 
SER HXT  H N N 371 
THR N    N N N 372 
THR CA   C N S 373 
THR C    C N N 374 
THR O    O N N 375 
THR CB   C N R 376 
THR OG1  O N N 377 
THR CG2  C N N 378 
THR OXT  O N N 379 
THR H    H N N 380 
THR H2   H N N 381 
THR HA   H N N 382 
THR HB   H N N 383 
THR HG1  H N N 384 
THR HG21 H N N 385 
THR HG22 H N N 386 
THR HG23 H N N 387 
THR HXT  H N N 388 
TRP N    N N N 389 
TRP CA   C N S 390 
TRP C    C N N 391 
TRP O    O N N 392 
TRP CB   C N N 393 
TRP CG   C Y N 394 
TRP CD1  C Y N 395 
TRP CD2  C Y N 396 
TRP NE1  N Y N 397 
TRP CE2  C Y N 398 
TRP CE3  C Y N 399 
TRP CZ2  C Y N 400 
TRP CZ3  C Y N 401 
TRP CH2  C Y N 402 
TRP OXT  O N N 403 
TRP H    H N N 404 
TRP H2   H N N 405 
TRP HA   H N N 406 
TRP HB2  H N N 407 
TRP HB3  H N N 408 
TRP HD1  H N N 409 
TRP HE1  H N N 410 
TRP HE3  H N N 411 
TRP HZ2  H N N 412 
TRP HZ3  H N N 413 
TRP HH2  H N N 414 
TRP HXT  H N N 415 
TYR N    N N N 416 
TYR CA   C N S 417 
TYR C    C N N 418 
TYR O    O N N 419 
TYR CB   C N N 420 
TYR CG   C Y N 421 
TYR CD1  C Y N 422 
TYR CD2  C Y N 423 
TYR CE1  C Y N 424 
TYR CE2  C Y N 425 
TYR CZ   C Y N 426 
TYR OH   O N N 427 
TYR OXT  O N N 428 
TYR H    H N N 429 
TYR H2   H N N 430 
TYR HA   H N N 431 
TYR HB2  H N N 432 
TYR HB3  H N N 433 
TYR HD1  H N N 434 
TYR HD2  H N N 435 
TYR HE1  H N N 436 
TYR HE2  H N N 437 
TYR HH   H N N 438 
TYR HXT  H N N 439 
VAL N    N N N 440 
VAL CA   C N S 441 
VAL C    C N N 442 
VAL O    O N N 443 
VAL CB   C N N 444 
VAL CG1  C N N 445 
VAL CG2  C N N 446 
VAL OXT  O N N 447 
VAL H    H N N 448 
VAL H2   H N N 449 
VAL HA   H N N 450 
VAL HB   H N N 451 
VAL HG11 H N N 452 
VAL HG12 H N N 453 
VAL HG13 H N N 454 
VAL HG21 H N N 455 
VAL HG22 H N N 456 
VAL HG23 H N N 457 
VAL HXT  H N N 458 
# 
loop_
_chem_comp_bond.comp_id 
_chem_comp_bond.atom_id_1 
_chem_comp_bond.atom_id_2 
_chem_comp_bond.value_order 
_chem_comp_bond.pdbx_aromatic_flag 
_chem_comp_bond.pdbx_stereo_config 
_chem_comp_bond.pdbx_ordinal 
ALA N   CA   sing N N 1   
ALA N   H    sing N N 2   
ALA N   H2   sing N N 3   
ALA CA  C    sing N N 4   
ALA CA  CB   sing N N 5   
ALA CA  HA   sing N N 6   
ALA C   O    doub N N 7   
ALA C   OXT  sing N N 8   
ALA CB  HB1  sing N N 9   
ALA CB  HB2  sing N N 10  
ALA CB  HB3  sing N N 11  
ALA OXT HXT  sing N N 12  
ARG N   CA   sing N N 13  
ARG N   H    sing N N 14  
ARG N   H2   sing N N 15  
ARG CA  C    sing N N 16  
ARG CA  CB   sing N N 17  
ARG CA  HA   sing N N 18  
ARG C   O    doub N N 19  
ARG C   OXT  sing N N 20  
ARG CB  CG   sing N N 21  
ARG CB  HB2  sing N N 22  
ARG CB  HB3  sing N N 23  
ARG CG  CD   sing N N 24  
ARG CG  HG2  sing N N 25  
ARG CG  HG3  sing N N 26  
ARG CD  NE   sing N N 27  
ARG CD  HD2  sing N N 28  
ARG CD  HD3  sing N N 29  
ARG NE  CZ   sing N N 30  
ARG NE  HE   sing N N 31  
ARG CZ  NH1  sing N N 32  
ARG CZ  NH2  doub N N 33  
ARG NH1 HH11 sing N N 34  
ARG NH1 HH12 sing N N 35  
ARG NH2 HH21 sing N N 36  
ARG NH2 HH22 sing N N 37  
ARG OXT HXT  sing N N 38  
ASN N   CA   sing N N 39  
ASN N   H    sing N N 40  
ASN N   H2   sing N N 41  
ASN CA  C    sing N N 42  
ASN CA  CB   sing N N 43  
ASN CA  HA   sing N N 44  
ASN C   O    doub N N 45  
ASN C   OXT  sing N N 46  
ASN CB  CG   sing N N 47  
ASN CB  HB2  sing N N 48  
ASN CB  HB3  sing N N 49  
ASN CG  OD1  doub N N 50  
ASN CG  ND2  sing N N 51  
ASN ND2 HD21 sing N N 52  
ASN ND2 HD22 sing N N 53  
ASN OXT HXT  sing N N 54  
ASP N   CA   sing N N 55  
ASP N   H    sing N N 56  
ASP N   H2   sing N N 57  
ASP CA  C    sing N N 58  
ASP CA  CB   sing N N 59  
ASP CA  HA   sing N N 60  
ASP C   O    doub N N 61  
ASP C   OXT  sing N N 62  
ASP CB  CG   sing N N 63  
ASP CB  HB2  sing N N 64  
ASP CB  HB3  sing N N 65  
ASP CG  OD1  doub N N 66  
ASP CG  OD2  sing N N 67  
ASP OD2 HD2  sing N N 68  
ASP OXT HXT  sing N N 69  
CYS N   CA   sing N N 70  
CYS N   H    sing N N 71  
CYS N   H2   sing N N 72  
CYS CA  C    sing N N 73  
CYS CA  CB   sing N N 74  
CYS CA  HA   sing N N 75  
CYS C   O    doub N N 76  
CYS C   OXT  sing N N 77  
CYS CB  SG   sing N N 78  
CYS CB  HB2  sing N N 79  
CYS CB  HB3  sing N N 80  
CYS SG  HG   sing N N 81  
CYS OXT HXT  sing N N 82  
GLN N   CA   sing N N 83  
GLN N   H    sing N N 84  
GLN N   H2   sing N N 85  
GLN CA  C    sing N N 86  
GLN CA  CB   sing N N 87  
GLN CA  HA   sing N N 88  
GLN C   O    doub N N 89  
GLN C   OXT  sing N N 90  
GLN CB  CG   sing N N 91  
GLN CB  HB2  sing N N 92  
GLN CB  HB3  sing N N 93  
GLN CG  CD   sing N N 94  
GLN CG  HG2  sing N N 95  
GLN CG  HG3  sing N N 96  
GLN CD  OE1  doub N N 97  
GLN CD  NE2  sing N N 98  
GLN NE2 HE21 sing N N 99  
GLN NE2 HE22 sing N N 100 
GLN OXT HXT  sing N N 101 
GLU N   CA   sing N N 102 
GLU N   H    sing N N 103 
GLU N   H2   sing N N 104 
GLU CA  C    sing N N 105 
GLU CA  CB   sing N N 106 
GLU CA  HA   sing N N 107 
GLU C   O    doub N N 108 
GLU C   OXT  sing N N 109 
GLU CB  CG   sing N N 110 
GLU CB  HB2  sing N N 111 
GLU CB  HB3  sing N N 112 
GLU CG  CD   sing N N 113 
GLU CG  HG2  sing N N 114 
GLU CG  HG3  sing N N 115 
GLU CD  OE1  doub N N 116 
GLU CD  OE2  sing N N 117 
GLU OE2 HE2  sing N N 118 
GLU OXT HXT  sing N N 119 
GLY N   CA   sing N N 120 
GLY N   H    sing N N 121 
GLY N   H2   sing N N 122 
GLY CA  C    sing N N 123 
GLY CA  HA2  sing N N 124 
GLY CA  HA3  sing N N 125 
GLY C   O    doub N N 126 
GLY C   OXT  sing N N 127 
GLY OXT HXT  sing N N 128 
GSH N1  CA1  sing N N 129 
GSH N1  HN11 sing N N 130 
GSH N1  HN12 sing N N 131 
GSH CA1 C1   sing N N 132 
GSH CA1 CB1  sing N N 133 
GSH CA1 HA1  sing N N 134 
GSH C1  O11  doub N N 135 
GSH C1  O12  sing N N 136 
GSH O12 H12  sing N N 137 
GSH CB1 CG1  sing N N 138 
GSH CB1 HB12 sing N N 139 
GSH CB1 HB13 sing N N 140 
GSH CG1 CD1  sing N N 141 
GSH CG1 HG12 sing N N 142 
GSH CG1 HG13 sing N N 143 
GSH CD1 OE1  doub N N 144 
GSH CD1 N2   sing N N 145 
GSH N2  CA2  sing N N 146 
GSH N2  HN2  sing N N 147 
GSH CA2 C2   sing N N 148 
GSH CA2 CB2  sing N N 149 
GSH CA2 HA2  sing N N 150 
GSH C2  O2   doub N N 151 
GSH C2  N3   sing N N 152 
GSH CB2 SG2  sing N N 153 
GSH CB2 HB22 sing N N 154 
GSH CB2 HB23 sing N N 155 
GSH SG2 HSG  sing N N 156 
GSH N3  CA3  sing N N 157 
GSH N3  HN3  sing N N 158 
GSH CA3 C3   sing N N 159 
GSH CA3 HA31 sing N N 160 
GSH CA3 HA32 sing N N 161 
GSH C3  O31  doub N N 162 
GSH C3  O32  sing N N 163 
GSH O32 H32  sing N N 164 
HIS N   CA   sing N N 165 
HIS N   H    sing N N 166 
HIS N   H2   sing N N 167 
HIS CA  C    sing N N 168 
HIS CA  CB   sing N N 169 
HIS CA  HA   sing N N 170 
HIS C   O    doub N N 171 
HIS C   OXT  sing N N 172 
HIS CB  CG   sing N N 173 
HIS CB  HB2  sing N N 174 
HIS CB  HB3  sing N N 175 
HIS CG  ND1  sing Y N 176 
HIS CG  CD2  doub Y N 177 
HIS ND1 CE1  doub Y N 178 
HIS ND1 HD1  sing N N 179 
HIS CD2 NE2  sing Y N 180 
HIS CD2 HD2  sing N N 181 
HIS CE1 NE2  sing Y N 182 
HIS CE1 HE1  sing N N 183 
HIS NE2 HE2  sing N N 184 
HIS OXT HXT  sing N N 185 
HOH O   H1   sing N N 186 
HOH O   H2   sing N N 187 
ILE N   CA   sing N N 188 
ILE N   H    sing N N 189 
ILE N   H2   sing N N 190 
ILE CA  C    sing N N 191 
ILE CA  CB   sing N N 192 
ILE CA  HA   sing N N 193 
ILE C   O    doub N N 194 
ILE C   OXT  sing N N 195 
ILE CB  CG1  sing N N 196 
ILE CB  CG2  sing N N 197 
ILE CB  HB   sing N N 198 
ILE CG1 CD1  sing N N 199 
ILE CG1 HG12 sing N N 200 
ILE CG1 HG13 sing N N 201 
ILE CG2 HG21 sing N N 202 
ILE CG2 HG22 sing N N 203 
ILE CG2 HG23 sing N N 204 
ILE CD1 HD11 sing N N 205 
ILE CD1 HD12 sing N N 206 
ILE CD1 HD13 sing N N 207 
ILE OXT HXT  sing N N 208 
LEU N   CA   sing N N 209 
LEU N   H    sing N N 210 
LEU N   H2   sing N N 211 
LEU CA  C    sing N N 212 
LEU CA  CB   sing N N 213 
LEU CA  HA   sing N N 214 
LEU C   O    doub N N 215 
LEU C   OXT  sing N N 216 
LEU CB  CG   sing N N 217 
LEU CB  HB2  sing N N 218 
LEU CB  HB3  sing N N 219 
LEU CG  CD1  sing N N 220 
LEU CG  CD2  sing N N 221 
LEU CG  HG   sing N N 222 
LEU CD1 HD11 sing N N 223 
LEU CD1 HD12 sing N N 224 
LEU CD1 HD13 sing N N 225 
LEU CD2 HD21 sing N N 226 
LEU CD2 HD22 sing N N 227 
LEU CD2 HD23 sing N N 228 
LEU OXT HXT  sing N N 229 
LYS N   CA   sing N N 230 
LYS N   H    sing N N 231 
LYS N   H2   sing N N 232 
LYS CA  C    sing N N 233 
LYS CA  CB   sing N N 234 
LYS CA  HA   sing N N 235 
LYS C   O    doub N N 236 
LYS C   OXT  sing N N 237 
LYS CB  CG   sing N N 238 
LYS CB  HB2  sing N N 239 
LYS CB  HB3  sing N N 240 
LYS CG  CD   sing N N 241 
LYS CG  HG2  sing N N 242 
LYS CG  HG3  sing N N 243 
LYS CD  CE   sing N N 244 
LYS CD  HD2  sing N N 245 
LYS CD  HD3  sing N N 246 
LYS CE  NZ   sing N N 247 
LYS CE  HE2  sing N N 248 
LYS CE  HE3  sing N N 249 
LYS NZ  HZ1  sing N N 250 
LYS NZ  HZ2  sing N N 251 
LYS NZ  HZ3  sing N N 252 
LYS OXT HXT  sing N N 253 
MET N   CA   sing N N 254 
MET N   H    sing N N 255 
MET N   H2   sing N N 256 
MET CA  C    sing N N 257 
MET CA  CB   sing N N 258 
MET CA  HA   sing N N 259 
MET C   O    doub N N 260 
MET C   OXT  sing N N 261 
MET CB  CG   sing N N 262 
MET CB  HB2  sing N N 263 
MET CB  HB3  sing N N 264 
MET CG  SD   sing N N 265 
MET CG  HG2  sing N N 266 
MET CG  HG3  sing N N 267 
MET SD  CE   sing N N 268 
MET CE  HE1  sing N N 269 
MET CE  HE2  sing N N 270 
MET CE  HE3  sing N N 271 
MET OXT HXT  sing N N 272 
PG4 O1  C1   sing N N 273 
PG4 O1  HO1  sing N N 274 
PG4 C1  C2   sing N N 275 
PG4 C1  H11  sing N N 276 
PG4 C1  H12  sing N N 277 
PG4 C2  O2   sing N N 278 
PG4 C2  H21  sing N N 279 
PG4 C2  H22  sing N N 280 
PG4 O2  C3   sing N N 281 
PG4 C3  C4   sing N N 282 
PG4 C3  H31  sing N N 283 
PG4 C3  H32  sing N N 284 
PG4 C4  O3   sing N N 285 
PG4 C4  H41  sing N N 286 
PG4 C4  H42  sing N N 287 
PG4 O3  C5   sing N N 288 
PG4 C5  C6   sing N N 289 
PG4 C5  H51  sing N N 290 
PG4 C5  H52  sing N N 291 
PG4 C6  O4   sing N N 292 
PG4 C6  H61  sing N N 293 
PG4 C6  H62  sing N N 294 
PG4 O4  C7   sing N N 295 
PG4 C7  C8   sing N N 296 
PG4 C7  H71  sing N N 297 
PG4 C7  H72  sing N N 298 
PG4 C8  O5   sing N N 299 
PG4 C8  H81  sing N N 300 
PG4 C8  H82  sing N N 301 
PG4 O5  HO5  sing N N 302 
PHE N   CA   sing N N 303 
PHE N   H    sing N N 304 
PHE N   H2   sing N N 305 
PHE CA  C    sing N N 306 
PHE CA  CB   sing N N 307 
PHE CA  HA   sing N N 308 
PHE C   O    doub N N 309 
PHE C   OXT  sing N N 310 
PHE CB  CG   sing N N 311 
PHE CB  HB2  sing N N 312 
PHE CB  HB3  sing N N 313 
PHE CG  CD1  doub Y N 314 
PHE CG  CD2  sing Y N 315 
PHE CD1 CE1  sing Y N 316 
PHE CD1 HD1  sing N N 317 
PHE CD2 CE2  doub Y N 318 
PHE CD2 HD2  sing N N 319 
PHE CE1 CZ   doub Y N 320 
PHE CE1 HE1  sing N N 321 
PHE CE2 CZ   sing Y N 322 
PHE CE2 HE2  sing N N 323 
PHE CZ  HZ   sing N N 324 
PHE OXT HXT  sing N N 325 
PRO N   CA   sing N N 326 
PRO N   CD   sing N N 327 
PRO N   H    sing N N 328 
PRO CA  C    sing N N 329 
PRO CA  CB   sing N N 330 
PRO CA  HA   sing N N 331 
PRO C   O    doub N N 332 
PRO C   OXT  sing N N 333 
PRO CB  CG   sing N N 334 
PRO CB  HB2  sing N N 335 
PRO CB  HB3  sing N N 336 
PRO CG  CD   sing N N 337 
PRO CG  HG2  sing N N 338 
PRO CG  HG3  sing N N 339 
PRO CD  HD2  sing N N 340 
PRO CD  HD3  sing N N 341 
PRO OXT HXT  sing N N 342 
SER N   CA   sing N N 343 
SER N   H    sing N N 344 
SER N   H2   sing N N 345 
SER CA  C    sing N N 346 
SER CA  CB   sing N N 347 
SER CA  HA   sing N N 348 
SER C   O    doub N N 349 
SER C   OXT  sing N N 350 
SER CB  OG   sing N N 351 
SER CB  HB2  sing N N 352 
SER CB  HB3  sing N N 353 
SER OG  HG   sing N N 354 
SER OXT HXT  sing N N 355 
THR N   CA   sing N N 356 
THR N   H    sing N N 357 
THR N   H2   sing N N 358 
THR CA  C    sing N N 359 
THR CA  CB   sing N N 360 
THR CA  HA   sing N N 361 
THR C   O    doub N N 362 
THR C   OXT  sing N N 363 
THR CB  OG1  sing N N 364 
THR CB  CG2  sing N N 365 
THR CB  HB   sing N N 366 
THR OG1 HG1  sing N N 367 
THR CG2 HG21 sing N N 368 
THR CG2 HG22 sing N N 369 
THR CG2 HG23 sing N N 370 
THR OXT HXT  sing N N 371 
TRP N   CA   sing N N 372 
TRP N   H    sing N N 373 
TRP N   H2   sing N N 374 
TRP CA  C    sing N N 375 
TRP CA  CB   sing N N 376 
TRP CA  HA   sing N N 377 
TRP C   O    doub N N 378 
TRP C   OXT  sing N N 379 
TRP CB  CG   sing N N 380 
TRP CB  HB2  sing N N 381 
TRP CB  HB3  sing N N 382 
TRP CG  CD1  doub Y N 383 
TRP CG  CD2  sing Y N 384 
TRP CD1 NE1  sing Y N 385 
TRP CD1 HD1  sing N N 386 
TRP CD2 CE2  doub Y N 387 
TRP CD2 CE3  sing Y N 388 
TRP NE1 CE2  sing Y N 389 
TRP NE1 HE1  sing N N 390 
TRP CE2 CZ2  sing Y N 391 
TRP CE3 CZ3  doub Y N 392 
TRP CE3 HE3  sing N N 393 
TRP CZ2 CH2  doub Y N 394 
TRP CZ2 HZ2  sing N N 395 
TRP CZ3 CH2  sing Y N 396 
TRP CZ3 HZ3  sing N N 397 
TRP CH2 HH2  sing N N 398 
TRP OXT HXT  sing N N 399 
TYR N   CA   sing N N 400 
TYR N   H    sing N N 401 
TYR N   H2   sing N N 402 
TYR CA  C    sing N N 403 
TYR CA  CB   sing N N 404 
TYR CA  HA   sing N N 405 
TYR C   O    doub N N 406 
TYR C   OXT  sing N N 407 
TYR CB  CG   sing N N 408 
TYR CB  HB2  sing N N 409 
TYR CB  HB3  sing N N 410 
TYR CG  CD1  doub Y N 411 
TYR CG  CD2  sing Y N 412 
TYR CD1 CE1  sing Y N 413 
TYR CD1 HD1  sing N N 414 
TYR CD2 CE2  doub Y N 415 
TYR CD2 HD2  sing N N 416 
TYR CE1 CZ   doub Y N 417 
TYR CE1 HE1  sing N N 418 
TYR CE2 CZ   sing Y N 419 
TYR CE2 HE2  sing N N 420 
TYR CZ  OH   sing N N 421 
TYR OH  HH   sing N N 422 
TYR OXT HXT  sing N N 423 
VAL N   CA   sing N N 424 
VAL N   H    sing N N 425 
VAL N   H2   sing N N 426 
VAL CA  C    sing N N 427 
VAL CA  CB   sing N N 428 
VAL CA  HA   sing N N 429 
VAL C   O    doub N N 430 
VAL C   OXT  sing N N 431 
VAL CB  CG1  sing N N 432 
VAL CB  CG2  sing N N 433 
VAL CB  HB   sing N N 434 
VAL CG1 HG11 sing N N 435 
VAL CG1 HG12 sing N N 436 
VAL CG1 HG13 sing N N 437 
VAL CG2 HG21 sing N N 438 
VAL CG2 HG22 sing N N 439 
VAL CG2 HG23 sing N N 440 
VAL OXT HXT  sing N N 441 
# 
loop_
_pdbx_entity_nonpoly.entity_id 
_pdbx_entity_nonpoly.name 
_pdbx_entity_nonpoly.comp_id 
2 GLUTATHIONE            GSH 
3 'TETRAETHYLENE GLYCOL' PG4 
4 water                  HOH 
# 
_pdbx_initial_refinement_model.id               1 
_pdbx_initial_refinement_model.entity_id_list   ? 
_pdbx_initial_refinement_model.type             'experimental model' 
_pdbx_initial_refinement_model.source_name      PDB 
_pdbx_initial_refinement_model.accession_code   1OE7 
_pdbx_initial_refinement_model.details          'PDB ENTRY 1OE7' 
# 
